data_9L0E
#
_entry.id   9L0E
#
_cell.length_a   1.00
_cell.length_b   1.00
_cell.length_c   1.00
_cell.angle_alpha   90.00
_cell.angle_beta   90.00
_cell.angle_gamma   90.00
#
_symmetry.space_group_name_H-M   'P 1'
#
loop_
_entity.id
_entity.type
_entity.pdbx_description
1 polymer 'Tail protein'
2 polymer 'stopper protein'
#
loop_
_entity_poly.entity_id
_entity_poly.type
_entity_poly.pdbx_seq_one_letter_code
_entity_poly.pdbx_strand_id
1 'polypeptide(L)'
;MHYELSAAARAAFLSKYRDFPHYMENRNFTPPKDGGMWLRFNYIEGDTLYLSIDRKCKSYIAIVQIGVVFPPGSGVDEAR
LKAKEIADFFKDGKMLNVGYIFEGAIVHQIVKHESGWMIPVRFTVRVDTKET
;
N,Q,T,V,Y,b
2 'polypeptide(L)'
;MNYSQIERMARKGVAFFTDPSRPMNLIKQGEYGYDENGFEIPPMEQVIPISGATRRPNAREIDGETIRASDILGIFNNDH
EINEGDYIEIDGIRHVVVDARPVQASLEPVAYRPVLRRVSVGG
;
A,B,C,D,E,G
#
# COMPACT_ATOMS: atom_id res chain seq x y z
N MET A 1 -21.53 31.32 12.24
CA MET A 1 -22.89 31.29 11.71
C MET A 1 -23.26 29.91 11.19
N HIS A 2 -22.28 29.03 11.08
CA HIS A 2 -22.53 27.70 10.55
C HIS A 2 -23.56 26.97 11.41
N TYR A 3 -23.54 27.21 12.70
CA TYR A 3 -24.52 26.58 13.58
C TYR A 3 -25.92 26.90 13.12
N GLU A 4 -26.22 28.18 12.95
CA GLU A 4 -27.55 28.59 12.55
C GLU A 4 -27.89 28.10 11.15
N LEU A 5 -26.94 28.23 10.23
CA LEU A 5 -27.18 27.81 8.85
C LEU A 5 -27.51 26.33 8.82
N SER A 6 -26.79 25.53 9.59
CA SER A 6 -27.02 24.11 9.61
C SER A 6 -28.44 23.82 10.07
N ALA A 7 -28.88 24.51 11.10
CA ALA A 7 -30.22 24.30 11.63
C ALA A 7 -31.26 24.58 10.57
N ALA A 8 -31.10 25.66 9.83
CA ALA A 8 -32.06 26.02 8.80
C ALA A 8 -32.18 24.92 7.77
N ALA A 9 -31.05 24.42 7.29
CA ALA A 9 -31.06 23.37 6.28
C ALA A 9 -31.74 22.12 6.83
N ARG A 10 -31.43 21.78 8.07
CA ARG A 10 -32.04 20.60 8.68
C ARG A 10 -33.54 20.76 8.75
N ALA A 11 -34.00 21.96 9.06
CA ALA A 11 -35.43 22.21 9.15
C ALA A 11 -36.12 21.92 7.83
N ALA A 12 -35.55 22.42 6.74
CA ALA A 12 -36.17 22.22 5.44
C ALA A 12 -36.27 20.74 5.08
N PHE A 13 -35.18 20.00 5.28
CA PHE A 13 -35.19 18.59 4.96
C PHE A 13 -36.26 17.89 5.77
N LEU A 14 -36.33 18.22 7.06
CA LEU A 14 -37.32 17.60 7.93
C LEU A 14 -38.73 18.00 7.53
N SER A 15 -38.93 19.23 7.10
CA SER A 15 -40.28 19.69 6.77
C SER A 15 -40.91 18.82 5.70
N LYS A 16 -40.13 18.43 4.69
CA LYS A 16 -40.69 17.64 3.60
C LYS A 16 -40.52 16.14 3.77
N TYR A 17 -39.34 15.70 4.19
CA TYR A 17 -39.08 14.27 4.28
C TYR A 17 -39.12 13.73 5.70
N ARG A 18 -39.74 14.47 6.62
CA ARG A 18 -39.81 14.03 8.01
C ARG A 18 -40.21 12.57 8.08
N ASP A 19 -41.21 12.18 7.30
CA ASP A 19 -41.66 10.79 7.34
C ASP A 19 -40.90 9.92 6.36
N PHE A 20 -39.57 9.95 6.42
CA PHE A 20 -38.77 9.12 5.53
C PHE A 20 -37.55 8.58 6.28
N PRO A 21 -37.27 7.29 6.11
CA PRO A 21 -36.07 6.72 6.75
C PRO A 21 -34.85 7.56 6.40
N HIS A 22 -34.13 8.02 7.41
CA HIS A 22 -32.98 8.88 7.16
C HIS A 22 -31.93 8.79 8.27
N TYR A 23 -30.76 9.35 8.01
CA TYR A 23 -29.69 9.31 9.01
C TYR A 23 -29.27 10.71 9.43
N MET A 24 -29.67 11.12 10.63
CA MET A 24 -29.22 12.42 11.13
C MET A 24 -27.84 12.27 11.76
N GLU A 25 -27.05 13.34 11.67
CA GLU A 25 -25.63 13.26 12.02
C GLU A 25 -25.44 12.92 13.48
N ASN A 26 -24.48 12.02 13.73
CA ASN A 26 -24.02 11.67 15.07
C ASN A 26 -25.09 11.02 15.95
N ARG A 27 -26.15 10.53 15.34
CA ARG A 27 -27.18 9.79 16.06
C ARG A 27 -27.28 8.37 15.52
N ASN A 28 -27.43 7.41 16.42
CA ASN A 28 -27.42 5.99 16.07
C ASN A 28 -28.61 5.67 15.18
N PHE A 29 -28.32 5.28 13.93
CA PHE A 29 -29.34 4.92 12.96
C PHE A 29 -29.19 3.45 12.57
N THR A 30 -30.34 2.79 12.41
CA THR A 30 -30.38 1.40 11.96
C THR A 30 -31.07 1.34 10.60
N PRO A 31 -30.42 0.78 9.58
CA PRO A 31 -31.05 0.69 8.25
C PRO A 31 -32.32 -0.11 8.30
N PRO A 32 -33.26 0.14 7.39
CA PRO A 32 -34.54 -0.58 7.42
C PRO A 32 -34.35 -2.08 7.36
N LYS A 33 -35.19 -2.80 8.11
CA LYS A 33 -35.06 -4.24 8.27
C LYS A 33 -35.32 -4.97 6.96
N ASP A 34 -36.44 -4.66 6.31
CA ASP A 34 -36.81 -5.35 5.07
C ASP A 34 -35.84 -5.01 3.95
N GLY A 35 -35.15 -3.88 4.07
CA GLY A 35 -34.24 -3.44 3.03
C GLY A 35 -34.93 -2.48 2.09
N GLY A 36 -34.58 -1.20 2.18
CA GLY A 36 -35.29 -0.21 1.39
C GLY A 36 -34.44 1.02 1.16
N MET A 37 -35.10 2.08 0.73
CA MET A 37 -34.45 3.32 0.34
C MET A 37 -34.53 4.30 1.52
N TRP A 38 -33.37 4.62 2.10
CA TRP A 38 -33.30 5.64 3.13
C TRP A 38 -32.50 6.83 2.59
N LEU A 39 -32.46 7.92 3.35
CA LEU A 39 -31.78 9.14 2.92
C LEU A 39 -30.72 9.51 3.94
N ARG A 40 -29.52 9.82 3.46
CA ARG A 40 -28.42 10.21 4.33
C ARG A 40 -28.21 11.71 4.20
N PHE A 41 -28.20 12.41 5.34
CA PHE A 41 -28.06 13.86 5.38
C PHE A 41 -26.69 14.22 5.95
N ASN A 42 -25.91 14.98 5.19
CA ASN A 42 -24.58 15.40 5.59
C ASN A 42 -24.41 16.88 5.31
N TYR A 43 -23.74 17.58 6.22
CA TYR A 43 -23.51 19.02 6.12
C TYR A 43 -22.01 19.26 6.13
N ILE A 44 -21.49 19.78 5.03
CA ILE A 44 -20.06 20.02 4.86
C ILE A 44 -19.81 21.53 4.85
N GLU A 45 -18.90 21.98 5.70
CA GLU A 45 -18.61 23.40 5.82
C GLU A 45 -17.62 23.83 4.73
N GLY A 46 -17.40 25.12 4.62
CA GLY A 46 -16.53 25.67 3.60
C GLY A 46 -15.64 26.80 4.09
N ASP A 47 -15.59 27.89 3.34
CA ASP A 47 -14.73 29.02 3.65
C ASP A 47 -15.57 30.23 4.03
N THR A 48 -14.92 31.19 4.71
CA THR A 48 -15.54 32.45 5.11
C THR A 48 -14.74 33.58 4.46
N LEU A 49 -15.35 34.26 3.50
CA LEU A 49 -14.67 35.33 2.78
C LEU A 49 -14.67 36.61 3.60
N TYR A 50 -13.66 37.44 3.38
CA TYR A 50 -13.54 38.76 3.99
C TYR A 50 -13.72 39.78 2.87
N LEU A 51 -14.97 40.13 2.57
CA LEU A 51 -15.28 40.99 1.42
C LEU A 51 -15.38 42.44 1.89
N SER A 52 -14.27 42.95 2.44
CA SER A 52 -14.20 44.33 2.88
C SER A 52 -12.78 44.71 3.29
N ILE A 53 -12.55 45.99 3.53
CA ILE A 53 -11.30 46.46 4.12
C ILE A 53 -11.45 46.80 5.60
N ASP A 54 -12.67 47.04 6.07
CA ASP A 54 -12.95 47.26 7.49
C ASP A 54 -12.89 45.96 8.28
N ARG A 55 -12.77 44.81 7.61
CA ARG A 55 -12.74 43.49 8.24
C ARG A 55 -14.01 43.21 9.04
N LYS A 56 -15.13 43.78 8.63
CA LYS A 56 -16.41 43.61 9.31
C LYS A 56 -17.52 43.33 8.32
N CYS A 57 -17.21 42.58 7.27
CA CYS A 57 -18.21 42.17 6.29
C CYS A 57 -17.81 40.78 5.79
N LYS A 58 -18.43 39.75 6.35
CA LYS A 58 -18.04 38.38 6.09
C LYS A 58 -19.24 37.58 5.59
N SER A 59 -18.96 36.57 4.77
CA SER A 59 -19.97 35.67 4.25
C SER A 59 -19.51 34.24 4.42
N TYR A 60 -20.45 33.34 4.70
CA TYR A 60 -20.15 31.94 4.94
C TYR A 60 -20.82 31.05 3.89
N ILE A 61 -20.06 30.04 3.45
CA ILE A 61 -20.57 29.06 2.49
C ILE A 61 -20.44 27.66 3.07
N ALA A 62 -21.47 26.85 2.88
CA ALA A 62 -21.47 25.45 3.30
C ALA A 62 -22.09 24.59 2.21
N ILE A 63 -21.73 23.31 2.19
CA ILE A 63 -22.22 22.37 1.20
C ILE A 63 -23.07 21.32 1.91
N VAL A 64 -24.31 21.15 1.46
CA VAL A 64 -25.25 20.19 2.03
C VAL A 64 -25.41 19.05 1.04
N GLN A 65 -25.28 17.80 1.53
CA GLN A 65 -25.33 16.61 0.69
C GLN A 65 -26.43 15.69 1.20
N ILE A 66 -27.34 15.32 0.31
CA ILE A 66 -28.37 14.32 0.61
C ILE A 66 -28.16 13.12 -0.32
N GLY A 67 -27.96 11.95 0.26
CA GLY A 67 -27.65 10.77 -0.52
C GLY A 67 -28.72 9.70 -0.46
N VAL A 68 -29.23 9.30 -1.63
CA VAL A 68 -30.26 8.27 -1.72
C VAL A 68 -29.58 6.90 -1.76
N VAL A 69 -29.88 6.05 -0.79
CA VAL A 69 -29.29 4.71 -0.72
C VAL A 69 -30.38 3.69 -1.00
N PHE A 70 -30.11 2.78 -1.93
CA PHE A 70 -31.06 1.77 -2.35
C PHE A 70 -30.37 0.42 -2.47
N PRO A 71 -31.08 -0.68 -2.26
CA PRO A 71 -30.43 -2.00 -2.19
C PRO A 71 -29.99 -2.47 -3.56
N PRO A 72 -29.01 -3.37 -3.63
CA PRO A 72 -28.57 -3.90 -4.94
C PRO A 72 -29.48 -5.00 -5.45
N GLY A 73 -29.83 -4.93 -6.74
CA GLY A 73 -30.67 -5.95 -7.35
C GLY A 73 -31.99 -5.42 -7.86
N SER A 74 -32.49 -4.35 -7.23
CA SER A 74 -33.77 -3.77 -7.60
C SER A 74 -33.71 -3.14 -8.99
N GLY A 75 -32.72 -2.29 -9.22
CA GLY A 75 -32.63 -1.56 -10.47
C GLY A 75 -32.55 -0.08 -10.19
N VAL A 76 -32.11 0.67 -11.21
CA VAL A 76 -31.96 2.11 -11.05
C VAL A 76 -32.93 2.86 -11.96
N ASP A 77 -34.16 3.05 -11.49
CA ASP A 77 -35.02 4.10 -12.03
C ASP A 77 -35.73 4.84 -10.90
N GLU A 78 -36.11 4.11 -9.85
CA GLU A 78 -36.77 4.74 -8.71
C GLU A 78 -35.83 5.70 -8.00
N ALA A 79 -34.55 5.34 -7.89
CA ALA A 79 -33.57 6.23 -7.28
C ALA A 79 -33.46 7.53 -8.06
N ARG A 80 -33.49 7.44 -9.39
CA ARG A 80 -33.42 8.64 -10.21
C ARG A 80 -34.69 9.48 -10.07
N LEU A 81 -35.86 8.85 -9.93
CA LEU A 81 -37.07 9.61 -9.67
C LEU A 81 -37.00 10.34 -8.34
N LYS A 82 -36.50 9.67 -7.30
CA LYS A 82 -36.36 10.32 -6.00
C LYS A 82 -35.34 11.45 -6.06
N ALA A 83 -34.25 11.26 -6.79
CA ALA A 83 -33.25 12.32 -6.95
C ALA A 83 -33.85 13.53 -7.68
N LYS A 84 -34.66 13.28 -8.72
CA LYS A 84 -35.31 14.38 -9.41
C LYS A 84 -36.29 15.11 -8.48
N GLU A 85 -37.04 14.35 -7.67
CA GLU A 85 -37.97 14.96 -6.74
C GLU A 85 -37.24 15.82 -5.72
N ILE A 86 -36.11 15.34 -5.22
CA ILE A 86 -35.33 16.13 -4.28
C ILE A 86 -34.77 17.38 -4.94
N ALA A 87 -34.26 17.24 -6.16
CA ALA A 87 -33.67 18.38 -6.86
C ALA A 87 -34.70 19.44 -7.22
N ASP A 88 -35.94 19.06 -7.49
CA ASP A 88 -36.99 20.01 -7.80
C ASP A 88 -37.60 20.66 -6.57
N PHE A 89 -36.95 20.52 -5.41
CA PHE A 89 -37.41 21.16 -4.18
C PHE A 89 -36.34 22.10 -3.62
N PHE A 90 -35.15 22.10 -4.21
CA PHE A 90 -34.03 22.90 -3.73
C PHE A 90 -33.52 23.80 -4.84
N LYS A 91 -34.42 24.50 -5.50
CA LYS A 91 -34.08 25.34 -6.65
C LYS A 91 -33.19 26.51 -6.21
N ASP A 92 -32.73 27.27 -7.20
CA ASP A 92 -31.85 28.40 -6.93
C ASP A 92 -32.63 29.57 -6.34
N GLY A 93 -31.93 30.41 -5.58
CA GLY A 93 -32.51 31.63 -5.03
C GLY A 93 -33.71 31.38 -4.13
N LYS A 94 -33.57 30.45 -3.20
CA LYS A 94 -34.65 30.09 -2.30
C LYS A 94 -34.45 30.69 -0.92
N MET A 95 -35.52 31.29 -0.39
CA MET A 95 -35.56 31.80 0.98
C MET A 95 -35.67 30.66 1.98
N LEU A 96 -34.55 30.34 2.62
CA LEU A 96 -34.59 29.51 3.80
C LEU A 96 -34.87 30.40 5.01
N ASN A 97 -34.86 29.79 6.21
CA ASN A 97 -35.12 30.56 7.42
C ASN A 97 -34.06 31.63 7.65
N VAL A 98 -32.79 31.29 7.44
CA VAL A 98 -31.72 32.28 7.50
C VAL A 98 -30.67 31.96 6.45
N GLY A 99 -30.61 32.76 5.39
CA GLY A 99 -29.65 32.53 4.33
C GLY A 99 -30.36 32.18 3.05
N TYR A 100 -29.62 31.67 2.07
CA TYR A 100 -30.22 31.30 0.80
C TYR A 100 -29.41 30.25 0.07
N ILE A 101 -29.89 29.81 -1.07
CA ILE A 101 -29.17 28.80 -1.84
C ILE A 101 -28.35 29.44 -2.95
N PHE A 102 -27.03 29.37 -2.83
CA PHE A 102 -26.13 29.93 -3.84
C PHE A 102 -26.20 29.14 -5.14
N GLU A 103 -26.26 27.82 -5.04
CA GLU A 103 -26.33 26.95 -6.21
C GLU A 103 -27.29 25.80 -5.90
N GLY A 104 -28.06 25.40 -6.91
CA GLY A 104 -29.08 24.39 -6.75
C GLY A 104 -28.54 22.99 -6.61
N ALA A 105 -29.44 22.02 -6.61
CA ALA A 105 -29.08 20.62 -6.44
C ALA A 105 -28.47 20.06 -7.71
N ILE A 106 -27.46 19.20 -7.54
CA ILE A 106 -26.76 18.58 -8.65
C ILE A 106 -26.82 17.08 -8.42
N VAL A 107 -27.36 16.34 -9.40
CA VAL A 107 -27.39 14.89 -9.29
C VAL A 107 -26.06 14.34 -9.80
N HIS A 108 -25.32 13.68 -8.92
CA HIS A 108 -23.97 13.22 -9.26
C HIS A 108 -23.94 11.75 -9.65
N GLN A 109 -22.73 11.23 -9.87
CA GLN A 109 -22.52 9.87 -10.35
C GLN A 109 -22.70 8.88 -9.21
N ILE A 110 -23.28 7.72 -9.53
CA ILE A 110 -23.54 6.71 -8.52
C ILE A 110 -22.25 6.17 -7.93
N VAL A 111 -22.29 5.82 -6.66
CA VAL A 111 -21.19 5.18 -5.96
C VAL A 111 -21.63 3.74 -5.69
N LYS A 112 -20.89 2.78 -6.24
CA LYS A 112 -21.34 1.40 -6.23
C LYS A 112 -20.66 0.60 -5.11
N HIS A 113 -21.35 -0.44 -4.66
CA HIS A 113 -20.84 -1.39 -3.69
C HIS A 113 -21.67 -2.66 -3.84
N GLU A 114 -21.27 -3.71 -3.12
CA GLU A 114 -21.96 -4.99 -3.16
C GLU A 114 -23.03 -5.13 -2.09
N SER A 115 -23.28 -4.07 -1.31
CA SER A 115 -24.28 -4.11 -0.25
C SER A 115 -25.17 -2.87 -0.28
N GLY A 116 -25.04 -2.05 -1.30
CA GLY A 116 -25.87 -0.88 -1.46
C GLY A 116 -25.23 0.14 -2.38
N TRP A 117 -26.07 0.89 -3.09
CA TRP A 117 -25.65 1.94 -4.00
C TRP A 117 -26.16 3.27 -3.50
N MET A 118 -25.43 4.34 -3.83
CA MET A 118 -25.79 5.68 -3.39
C MET A 118 -25.69 6.66 -4.55
N ILE A 119 -26.67 7.55 -4.67
CA ILE A 119 -26.67 8.60 -5.67
C ILE A 119 -26.56 9.96 -4.96
N PRO A 120 -25.39 10.57 -4.92
CA PRO A 120 -25.22 11.81 -4.15
C PRO A 120 -25.94 12.98 -4.82
N VAL A 121 -26.62 13.78 -4.00
CA VAL A 121 -27.24 15.03 -4.42
C VAL A 121 -26.80 16.11 -3.44
N ARG A 122 -26.22 17.19 -3.96
CA ARG A 122 -25.69 18.24 -3.10
C ARG A 122 -26.04 19.61 -3.64
N PHE A 123 -26.09 20.58 -2.73
CA PHE A 123 -26.32 21.99 -3.06
C PHE A 123 -25.54 22.85 -2.08
N THR A 124 -25.58 24.16 -2.30
CA THR A 124 -24.81 25.10 -1.50
C THR A 124 -25.74 26.09 -0.80
N VAL A 125 -25.21 26.73 0.24
CA VAL A 125 -25.92 27.75 1.02
C VAL A 125 -25.00 28.94 1.18
N ARG A 126 -25.57 30.08 1.57
CA ARG A 126 -24.80 31.31 1.71
C ARG A 126 -25.57 32.27 2.61
N VAL A 127 -24.84 32.98 3.49
CA VAL A 127 -25.38 34.03 4.32
C VAL A 127 -24.42 35.21 4.29
N ASP A 128 -24.97 36.42 4.39
CA ASP A 128 -24.17 37.64 4.36
C ASP A 128 -24.43 38.45 5.62
N THR A 129 -23.34 38.84 6.29
CA THR A 129 -23.44 39.62 7.52
C THR A 129 -22.74 40.97 7.38
N MET B 1 -12.29 3.50 -37.32
CA MET B 1 -11.33 3.20 -38.36
C MET B 1 -10.05 2.63 -37.76
N HIS B 2 -10.03 2.41 -36.45
CA HIS B 2 -8.85 1.79 -35.86
C HIS B 2 -8.64 0.38 -36.38
N TYR B 3 -9.71 -0.31 -36.75
CA TYR B 3 -9.60 -1.69 -37.19
C TYR B 3 -8.68 -1.87 -38.39
N GLU B 4 -8.99 -1.21 -39.49
CA GLU B 4 -8.19 -1.37 -40.70
C GLU B 4 -6.76 -0.91 -40.48
N LEU B 5 -6.60 0.20 -39.76
CA LEU B 5 -5.27 0.74 -39.53
C LEU B 5 -4.38 -0.25 -38.80
N SER B 6 -4.94 -0.92 -37.80
CA SER B 6 -4.17 -1.89 -37.03
C SER B 6 -3.69 -3.00 -37.95
N ALA B 7 -4.56 -3.44 -38.85
CA ALA B 7 -4.20 -4.50 -39.77
C ALA B 7 -3.00 -4.10 -40.62
N ALA B 8 -3.00 -2.86 -41.10
CA ALA B 8 -1.91 -2.39 -41.93
C ALA B 8 -0.58 -2.47 -41.20
N ALA B 9 -0.55 -2.00 -39.96
CA ALA B 9 0.67 -2.06 -39.17
C ALA B 9 1.10 -3.50 -38.96
N ARG B 10 0.14 -4.37 -38.67
CA ARG B 10 0.45 -5.78 -38.46
C ARG B 10 1.07 -6.38 -39.71
N ALA B 11 0.60 -5.94 -40.88
CA ALA B 11 1.12 -6.48 -42.13
C ALA B 11 2.59 -6.14 -42.32
N ALA B 12 2.96 -4.88 -42.12
CA ALA B 12 4.34 -4.47 -42.34
C ALA B 12 5.33 -5.23 -41.47
N PHE B 13 5.00 -5.36 -40.17
CA PHE B 13 5.90 -6.06 -39.26
C PHE B 13 6.09 -7.50 -39.70
N LEU B 14 4.99 -8.18 -40.00
CA LEU B 14 5.07 -9.57 -40.41
C LEU B 14 5.81 -9.70 -41.73
N SER B 15 5.68 -8.70 -42.59
CA SER B 15 6.35 -8.73 -43.88
C SER B 15 7.85 -8.64 -43.72
N LYS B 16 8.32 -8.27 -42.53
CA LYS B 16 9.75 -8.10 -42.31
C LYS B 16 10.31 -9.05 -41.27
N TYR B 17 9.62 -9.22 -40.14
CA TYR B 17 10.18 -10.04 -39.08
C TYR B 17 9.35 -11.29 -38.83
N ARG B 18 8.75 -11.85 -39.88
CA ARG B 18 7.89 -13.01 -39.70
C ARG B 18 8.63 -14.18 -39.06
N ASP B 19 9.92 -14.29 -39.33
CA ASP B 19 10.70 -15.39 -38.78
C ASP B 19 10.90 -15.25 -37.29
N PHE B 20 11.19 -14.03 -36.84
CA PHE B 20 11.42 -13.80 -35.42
C PHE B 20 10.22 -14.23 -34.60
N PRO B 21 10.43 -14.60 -33.33
CA PRO B 21 9.29 -14.93 -32.46
C PRO B 21 8.53 -13.67 -32.13
N HIS B 22 7.22 -13.75 -31.87
CA HIS B 22 6.48 -12.53 -31.66
C HIS B 22 5.20 -12.85 -30.91
N TYR B 23 4.66 -11.84 -30.24
CA TYR B 23 3.43 -12.00 -29.46
C TYR B 23 2.35 -11.11 -30.08
N MET B 24 1.21 -11.70 -30.42
CA MET B 24 0.04 -10.96 -30.86
C MET B 24 -0.99 -10.91 -29.75
N GLU B 25 -1.77 -9.83 -29.73
CA GLU B 25 -2.66 -9.58 -28.61
C GLU B 25 -3.73 -10.66 -28.50
N ASN B 26 -4.07 -11.00 -27.25
CA ASN B 26 -5.18 -11.88 -26.89
C ASN B 26 -4.92 -13.33 -27.27
N ARG B 27 -3.81 -13.60 -27.94
CA ARG B 27 -3.51 -14.95 -28.39
C ARG B 27 -2.35 -15.52 -27.59
N ASN B 28 -2.56 -16.74 -27.07
CA ASN B 28 -1.64 -17.33 -26.11
C ASN B 28 -0.27 -17.54 -26.73
N PHE B 29 0.78 -17.38 -25.93
CA PHE B 29 2.15 -17.40 -26.38
C PHE B 29 3.05 -18.01 -25.32
N THR B 30 4.06 -18.73 -25.78
CA THR B 30 5.10 -19.28 -24.90
C THR B 30 6.45 -18.71 -25.28
N PRO B 31 7.12 -18.04 -24.33
CA PRO B 31 8.47 -17.55 -24.63
C PRO B 31 9.37 -18.67 -25.09
N PRO B 32 10.42 -18.33 -25.85
CA PRO B 32 11.29 -19.37 -26.42
C PRO B 32 11.83 -20.29 -25.33
N LYS B 33 11.91 -21.58 -25.64
CA LYS B 33 12.34 -22.58 -24.68
C LYS B 33 13.80 -22.38 -24.28
N ASP B 34 14.67 -22.21 -25.27
CA ASP B 34 16.09 -22.01 -25.03
C ASP B 34 16.23 -20.68 -24.29
N GLY B 35 15.50 -19.66 -24.74
CA GLY B 35 15.63 -18.33 -24.19
C GLY B 35 16.30 -17.38 -25.17
N GLY B 36 15.53 -16.45 -25.71
CA GLY B 36 16.06 -15.56 -26.73
C GLY B 36 15.28 -14.28 -26.78
N MET B 37 15.31 -13.65 -27.94
CA MET B 37 14.70 -12.34 -28.17
C MET B 37 13.38 -12.50 -28.90
N TRP B 38 12.27 -12.37 -28.19
CA TRP B 38 10.97 -12.31 -28.81
C TRP B 38 10.50 -10.85 -28.86
N LEU B 39 9.44 -10.57 -29.60
CA LEU B 39 8.98 -9.21 -29.81
C LEU B 39 7.55 -9.08 -29.34
N ARG B 40 7.27 -8.03 -28.56
CA ARG B 40 5.92 -7.76 -28.06
C ARG B 40 5.29 -6.66 -28.89
N PHE B 41 4.14 -6.96 -29.50
CA PHE B 41 3.42 -6.01 -30.33
C PHE B 41 2.18 -5.53 -29.60
N ASN B 42 2.07 -4.21 -29.43
CA ASN B 42 0.93 -3.61 -28.75
C ASN B 42 0.38 -2.47 -29.60
N TYR B 43 -0.91 -2.24 -29.50
CA TYR B 43 -1.60 -1.19 -30.23
C TYR B 43 -2.36 -0.32 -29.25
N ILE B 44 -1.93 0.94 -29.12
CA ILE B 44 -2.52 1.89 -28.18
C ILE B 44 -3.24 2.97 -28.98
N GLU B 45 -4.52 3.19 -28.68
CA GLU B 45 -5.29 4.20 -29.37
C GLU B 45 -5.01 5.59 -28.80
N GLY B 46 -5.58 6.60 -29.44
CA GLY B 46 -5.39 7.96 -29.00
C GLY B 46 -6.66 8.77 -29.01
N ASP B 47 -6.59 10.00 -29.50
CA ASP B 47 -7.74 10.89 -29.55
C ASP B 47 -8.31 10.92 -30.96
N THR B 48 -9.49 11.51 -31.08
CA THR B 48 -10.20 11.66 -32.35
C THR B 48 -10.57 13.12 -32.52
N LEU B 49 -9.87 13.81 -33.42
CA LEU B 49 -10.07 15.25 -33.58
C LEU B 49 -11.22 15.52 -34.54
N TYR B 50 -11.87 16.66 -34.35
CA TYR B 50 -12.97 17.13 -35.18
C TYR B 50 -12.53 18.44 -35.81
N LEU B 51 -11.91 18.37 -36.98
CA LEU B 51 -11.31 19.55 -37.61
C LEU B 51 -12.29 20.12 -38.62
N SER B 52 -13.43 20.57 -38.11
CA SER B 52 -14.45 21.20 -38.95
C SER B 52 -15.54 21.85 -38.10
N ILE B 53 -16.36 22.68 -38.73
CA ILE B 53 -17.55 23.23 -38.08
C ILE B 53 -18.81 22.46 -38.45
N ASP B 54 -18.80 21.71 -39.55
CA ASP B 54 -19.92 20.87 -39.96
C ASP B 54 -19.90 19.50 -39.29
N ARG B 55 -18.88 19.22 -38.48
CA ARG B 55 -18.79 18.00 -37.67
C ARG B 55 -18.78 16.74 -38.52
N LYS B 56 -18.16 16.78 -39.69
CA LYS B 56 -18.09 15.61 -40.57
C LYS B 56 -16.69 15.52 -41.19
N CYS B 57 -15.69 16.00 -40.45
CA CYS B 57 -14.29 15.89 -40.87
C CYS B 57 -13.49 15.46 -39.65
N LYS B 58 -13.15 14.17 -39.59
CA LYS B 58 -12.57 13.57 -38.41
C LYS B 58 -11.35 12.75 -38.78
N SER B 59 -10.38 12.71 -37.87
CA SER B 59 -9.13 12.00 -38.09
C SER B 59 -8.79 11.18 -36.86
N TYR B 60 -8.10 10.07 -37.05
CA TYR B 60 -7.75 9.14 -36.00
C TYR B 60 -6.24 9.08 -35.80
N ILE B 61 -5.83 8.94 -34.54
CA ILE B 61 -4.42 8.76 -34.21
C ILE B 61 -4.25 7.58 -33.24
N ALA B 62 -3.29 6.72 -33.51
CA ALA B 62 -2.98 5.57 -32.66
C ALA B 62 -1.48 5.47 -32.45
N ILE B 63 -1.09 4.84 -31.35
CA ILE B 63 0.32 4.66 -31.00
C ILE B 63 0.63 3.17 -31.03
N VAL B 64 1.68 2.80 -31.74
CA VAL B 64 2.11 1.41 -31.89
C VAL B 64 3.40 1.22 -31.11
N GLN B 65 3.44 0.14 -30.31
CA GLN B 65 4.59 -0.14 -29.43
C GLN B 65 5.10 -1.55 -29.72
N ILE B 66 6.34 -1.63 -30.20
CA ILE B 66 7.01 -2.91 -30.39
C ILE B 66 8.21 -2.98 -29.46
N GLY B 67 8.27 -4.02 -28.65
CA GLY B 67 9.30 -4.11 -27.63
C GLY B 67 10.20 -5.33 -27.75
N VAL B 68 11.51 -5.10 -27.72
CA VAL B 68 12.49 -6.18 -27.78
C VAL B 68 12.77 -6.68 -26.37
N VAL B 69 12.55 -7.98 -26.14
CA VAL B 69 12.80 -8.57 -24.83
C VAL B 69 13.96 -9.55 -24.97
N PHE B 70 14.95 -9.41 -24.09
CA PHE B 70 16.15 -10.24 -24.14
C PHE B 70 16.52 -10.72 -22.74
N PRO B 71 17.17 -11.88 -22.65
CA PRO B 71 17.43 -12.48 -21.32
C PRO B 71 18.43 -11.67 -20.53
N PRO B 72 18.40 -11.77 -19.19
CA PRO B 72 19.38 -11.05 -18.37
C PRO B 72 20.67 -11.83 -18.17
N GLY B 73 21.79 -11.19 -18.47
CA GLY B 73 23.09 -11.83 -18.32
C GLY B 73 23.89 -11.80 -19.60
N SER B 74 23.21 -11.74 -20.74
CA SER B 74 23.89 -11.71 -22.04
C SER B 74 24.64 -10.41 -22.26
N GLY B 75 23.96 -9.28 -22.05
CA GLY B 75 24.56 -7.99 -22.34
C GLY B 75 23.69 -7.22 -23.31
N VAL B 76 24.00 -5.93 -23.45
CA VAL B 76 23.20 -5.09 -24.33
C VAL B 76 24.04 -4.58 -25.51
N ASP B 77 24.10 -5.38 -26.58
CA ASP B 77 24.54 -4.91 -27.88
C ASP B 77 23.56 -5.36 -28.96
N GLU B 78 23.06 -6.59 -28.83
CA GLU B 78 22.15 -7.12 -29.84
C GLU B 78 20.80 -6.43 -29.78
N ALA B 79 20.35 -6.08 -28.57
CA ALA B 79 19.07 -5.41 -28.41
C ALA B 79 19.08 -4.05 -29.10
N ARG B 80 20.18 -3.31 -28.96
CA ARG B 80 20.27 -2.00 -29.61
C ARG B 80 20.34 -2.12 -31.13
N LEU B 81 21.06 -3.13 -31.64
CA LEU B 81 21.07 -3.34 -33.09
C LEU B 81 19.69 -3.69 -33.60
N LYS B 82 18.95 -4.54 -32.89
CA LYS B 82 17.59 -4.87 -33.31
C LYS B 82 16.67 -3.66 -33.21
N ALA B 83 16.88 -2.81 -32.19
CA ALA B 83 16.09 -1.58 -32.10
C ALA B 83 16.36 -0.65 -33.27
N LYS B 84 17.63 -0.54 -33.68
CA LYS B 84 17.96 0.25 -34.85
C LYS B 84 17.32 -0.34 -36.11
N GLU B 85 17.34 -1.66 -36.24
CA GLU B 85 16.72 -2.32 -37.39
C GLU B 85 15.22 -2.02 -37.44
N ILE B 86 14.55 -2.09 -36.28
CA ILE B 86 13.13 -1.78 -36.24
C ILE B 86 12.88 -0.32 -36.57
N ALA B 87 13.70 0.58 -36.02
CA ALA B 87 13.50 2.00 -36.24
C ALA B 87 13.77 2.42 -37.68
N ASP B 88 14.62 1.69 -38.40
CA ASP B 88 14.94 2.03 -39.77
C ASP B 88 13.96 1.42 -40.77
N PHE B 89 12.91 0.74 -40.29
CA PHE B 89 11.89 0.21 -41.17
C PHE B 89 10.57 0.94 -40.95
N PHE B 90 10.55 1.91 -40.04
CA PHE B 90 9.32 2.63 -39.71
C PHE B 90 9.57 4.13 -39.75
N LYS B 91 10.17 4.60 -40.84
CA LYS B 91 10.57 6.00 -40.97
C LYS B 91 9.33 6.89 -41.08
N ASP B 92 9.56 8.20 -41.13
CA ASP B 92 8.48 9.17 -41.28
C ASP B 92 7.96 9.17 -42.71
N GLY B 93 6.70 9.56 -42.86
CA GLY B 93 6.08 9.69 -44.17
C GLY B 93 6.05 8.40 -44.96
N LYS B 94 5.71 7.29 -44.31
CA LYS B 94 5.58 6.00 -44.96
C LYS B 94 4.11 5.65 -45.07
N MET B 95 3.66 5.36 -46.31
CA MET B 95 2.24 5.11 -46.58
C MET B 95 1.97 3.61 -46.42
N LEU B 96 1.17 3.27 -45.41
CA LEU B 96 0.76 1.88 -45.25
C LEU B 96 -0.40 1.57 -46.19
N ASN B 97 -1.05 0.42 -45.96
CA ASN B 97 -2.20 0.06 -46.77
C ASN B 97 -3.32 1.09 -46.64
N VAL B 98 -3.69 1.41 -45.41
CA VAL B 98 -4.72 2.42 -45.18
C VAL B 98 -4.24 3.43 -44.17
N GLY B 99 -3.29 4.28 -44.56
CA GLY B 99 -2.79 5.30 -43.66
C GLY B 99 -1.33 5.64 -43.87
N TYR B 100 -0.75 6.41 -42.96
CA TYR B 100 0.66 6.78 -43.08
C TYR B 100 1.30 6.91 -41.72
N ILE B 101 2.62 7.01 -41.67
CA ILE B 101 3.32 7.18 -40.41
C ILE B 101 3.52 8.65 -40.08
N PHE B 102 2.83 9.13 -39.05
CA PHE B 102 2.93 10.53 -38.65
C PHE B 102 4.31 10.79 -38.07
N GLU B 103 4.60 10.20 -36.91
CA GLU B 103 5.91 10.33 -36.30
C GLU B 103 6.61 8.99 -36.34
N GLY B 104 7.94 9.04 -36.41
CA GLY B 104 8.76 7.85 -36.58
C GLY B 104 9.01 7.11 -35.29
N ALA B 105 9.90 6.12 -35.35
CA ALA B 105 10.20 5.27 -34.22
C ALA B 105 11.24 5.93 -33.31
N ILE B 106 10.94 5.96 -32.01
CA ILE B 106 11.82 6.55 -31.01
C ILE B 106 12.22 5.42 -30.06
N VAL B 107 13.53 5.20 -29.91
CA VAL B 107 14.02 4.18 -29.00
C VAL B 107 14.00 4.74 -27.59
N HIS B 108 13.21 4.11 -26.71
CA HIS B 108 13.01 4.62 -25.36
C HIS B 108 13.97 3.97 -24.36
N GLN B 109 13.74 4.21 -23.08
CA GLN B 109 14.64 3.81 -22.01
C GLN B 109 14.39 2.36 -21.61
N ILE B 110 15.47 1.66 -21.23
CA ILE B 110 15.37 0.25 -20.87
C ILE B 110 14.50 0.07 -19.63
N VAL B 111 13.64 -0.94 -19.67
CA VAL B 111 12.82 -1.34 -18.54
C VAL B 111 13.45 -2.60 -17.96
N LYS B 112 14.08 -2.48 -16.80
CA LYS B 112 14.85 -3.58 -16.24
C LYS B 112 13.97 -4.49 -15.38
N HIS B 113 14.35 -5.75 -15.31
CA HIS B 113 13.75 -6.72 -14.41
C HIS B 113 14.75 -7.85 -14.23
N GLU B 114 14.54 -8.67 -13.20
CA GLU B 114 15.44 -9.76 -12.85
C GLU B 114 15.26 -10.99 -13.72
N SER B 115 14.21 -11.02 -14.56
CA SER B 115 13.93 -12.19 -15.39
C SER B 115 13.95 -11.82 -16.87
N GLY B 116 14.26 -10.58 -17.19
CA GLY B 116 14.34 -10.13 -18.58
C GLY B 116 14.26 -8.63 -18.67
N TRP B 117 14.82 -8.09 -19.75
CA TRP B 117 14.84 -6.65 -20.00
C TRP B 117 14.09 -6.36 -21.30
N MET B 118 13.57 -5.13 -21.41
CA MET B 118 12.78 -4.73 -22.56
C MET B 118 13.19 -3.35 -23.03
N ILE B 119 13.25 -3.16 -24.34
CA ILE B 119 13.49 -1.84 -24.93
C ILE B 119 12.24 -1.42 -25.70
N PRO B 120 11.47 -0.46 -25.21
CA PRO B 120 10.27 -0.03 -25.93
C PRO B 120 10.61 0.78 -27.16
N VAL B 121 9.87 0.54 -28.23
CA VAL B 121 9.96 1.32 -29.47
C VAL B 121 8.55 1.73 -29.87
N ARG B 122 8.35 3.02 -30.10
CA ARG B 122 7.01 3.56 -30.34
C ARG B 122 7.02 4.44 -31.58
N PHE B 123 5.90 4.43 -32.30
CA PHE B 123 5.66 5.33 -33.42
C PHE B 123 4.16 5.56 -33.57
N THR B 124 3.81 6.64 -34.26
CA THR B 124 2.45 7.13 -34.36
C THR B 124 1.91 6.92 -35.77
N VAL B 125 0.58 6.81 -35.87
CA VAL B 125 -0.12 6.60 -37.13
C VAL B 125 -1.25 7.62 -37.22
N ARG B 126 -1.73 7.87 -38.43
CA ARG B 126 -2.79 8.85 -38.63
C ARG B 126 -3.61 8.49 -39.86
N VAL B 127 -4.92 8.75 -39.80
CA VAL B 127 -5.83 8.58 -40.92
C VAL B 127 -6.77 9.77 -40.95
N ASP B 128 -6.98 10.34 -42.14
CA ASP B 128 -7.88 11.47 -42.33
C ASP B 128 -9.08 11.04 -43.15
N THR B 129 -10.28 11.40 -42.68
CA THR B 129 -11.52 11.06 -43.36
C THR B 129 -12.36 12.29 -43.65
N MET C 1 -33.18 15.72 -15.52
CA MET C 1 -33.58 15.13 -16.80
C MET C 1 -32.70 13.94 -17.17
N HIS C 2 -31.86 13.50 -16.22
CA HIS C 2 -31.03 12.34 -16.47
C HIS C 2 -31.87 11.09 -16.64
N TYR C 3 -33.04 11.05 -16.00
CA TYR C 3 -34.02 9.99 -16.16
C TYR C 3 -34.29 9.71 -17.63
N GLU C 4 -34.81 10.70 -18.35
CA GLU C 4 -35.22 10.50 -19.73
C GLU C 4 -34.03 10.30 -20.66
N LEU C 5 -32.90 10.93 -20.35
CA LEU C 5 -31.72 10.75 -21.19
C LEU C 5 -31.19 9.32 -21.11
N SER C 6 -31.09 8.78 -19.89
CA SER C 6 -30.70 7.38 -19.73
C SER C 6 -31.75 6.47 -20.36
N ALA C 7 -33.02 6.85 -20.26
CA ALA C 7 -34.08 6.06 -20.89
C ALA C 7 -33.87 5.99 -22.40
N ALA C 8 -33.53 7.13 -23.02
CA ALA C 8 -33.32 7.17 -24.46
C ALA C 8 -32.09 6.37 -24.87
N ALA C 9 -31.01 6.48 -24.10
CA ALA C 9 -29.82 5.69 -24.41
C ALA C 9 -30.11 4.20 -24.32
N ARG C 10 -30.80 3.78 -23.27
CA ARG C 10 -31.19 2.38 -23.12
C ARG C 10 -32.12 1.95 -24.26
N ALA C 11 -33.00 2.85 -24.68
CA ALA C 11 -33.90 2.58 -25.80
C ALA C 11 -33.12 2.28 -27.06
N ALA C 12 -32.18 3.14 -27.40
CA ALA C 12 -31.42 2.96 -28.63
C ALA C 12 -30.64 1.65 -28.59
N PHE C 13 -29.92 1.42 -27.50
CA PHE C 13 -29.11 0.22 -27.39
C PHE C 13 -29.98 -1.01 -27.56
N LEU C 14 -31.09 -1.07 -26.83
CA LEU C 14 -31.97 -2.22 -26.93
C LEU C 14 -32.53 -2.36 -28.33
N SER C 15 -32.95 -1.25 -28.93
CA SER C 15 -33.51 -1.29 -30.27
C SER C 15 -32.63 -2.08 -31.21
N LYS C 16 -31.32 -1.84 -31.18
CA LYS C 16 -30.42 -2.52 -32.10
C LYS C 16 -29.76 -3.75 -31.50
N TYR C 17 -29.64 -3.80 -30.18
CA TYR C 17 -28.97 -4.92 -29.54
C TYR C 17 -29.79 -5.51 -28.39
N ARG C 18 -30.95 -6.07 -28.71
CA ARG C 18 -31.76 -6.72 -27.67
C ARG C 18 -31.53 -8.21 -27.66
N ASP C 19 -30.59 -8.67 -28.47
CA ASP C 19 -30.31 -10.11 -28.56
C ASP C 19 -28.95 -10.45 -27.98
N PHE C 20 -27.92 -9.69 -28.37
CA PHE C 20 -26.58 -9.95 -27.88
C PHE C 20 -26.57 -9.97 -26.36
N PRO C 21 -25.99 -11.01 -25.76
CA PRO C 21 -25.88 -11.03 -24.31
C PRO C 21 -25.47 -9.66 -23.81
N HIS C 22 -26.16 -9.11 -22.82
CA HIS C 22 -25.86 -7.75 -22.41
C HIS C 22 -26.14 -7.60 -20.93
N TYR C 23 -25.51 -6.60 -20.30
CA TYR C 23 -25.65 -6.35 -18.87
C TYR C 23 -26.26 -4.97 -18.67
N MET C 24 -27.38 -4.94 -17.95
CA MET C 24 -28.02 -3.69 -17.54
C MET C 24 -27.75 -3.44 -16.07
N GLU C 25 -27.76 -2.16 -15.68
CA GLU C 25 -27.33 -1.78 -14.35
C GLU C 25 -28.24 -2.36 -13.27
N ASN C 26 -27.61 -2.81 -12.18
CA ASN C 26 -28.29 -3.22 -10.95
C ASN C 26 -29.21 -4.41 -11.14
N ARG C 27 -28.98 -5.23 -12.17
CA ARG C 27 -29.71 -6.47 -12.34
C ARG C 27 -28.74 -7.65 -12.42
N ASN C 28 -29.11 -8.74 -11.78
CA ASN C 28 -28.24 -9.90 -11.66
C ASN C 28 -28.04 -10.53 -13.03
N PHE C 29 -26.80 -10.50 -13.52
CA PHE C 29 -26.45 -11.09 -14.80
C PHE C 29 -25.48 -12.24 -14.62
N THR C 30 -25.56 -13.21 -15.53
CA THR C 30 -24.65 -14.36 -15.54
C THR C 30 -23.93 -14.40 -16.88
N PRO C 31 -22.61 -14.24 -16.92
CA PRO C 31 -21.87 -14.32 -18.18
C PRO C 31 -22.19 -15.61 -18.92
N PRO C 32 -22.06 -15.61 -20.25
CA PRO C 32 -22.43 -16.80 -21.03
C PRO C 32 -21.67 -18.03 -20.59
N LYS C 33 -22.37 -19.17 -20.61
CA LYS C 33 -21.81 -20.43 -20.13
C LYS C 33 -20.67 -20.90 -21.02
N ASP C 34 -20.88 -20.92 -22.33
CA ASP C 34 -19.86 -21.39 -23.27
C ASP C 34 -18.65 -20.49 -23.26
N GLY C 35 -18.85 -19.22 -22.91
CA GLY C 35 -17.78 -18.24 -22.97
C GLY C 35 -17.83 -17.49 -24.28
N GLY C 36 -18.24 -16.23 -24.23
CA GLY C 36 -18.42 -15.48 -25.46
C GLY C 36 -18.34 -13.99 -25.20
N MET C 37 -18.80 -13.24 -26.19
CA MET C 37 -18.73 -11.78 -26.19
C MET C 37 -20.06 -11.21 -25.75
N TRP C 38 -20.09 -10.61 -24.56
CA TRP C 38 -21.26 -9.88 -24.10
C TRP C 38 -20.95 -8.39 -24.15
N LEU C 39 -21.95 -7.55 -23.80
CA LEU C 39 -21.80 -6.11 -23.84
C LEU C 39 -22.20 -5.53 -22.49
N ARG C 40 -21.33 -4.72 -21.91
CA ARG C 40 -21.60 -4.08 -20.63
C ARG C 40 -22.06 -2.65 -20.88
N PHE C 41 -23.24 -2.31 -20.37
CA PHE C 41 -23.83 -0.99 -20.56
C PHE C 41 -23.73 -0.21 -19.26
N ASN C 42 -23.09 0.97 -19.32
CA ASN C 42 -22.92 1.82 -18.16
C ASN C 42 -23.29 3.25 -18.53
N TYR C 43 -23.91 3.95 -17.59
CA TYR C 43 -24.36 5.32 -17.79
C TYR C 43 -23.74 6.20 -16.71
N ILE C 44 -22.84 7.09 -17.11
CA ILE C 44 -22.12 7.95 -16.18
C ILE C 44 -22.63 9.37 -16.35
N GLU C 45 -23.02 10.00 -15.24
CA GLU C 45 -23.58 11.34 -15.27
C GLU C 45 -22.45 12.38 -15.25
N GLY C 46 -22.84 13.65 -15.42
CA GLY C 46 -21.88 14.72 -15.48
C GLY C 46 -22.33 15.98 -14.75
N ASP C 47 -22.18 17.13 -15.40
CA ASP C 47 -22.50 18.41 -14.81
C ASP C 47 -23.70 19.04 -15.50
N THR C 48 -24.34 19.99 -14.83
CA THR C 48 -25.44 20.75 -15.40
C THR C 48 -25.05 22.22 -15.36
N LEU C 49 -24.88 22.81 -16.54
CA LEU C 49 -24.43 24.20 -16.64
C LEU C 49 -25.59 25.15 -16.42
N TYR C 50 -25.27 26.37 -15.97
CA TYR C 50 -26.24 27.44 -15.80
C TYR C 50 -25.93 28.50 -16.85
N LEU C 51 -26.49 28.34 -18.04
CA LEU C 51 -26.16 29.20 -19.18
C LEU C 51 -27.19 30.32 -19.28
N SER C 52 -27.25 31.12 -18.21
CA SER C 52 -28.15 32.29 -18.17
C SER C 52 -27.90 33.11 -16.93
N ILE C 53 -28.53 34.30 -16.86
CA ILE C 53 -28.54 35.09 -15.65
C ILE C 53 -29.86 35.01 -14.91
N ASP C 54 -30.92 34.52 -15.55
CA ASP C 54 -32.20 34.29 -14.90
C ASP C 54 -32.22 33.00 -14.08
N ARG C 55 -31.16 32.20 -14.17
CA ARG C 55 -31.06 30.92 -13.47
C ARG C 55 -32.17 29.96 -13.88
N LYS C 56 -32.66 30.08 -15.11
CA LYS C 56 -33.75 29.25 -15.63
C LYS C 56 -33.42 28.75 -17.03
N CYS C 57 -32.16 28.42 -17.28
CA CYS C 57 -31.74 27.87 -18.56
C CYS C 57 -30.55 26.96 -18.30
N LYS C 58 -30.78 25.65 -18.27
CA LYS C 58 -29.76 24.69 -17.88
C LYS C 58 -29.63 23.62 -18.94
N SER C 59 -28.44 23.01 -19.00
CA SER C 59 -28.15 21.92 -19.92
C SER C 59 -27.52 20.78 -19.15
N TYR C 60 -27.91 19.56 -19.48
CA TYR C 60 -27.42 18.36 -18.80
C TYR C 60 -26.56 17.52 -19.75
N ILE C 61 -25.42 17.06 -19.24
CA ILE C 61 -24.51 16.22 -20.00
C ILE C 61 -24.26 14.91 -19.27
N ALA C 62 -24.29 13.80 -19.99
CA ALA C 62 -24.00 12.48 -19.45
C ALA C 62 -23.11 11.72 -20.41
N ILE C 63 -22.38 10.74 -19.89
CA ILE C 63 -21.47 9.93 -20.67
C ILE C 63 -21.95 8.48 -20.62
N VAL C 64 -22.09 7.87 -21.79
CA VAL C 64 -22.54 6.49 -21.92
C VAL C 64 -21.36 5.64 -22.36
N GLN C 65 -21.15 4.51 -21.66
CA GLN C 65 -20.01 3.63 -21.91
C GLN C 65 -20.52 2.23 -22.25
N ILE C 66 -20.25 1.79 -23.46
CA ILE C 66 -20.56 0.41 -23.88
C ILE C 66 -19.25 -0.35 -24.03
N GLY C 67 -19.09 -1.42 -23.25
CA GLY C 67 -17.85 -2.15 -23.24
C GLY C 67 -17.98 -3.59 -23.71
N VAL C 68 -17.29 -3.93 -24.79
CA VAL C 68 -17.31 -5.29 -25.33
C VAL C 68 -16.31 -6.14 -24.57
N VAL C 69 -16.78 -7.24 -23.98
CA VAL C 69 -15.91 -8.13 -23.21
C VAL C 69 -15.81 -9.46 -23.95
N PHE C 70 -14.58 -9.93 -24.15
CA PHE C 70 -14.31 -11.11 -24.98
C PHE C 70 -13.26 -11.98 -24.32
N PRO C 71 -13.35 -13.29 -24.51
CA PRO C 71 -12.50 -14.23 -23.73
C PRO C 71 -11.04 -14.11 -24.12
N PRO C 72 -10.13 -14.48 -23.20
CA PRO C 72 -8.71 -14.51 -23.55
C PRO C 72 -8.33 -15.79 -24.27
N GLY C 73 -7.54 -15.68 -25.34
CA GLY C 73 -7.13 -16.84 -26.09
C GLY C 73 -7.60 -16.81 -27.53
N SER C 74 -8.76 -16.18 -27.75
CA SER C 74 -9.35 -16.12 -29.08
C SER C 74 -8.51 -15.29 -30.04
N GLY C 75 -8.32 -14.02 -29.72
CA GLY C 75 -7.65 -13.11 -30.62
C GLY C 75 -8.51 -11.89 -30.85
N VAL C 76 -7.86 -10.79 -31.23
CA VAL C 76 -8.57 -9.52 -31.36
C VAL C 76 -8.65 -9.07 -32.81
N ASP C 77 -9.69 -9.51 -33.50
CA ASP C 77 -10.17 -8.84 -34.71
C ASP C 77 -11.68 -8.71 -34.65
N GLU C 78 -12.33 -9.67 -34.00
CA GLU C 78 -13.79 -9.61 -33.83
C GLU C 78 -14.18 -8.46 -32.91
N ALA C 79 -13.41 -8.24 -31.84
CA ALA C 79 -13.72 -7.18 -30.90
C ALA C 79 -13.64 -5.81 -31.58
N ARG C 80 -12.59 -5.58 -32.36
CA ARG C 80 -12.46 -4.31 -33.06
C ARG C 80 -13.54 -4.14 -34.12
N LEU C 81 -13.93 -5.21 -34.81
CA LEU C 81 -15.02 -5.12 -35.77
C LEU C 81 -16.33 -4.75 -35.08
N LYS C 82 -16.63 -5.38 -33.94
CA LYS C 82 -17.84 -5.03 -33.22
C LYS C 82 -17.78 -3.62 -32.67
N ALA C 83 -16.60 -3.16 -32.24
CA ALA C 83 -16.46 -1.78 -31.80
C ALA C 83 -16.73 -0.81 -32.95
N LYS C 84 -16.24 -1.12 -34.15
CA LYS C 84 -16.54 -0.29 -35.31
C LYS C 84 -18.02 -0.28 -35.61
N GLU C 85 -18.66 -1.45 -35.51
CA GLU C 85 -20.11 -1.54 -35.74
C GLU C 85 -20.87 -0.68 -34.74
N ILE C 86 -20.46 -0.72 -33.47
CA ILE C 86 -21.11 0.08 -32.44
C ILE C 86 -20.90 1.57 -32.72
N ALA C 87 -19.67 1.96 -33.06
CA ALA C 87 -19.36 3.37 -33.28
C ALA C 87 -20.02 3.92 -34.54
N ASP C 88 -20.34 3.07 -35.51
CA ASP C 88 -21.02 3.51 -36.72
C ASP C 88 -22.53 3.59 -36.57
N PHE C 89 -23.04 3.36 -35.36
CA PHE C 89 -24.48 3.48 -35.09
C PHE C 89 -24.75 4.62 -34.12
N PHE C 90 -23.70 5.19 -33.52
CA PHE C 90 -23.86 6.25 -32.52
C PHE C 90 -23.13 7.50 -32.99
N LYS C 91 -23.34 7.88 -34.24
CA LYS C 91 -22.64 9.01 -34.84
C LYS C 91 -23.05 10.31 -34.17
N ASP C 92 -22.34 11.39 -34.50
CA ASP C 92 -22.63 12.71 -33.97
C ASP C 92 -23.92 13.26 -34.59
N GLY C 93 -24.57 14.17 -33.88
CA GLY C 93 -25.76 14.83 -34.36
C GLY C 93 -26.92 13.90 -34.63
N LYS C 94 -27.17 12.97 -33.72
CA LYS C 94 -28.26 12.03 -33.83
C LYS C 94 -29.33 12.35 -32.78
N MET C 95 -30.56 12.49 -33.23
CA MET C 95 -31.70 12.82 -32.37
C MET C 95 -32.24 11.54 -31.74
N LEU C 96 -31.98 11.36 -30.45
CA LEU C 96 -32.62 10.30 -29.70
C LEU C 96 -34.05 10.72 -29.35
N ASN C 97 -34.73 9.91 -28.53
CA ASN C 97 -36.09 10.23 -28.15
C ASN C 97 -36.18 11.55 -27.42
N VAL C 98 -35.28 11.77 -26.46
CA VAL C 98 -35.24 13.03 -25.73
C VAL C 98 -33.80 13.52 -25.63
N GLY C 99 -33.48 14.60 -26.31
CA GLY C 99 -32.11 15.10 -26.32
C GLY C 99 -31.36 14.69 -27.57
N TYR C 100 -30.05 14.84 -27.57
CA TYR C 100 -29.26 14.50 -28.74
C TYR C 100 -27.84 14.12 -28.38
N ILE C 101 -27.05 13.69 -29.35
CA ILE C 101 -25.67 13.33 -29.11
C ILE C 101 -24.77 14.53 -29.33
N PHE C 102 -23.91 14.84 -28.36
CA PHE C 102 -23.03 16.00 -28.47
C PHE C 102 -21.70 15.62 -29.08
N GLU C 103 -21.23 14.41 -28.79
CA GLU C 103 -19.97 13.93 -29.35
C GLU C 103 -20.08 12.44 -29.62
N GLY C 104 -19.48 12.00 -30.71
CA GLY C 104 -19.63 10.64 -31.19
C GLY C 104 -18.85 9.62 -30.38
N ALA C 105 -18.84 8.38 -30.87
CA ALA C 105 -18.19 7.29 -30.16
C ALA C 105 -16.73 7.14 -30.57
N ILE C 106 -15.86 7.02 -29.57
CA ILE C 106 -14.41 6.89 -29.76
C ILE C 106 -14.00 5.55 -29.18
N VAL C 107 -13.28 4.73 -29.96
CA VAL C 107 -12.79 3.45 -29.47
C VAL C 107 -11.55 3.69 -28.61
N HIS C 108 -11.59 3.23 -27.36
CA HIS C 108 -10.51 3.47 -26.42
C HIS C 108 -9.54 2.30 -26.32
N GLN C 109 -8.60 2.36 -25.38
CA GLN C 109 -7.54 1.38 -25.24
C GLN C 109 -8.04 0.16 -24.46
N ILE C 110 -7.61 -1.02 -24.89
CA ILE C 110 -8.07 -2.26 -24.28
C ILE C 110 -7.61 -2.36 -22.84
N VAL C 111 -8.52 -2.80 -21.97
CA VAL C 111 -8.21 -3.09 -20.58
C VAL C 111 -8.05 -4.60 -20.47
N LYS C 112 -6.87 -5.05 -20.03
CA LYS C 112 -6.55 -6.46 -20.06
C LYS C 112 -6.69 -7.10 -18.69
N HIS C 113 -6.95 -8.40 -18.69
CA HIS C 113 -6.97 -9.23 -17.48
C HIS C 113 -6.73 -10.67 -17.93
N GLU C 114 -6.52 -11.54 -16.94
CA GLU C 114 -6.25 -12.95 -17.20
C GLU C 114 -7.52 -13.77 -17.33
N SER C 115 -8.69 -13.16 -17.14
CA SER C 115 -9.96 -13.87 -17.22
C SER C 115 -10.90 -13.21 -18.24
N GLY C 116 -10.42 -12.22 -18.95
CA GLY C 116 -11.22 -11.55 -19.96
C GLY C 116 -10.63 -10.19 -20.32
N TRP C 117 -10.87 -9.78 -21.56
CA TRP C 117 -10.43 -8.49 -22.07
C TRP C 117 -11.64 -7.64 -22.43
N MET C 118 -11.50 -6.32 -22.24
CA MET C 118 -12.59 -5.39 -22.50
C MET C 118 -12.08 -4.21 -23.31
N ILE C 119 -12.86 -3.81 -24.30
CA ILE C 119 -12.53 -2.66 -25.14
C ILE C 119 -13.60 -1.59 -24.96
N PRO C 120 -13.30 -0.49 -24.29
CA PRO C 120 -14.36 0.48 -23.96
C PRO C 120 -14.69 1.37 -25.15
N VAL C 121 -15.99 1.60 -25.35
CA VAL C 121 -16.50 2.53 -26.34
C VAL C 121 -17.48 3.45 -25.64
N ARG C 122 -17.27 4.76 -25.79
CA ARG C 122 -18.07 5.73 -25.04
C ARG C 122 -18.45 6.91 -25.92
N PHE C 123 -19.55 7.57 -25.55
CA PHE C 123 -20.04 8.76 -26.23
C PHE C 123 -20.82 9.60 -25.22
N THR C 124 -21.21 10.80 -25.66
CA THR C 124 -21.86 11.78 -24.79
C THR C 124 -23.26 12.10 -25.30
N VAL C 125 -24.06 12.67 -24.41
CA VAL C 125 -25.44 13.11 -24.70
C VAL C 125 -25.62 14.52 -24.13
N ARG C 126 -26.69 15.18 -24.56
CA ARG C 126 -26.97 16.54 -24.11
C ARG C 126 -28.44 16.85 -24.32
N VAL C 127 -29.02 17.59 -23.39
CA VAL C 127 -30.40 18.05 -23.48
C VAL C 127 -30.45 19.52 -23.07
N ASP C 128 -31.29 20.30 -23.74
CA ASP C 128 -31.43 21.72 -23.46
C ASP C 128 -32.85 22.04 -22.99
N THR C 129 -32.94 22.83 -21.92
CA THR C 129 -34.23 23.21 -21.37
C THR C 129 -34.24 24.67 -20.93
N MET D 1 32.64 21.66 -5.85
CA MET D 1 33.41 22.08 -4.69
C MET D 1 32.60 21.90 -3.42
N HIS D 2 31.74 20.87 -3.41
CA HIS D 2 30.91 20.63 -2.23
C HIS D 2 31.75 20.12 -1.06
N TYR D 3 32.91 19.52 -1.36
CA TYR D 3 33.87 19.08 -0.36
C TYR D 3 34.22 20.21 0.62
N GLU D 4 34.76 21.31 0.09
CA GLU D 4 35.22 22.39 0.94
C GLU D 4 34.06 23.11 1.63
N LEU D 5 32.91 23.21 0.96
CA LEU D 5 31.75 23.84 1.58
C LEU D 5 31.26 23.04 2.78
N SER D 6 31.13 21.73 2.62
CA SER D 6 30.74 20.88 3.74
C SER D 6 31.80 20.93 4.84
N ALA D 7 33.08 21.04 4.45
CA ALA D 7 34.14 21.16 5.43
C ALA D 7 33.97 22.43 6.26
N ALA D 8 33.65 23.55 5.59
CA ALA D 8 33.47 24.81 6.29
C ALA D 8 32.26 24.77 7.22
N ALA D 9 31.16 24.17 6.75
CA ALA D 9 29.98 24.05 7.61
C ALA D 9 30.26 23.19 8.83
N ARG D 10 30.96 22.07 8.64
CA ARG D 10 31.38 21.23 9.75
C ARG D 10 32.30 22.00 10.70
N ALA D 11 33.18 22.84 10.14
CA ALA D 11 34.08 23.64 10.96
C ALA D 11 33.30 24.58 11.86
N ALA D 12 32.32 25.29 11.31
CA ALA D 12 31.56 26.25 12.09
C ALA D 12 30.72 25.58 13.16
N PHE D 13 29.92 24.59 12.78
CA PHE D 13 29.05 23.94 13.74
C PHE D 13 29.85 23.39 14.91
N LEU D 14 30.92 22.68 14.61
CA LEU D 14 31.76 22.12 15.66
C LEU D 14 32.44 23.20 16.49
N SER D 15 32.76 24.32 15.86
CA SER D 15 33.48 25.39 16.56
C SER D 15 32.69 25.85 17.78
N LYS D 16 31.38 25.99 17.62
CA LYS D 16 30.53 26.50 18.68
C LYS D 16 29.87 25.37 19.45
N TYR D 17 29.65 24.23 18.80
CA TYR D 17 28.94 23.14 19.46
C TYR D 17 29.74 21.85 19.55
N ARG D 18 31.04 21.95 19.77
CA ARG D 18 31.89 20.77 19.85
C ARG D 18 31.46 19.87 20.99
N ASP D 19 31.16 20.46 22.14
CA ASP D 19 30.81 19.68 23.33
C ASP D 19 29.43 19.04 23.25
N PHE D 20 28.43 19.80 22.79
CA PHE D 20 27.07 19.28 22.78
C PHE D 20 26.98 17.96 22.03
N PRO D 21 26.28 16.98 22.60
CA PRO D 21 26.13 15.68 21.95
C PRO D 21 25.62 15.86 20.52
N HIS D 22 26.28 15.25 19.55
CA HIS D 22 25.88 15.43 18.16
C HIS D 22 26.11 14.21 17.28
N TYR D 23 25.42 14.15 16.16
CA TYR D 23 25.54 13.03 15.23
C TYR D 23 26.17 13.54 13.94
N MET D 24 27.26 12.91 13.51
CA MET D 24 27.92 13.27 12.27
C MET D 24 27.75 12.15 11.26
N GLU D 25 27.76 12.52 9.98
CA GLU D 25 27.35 11.59 8.93
C GLU D 25 28.28 10.38 8.85
N ASN D 26 27.66 9.22 8.66
CA ASN D 26 28.34 7.96 8.39
C ASN D 26 29.26 7.52 9.53
N ARG D 27 29.02 8.00 10.73
CA ARG D 27 29.76 7.54 11.90
C ARG D 27 28.80 6.99 12.95
N ASN D 28 29.19 5.87 13.55
CA ASN D 28 28.32 5.15 14.47
C ASN D 28 28.08 5.99 15.72
N PHE D 29 26.86 6.45 15.90
CA PHE D 29 26.47 7.27 17.04
C PHE D 29 25.52 6.51 17.95
N THR D 30 25.66 6.75 19.25
CA THR D 30 24.77 6.18 20.26
C THR D 30 24.07 7.32 21.00
N PRO D 31 22.74 7.37 20.99
CA PRO D 31 22.02 8.44 21.69
C PRO D 31 22.35 8.43 23.17
N PRO D 32 22.22 9.57 23.84
CA PRO D 32 22.60 9.65 25.25
C PRO D 32 21.83 8.64 26.10
N LYS D 33 22.52 8.06 27.09
CA LYS D 33 21.97 7.00 27.90
C LYS D 33 20.78 7.48 28.74
N ASP D 34 20.96 8.59 29.45
CA ASP D 34 19.91 9.12 30.31
C ASP D 34 18.73 9.63 29.50
N GLY D 35 18.96 9.99 28.25
CA GLY D 35 17.92 10.55 27.41
C GLY D 35 17.97 12.06 27.46
N GLY D 36 18.42 12.69 26.37
CA GLY D 36 18.58 14.13 26.38
C GLY D 36 18.52 14.69 24.99
N MET D 37 19.00 15.93 24.88
CA MET D 37 18.91 16.71 23.64
C MET D 37 20.24 16.59 22.89
N TRP D 38 20.22 15.84 21.79
CA TRP D 38 21.38 15.78 20.89
C TRP D 38 21.06 16.55 19.61
N LEU D 39 22.07 16.76 18.77
CA LEU D 39 21.91 17.54 17.55
C LEU D 39 22.28 16.67 16.36
N ARG D 40 21.39 16.62 15.37
CA ARG D 40 21.62 15.85 14.15
C ARG D 40 22.08 16.80 13.04
N PHE D 41 23.24 16.53 12.46
CA PHE D 41 23.81 17.36 11.42
C PHE D 41 23.71 16.64 10.08
N ASN D 42 23.07 17.28 9.12
CA ASN D 42 22.92 16.72 7.78
C ASN D 42 23.26 17.78 6.74
N TYR D 43 23.91 17.35 5.66
CA TYR D 43 24.32 18.24 4.58
C TYR D 43 23.66 17.74 3.29
N ILE D 44 22.77 18.55 2.74
CA ILE D 44 22.01 18.20 1.54
C ILE D 44 22.52 19.04 0.38
N GLU D 45 22.89 18.37 -0.71
CA GLU D 45 23.44 19.03 -1.88
C GLU D 45 22.31 19.63 -2.72
N GLY D 46 22.70 20.42 -3.72
CA GLY D 46 21.72 21.09 -4.57
C GLY D 46 22.09 21.08 -6.03
N ASP D 47 21.98 22.24 -6.68
CA ASP D 47 22.22 22.38 -8.11
C ASP D 47 23.46 23.23 -8.36
N THR D 48 24.02 23.09 -9.56
CA THR D 48 25.17 23.87 -10.00
C THR D 48 24.74 24.67 -11.22
N LEU D 49 24.66 25.99 -11.07
CA LEU D 49 24.20 26.85 -12.15
C LEU D 49 25.34 27.19 -13.10
N TYR D 50 24.99 27.39 -14.37
CA TYR D 50 25.94 27.79 -15.41
C TYR D 50 25.59 29.22 -15.83
N LEU D 51 26.12 30.20 -15.11
CA LEU D 51 25.76 31.60 -15.33
C LEU D 51 26.78 32.28 -16.24
N SER D 52 26.91 31.72 -17.45
CA SER D 52 27.77 32.30 -18.48
C SER D 52 27.53 31.65 -19.83
N ILE D 53 28.14 32.20 -20.87
CA ILE D 53 28.15 31.57 -22.19
C ILE D 53 29.45 30.88 -22.52
N ASP D 54 30.54 31.19 -21.80
CA ASP D 54 31.81 30.51 -21.97
C ASP D 54 31.87 29.16 -21.27
N ARG D 55 30.83 28.83 -20.50
CA ARG D 55 30.78 27.60 -19.71
C ARG D 55 31.91 27.53 -18.69
N LYS D 56 32.44 28.68 -18.27
CA LYS D 56 33.50 28.76 -17.28
C LYS D 56 33.12 29.78 -16.21
N CYS D 57 31.88 29.70 -15.74
CA CYS D 57 31.42 30.50 -14.60
C CYS D 57 30.25 29.74 -13.98
N LYS D 58 30.50 29.06 -12.86
CA LYS D 58 29.50 28.20 -12.26
C LYS D 58 29.57 28.32 -10.74
N SER D 59 28.40 28.19 -10.11
CA SER D 59 28.24 28.36 -8.68
C SER D 59 27.52 27.16 -8.09
N TYR D 60 27.79 26.85 -6.83
CA TYR D 60 27.22 25.70 -6.16
C TYR D 60 26.33 26.14 -5.00
N ILE D 61 25.22 25.44 -4.83
CA ILE D 61 24.27 25.70 -3.75
C ILE D 61 24.03 24.41 -2.97
N ALA D 62 24.08 24.49 -1.65
CA ALA D 62 23.83 23.35 -0.78
C ALA D 62 22.96 23.78 0.40
N ILE D 63 22.28 22.81 1.00
CA ILE D 63 21.39 23.04 2.13
C ILE D 63 21.90 22.26 3.32
N VAL D 64 22.06 22.95 4.46
CA VAL D 64 22.53 22.35 5.69
C VAL D 64 21.37 22.30 6.68
N GLN D 65 21.14 21.13 7.28
CA GLN D 65 20.00 20.91 8.18
C GLN D 65 20.52 20.48 9.56
N ILE D 66 20.21 21.28 10.57
CA ILE D 66 20.52 20.92 11.96
C ILE D 66 19.22 20.65 12.69
N GLY D 67 19.10 19.45 13.25
CA GLY D 67 17.86 19.06 13.89
C GLY D 67 18.00 18.78 15.37
N VAL D 68 17.20 19.47 16.19
CA VAL D 68 17.24 19.30 17.63
C VAL D 68 16.29 18.18 18.03
N VAL D 69 16.83 17.13 18.65
CA VAL D 69 16.02 15.98 19.07
C VAL D 69 15.92 15.99 20.59
N PHE D 70 14.71 15.87 21.10
CA PHE D 70 14.46 15.88 22.54
C PHE D 70 13.46 14.80 22.92
N PRO D 71 13.55 14.27 24.13
CA PRO D 71 12.70 13.15 24.52
C PRO D 71 11.24 13.56 24.62
N PRO D 72 10.32 12.61 24.46
CA PRO D 72 8.89 12.92 24.61
C PRO D 72 8.45 12.94 26.06
N GLY D 73 7.69 13.95 26.46
CA GLY D 73 7.20 14.05 27.81
C GLY D 73 7.74 15.24 28.56
N SER D 74 8.92 15.72 28.16
CA SER D 74 9.54 16.86 28.82
C SER D 74 8.76 18.15 28.58
N GLY D 75 8.45 18.45 27.33
CA GLY D 75 7.80 19.69 26.99
C GLY D 75 8.60 20.44 25.94
N VAL D 76 7.93 21.38 25.28
CA VAL D 76 8.60 22.14 24.23
C VAL D 76 8.71 23.61 24.60
N ASP D 77 9.77 23.95 25.34
CA ASP D 77 10.23 25.34 25.41
C ASP D 77 11.75 25.39 25.29
N GLU D 78 12.43 24.42 25.87
CA GLU D 78 13.89 24.39 25.81
C GLU D 78 14.36 24.14 24.38
N ALA D 79 13.64 23.30 23.65
CA ALA D 79 13.99 23.04 22.25
C ALA D 79 13.88 24.31 21.42
N ARG D 80 12.86 25.13 21.69
CA ARG D 80 12.73 26.39 20.98
C ARG D 80 13.84 27.36 21.34
N LEU D 81 14.27 27.39 22.60
CA LEU D 81 15.41 28.22 22.99
C LEU D 81 16.68 27.77 22.26
N LYS D 82 16.92 26.46 22.19
CA LYS D 82 18.09 25.96 21.48
C LYS D 82 18.00 26.27 19.99
N ALA D 83 16.80 26.17 19.40
CA ALA D 83 16.63 26.52 18.00
C ALA D 83 16.92 28.00 17.75
N LYS D 84 16.46 28.87 18.65
CA LYS D 84 16.78 30.29 18.54
C LYS D 84 18.27 30.53 18.65
N GLU D 85 18.93 29.83 19.58
CA GLU D 85 20.38 29.97 19.72
C GLU D 85 21.10 29.54 18.45
N ILE D 86 20.64 28.44 17.84
CA ILE D 86 21.24 27.97 16.60
C ILE D 86 21.02 28.99 15.48
N ALA D 87 19.79 29.51 15.37
CA ALA D 87 19.46 30.42 14.28
C ALA D 87 20.13 31.78 14.43
N ASP D 88 20.48 32.18 15.65
CA ASP D 88 21.17 33.46 15.87
C ASP D 88 22.67 33.36 15.69
N PHE D 89 23.18 32.19 15.27
CA PHE D 89 24.60 32.02 14.99
C PHE D 89 24.84 31.81 13.50
N PHE D 90 23.76 31.69 12.72
CA PHE D 90 23.89 31.41 11.29
C PHE D 90 23.15 32.47 10.49
N LYS D 91 23.40 33.74 10.80
CA LYS D 91 22.68 34.85 10.19
C LYS D 91 23.03 34.97 8.71
N ASP D 92 22.35 35.88 8.02
CA ASP D 92 22.60 36.13 6.60
C ASP D 92 23.92 36.87 6.41
N GLY D 93 24.52 36.67 5.24
CA GLY D 93 25.75 37.35 4.89
C GLY D 93 26.91 37.06 5.82
N LYS D 94 27.05 35.79 6.21
CA LYS D 94 28.16 35.36 7.05
C LYS D 94 29.15 34.58 6.18
N MET D 95 30.40 35.05 6.18
CA MET D 95 31.44 34.49 5.32
C MET D 95 32.17 33.39 6.09
N LEU D 96 32.00 32.15 5.66
CA LEU D 96 32.70 31.03 6.26
C LEU D 96 34.13 30.97 5.74
N ASN D 97 34.82 29.85 6.03
CA ASN D 97 36.18 29.68 5.53
C ASN D 97 36.22 29.71 4.01
N VAL D 98 35.29 29.01 3.37
CA VAL D 98 35.18 29.05 1.91
C VAL D 98 33.71 29.04 1.51
N GLY D 99 33.24 30.16 0.96
CA GLY D 99 31.83 30.27 0.60
C GLY D 99 31.11 31.22 1.53
N TYR D 100 29.84 31.50 1.25
CA TYR D 100 29.06 32.39 2.09
C TYR D 100 27.65 31.87 2.31
N ILE D 101 26.89 32.52 3.17
CA ILE D 101 25.52 32.09 3.44
C ILE D 101 24.52 32.82 2.55
N PHE D 102 23.81 32.07 1.70
CA PHE D 102 22.84 32.67 0.81
C PHE D 102 21.55 33.03 1.54
N GLU D 103 21.10 32.17 2.45
CA GLU D 103 19.90 32.41 3.23
C GLU D 103 20.11 31.93 4.65
N GLY D 104 19.40 32.55 5.58
CA GLY D 104 19.57 32.29 7.00
C GLY D 104 18.86 31.03 7.45
N ALA D 105 18.93 30.78 8.76
CA ALA D 105 18.32 29.60 9.36
C ALA D 105 16.85 29.85 9.66
N ILE D 106 16.01 28.91 9.25
CA ILE D 106 14.55 29.01 9.38
C ILE D 106 14.11 27.88 10.31
N VAL D 107 13.39 28.23 11.37
CA VAL D 107 12.88 27.21 12.28
C VAL D 107 11.59 26.63 11.72
N HIS D 108 11.60 25.32 11.45
CA HIS D 108 10.48 24.67 10.80
C HIS D 108 9.55 23.97 11.78
N GLN D 109 8.61 23.19 11.24
CA GLN D 109 7.54 22.57 12.03
C GLN D 109 8.02 21.27 12.67
N ILE D 110 7.51 21.00 13.87
CA ILE D 110 7.92 19.82 14.63
C ILE D 110 7.53 18.55 13.91
N VAL D 111 8.43 17.57 13.89
CA VAL D 111 8.17 16.23 13.40
C VAL D 111 8.02 15.34 14.64
N LYS D 112 6.84 14.74 14.81
CA LYS D 112 6.54 14.02 16.04
C LYS D 112 6.72 12.51 15.87
N HIS D 113 6.95 11.85 16.99
CA HIS D 113 7.01 10.40 17.08
C HIS D 113 6.80 10.04 18.55
N GLU D 114 6.70 8.74 18.83
CA GLU D 114 6.47 8.25 20.18
C GLU D 114 7.77 7.93 20.91
N SER D 115 8.92 8.19 20.30
CA SER D 115 10.21 7.93 20.92
C SER D 115 11.14 9.14 20.82
N GLY D 116 10.63 10.25 20.33
CA GLY D 116 11.40 11.48 20.23
C GLY D 116 10.79 12.44 19.24
N TRP D 117 10.98 13.74 19.50
CA TRP D 117 10.53 14.80 18.63
C TRP D 117 11.74 15.57 18.10
N MET D 118 11.59 16.13 16.90
CA MET D 118 12.68 16.84 16.25
C MET D 118 12.20 18.17 15.68
N ILE D 119 13.03 19.20 15.83
CA ILE D 119 12.76 20.51 15.23
C ILE D 119 13.77 20.75 14.11
N PRO D 120 13.36 20.77 12.85
CA PRO D 120 14.32 21.00 11.76
C PRO D 120 14.68 22.47 11.66
N VAL D 121 15.99 22.74 11.57
CA VAL D 121 16.51 24.07 11.31
C VAL D 121 17.50 23.96 10.16
N ARG D 122 17.28 24.73 9.10
CA ARG D 122 18.09 24.61 7.90
C ARG D 122 18.45 25.98 7.35
N PHE D 123 19.58 26.03 6.65
CA PHE D 123 20.07 27.23 5.99
C PHE D 123 20.82 26.82 4.72
N THR D 124 21.18 27.81 3.91
CA THR D 124 21.82 27.57 2.62
C THR D 124 23.23 28.15 2.60
N VAL D 125 24.01 27.69 1.62
CA VAL D 125 25.38 28.15 1.40
C VAL D 125 25.55 28.39 -0.10
N ARG D 126 26.60 29.13 -0.47
CA ARG D 126 26.87 29.43 -1.86
C ARG D 126 28.35 29.76 -2.04
N VAL D 127 28.87 29.49 -3.24
CA VAL D 127 30.23 29.84 -3.61
C VAL D 127 30.26 30.09 -5.12
N ASP D 128 30.99 31.14 -5.53
CA ASP D 128 31.09 31.52 -6.93
C ASP D 128 32.50 31.30 -7.43
N THR D 129 32.63 30.61 -8.57
CA THR D 129 33.93 30.34 -9.15
C THR D 129 34.07 30.99 -10.51
N MET E 1 11.55 34.16 16.88
CA MET E 1 10.60 34.79 17.79
C MET E 1 9.36 33.93 17.97
N HIS E 2 9.45 32.67 17.51
CA HIS E 2 8.32 31.75 17.67
C HIS E 2 8.11 31.40 19.14
N TYR E 3 9.18 31.43 19.93
CA TYR E 3 9.11 31.26 21.37
C TYR E 3 8.04 32.16 21.98
N GLU E 4 8.22 33.47 21.84
CA GLU E 4 7.31 34.42 22.48
C GLU E 4 5.93 34.39 21.85
N LEU E 5 5.84 34.11 20.54
CA LEU E 5 4.53 34.02 19.90
C LEU E 5 3.71 32.87 20.47
N SER E 6 4.33 31.68 20.55
CA SER E 6 3.64 30.54 21.15
C SER E 6 3.32 30.81 22.61
N ALA E 7 4.22 31.52 23.30
CA ALA E 7 3.96 31.85 24.70
C ALA E 7 2.72 32.72 24.83
N ALA E 8 2.59 33.73 23.94
CA ALA E 8 1.43 34.62 23.99
C ALA E 8 0.14 33.86 23.65
N ALA E 9 0.19 33.00 22.64
CA ALA E 9 -1.00 32.23 22.29
C ALA E 9 -1.42 31.31 23.43
N ARG E 10 -0.46 30.65 24.06
CA ARG E 10 -0.75 29.81 25.22
C ARG E 10 -1.29 30.65 26.36
N ALA E 11 -0.78 31.87 26.51
CA ALA E 11 -1.26 32.77 27.56
C ALA E 11 -2.73 33.08 27.36
N ALA E 12 -3.10 33.46 26.13
CA ALA E 12 -4.49 33.83 25.88
C ALA E 12 -5.45 32.67 26.08
N PHE E 13 -5.16 31.52 25.48
CA PHE E 13 -6.05 30.38 25.60
C PHE E 13 -6.24 30.01 27.06
N LEU E 14 -5.14 29.88 27.79
CA LEU E 14 -5.23 29.55 29.20
C LEU E 14 -6.04 30.57 29.96
N SER E 15 -5.97 31.83 29.56
CA SER E 15 -6.68 32.88 30.27
C SER E 15 -8.19 32.68 30.22
N LYS E 16 -8.71 32.25 29.08
CA LYS E 16 -10.15 32.07 28.93
C LYS E 16 -10.61 30.65 29.26
N TYR E 17 -9.88 29.64 28.81
CA TYR E 17 -10.32 28.26 29.01
C TYR E 17 -9.40 27.42 29.90
N ARG E 18 -8.82 28.02 30.92
CA ARG E 18 -7.89 27.29 31.78
C ARG E 18 -8.56 26.11 32.45
N ASP E 19 -9.80 26.29 32.87
CA ASP E 19 -10.53 25.22 33.57
C ASP E 19 -10.92 24.11 32.60
N PHE E 20 -11.48 24.48 31.45
CA PHE E 20 -11.90 23.49 30.48
C PHE E 20 -10.80 22.48 30.21
N PRO E 21 -11.15 21.19 30.20
CA PRO E 21 -10.15 20.16 29.95
C PRO E 21 -9.43 20.41 28.63
N HIS E 22 -8.09 20.42 28.66
CA HIS E 22 -7.34 20.70 27.45
C HIS E 22 -6.02 19.94 27.38
N TYR E 23 -5.46 19.84 26.17
CA TYR E 23 -4.20 19.12 25.99
C TYR E 23 -3.09 20.07 25.59
N MET E 24 -1.98 20.04 26.31
CA MET E 24 -0.85 20.87 25.94
C MET E 24 0.27 19.99 25.39
N GLU E 25 1.10 20.59 24.54
CA GLU E 25 2.06 19.82 23.76
C GLU E 25 3.09 19.14 24.66
N ASN E 26 3.40 17.89 24.32
CA ASN E 26 4.49 17.12 24.92
C ASN E 26 4.28 16.86 26.41
N ARG E 27 3.06 16.99 26.90
CA ARG E 27 2.72 16.64 28.27
C ARG E 27 1.71 15.51 28.29
N ASN E 28 1.94 14.54 29.17
CA ASN E 28 1.11 13.34 29.24
C ASN E 28 -0.31 13.71 29.67
N PHE E 29 -1.26 13.53 28.76
CA PHE E 29 -2.66 13.86 29.01
C PHE E 29 -3.50 12.58 29.04
N THR E 30 -4.51 12.58 29.89
CA THR E 30 -5.47 11.48 29.98
C THR E 30 -6.87 12.02 29.66
N PRO E 31 -7.54 11.50 28.63
CA PRO E 31 -8.88 11.97 28.30
C PRO E 31 -9.84 11.77 29.46
N PRO E 32 -10.89 12.57 29.54
CA PRO E 32 -11.80 12.48 30.68
C PRO E 32 -12.38 11.08 30.84
N LYS E 33 -12.53 10.65 32.10
CA LYS E 33 -12.98 9.30 32.41
C LYS E 33 -14.41 9.07 31.96
N ASP E 34 -15.31 9.97 32.33
CA ASP E 34 -16.73 9.83 31.95
C ASP E 34 -16.92 9.95 30.45
N GLY E 35 -16.00 10.64 29.78
CA GLY E 35 -16.07 10.83 28.35
C GLY E 35 -16.76 12.13 28.02
N GLY E 36 -16.02 13.11 27.56
CA GLY E 36 -16.61 14.42 27.33
C GLY E 36 -15.81 15.22 26.33
N MET E 37 -16.00 16.53 26.40
CA MET E 37 -15.46 17.47 25.43
C MET E 37 -14.21 18.12 26.00
N TRP E 38 -13.05 17.73 25.49
CA TRP E 38 -11.80 18.39 25.83
C TRP E 38 -11.32 19.21 24.63
N LEU E 39 -10.25 19.96 24.80
CA LEU E 39 -9.74 20.83 23.75
C LEU E 39 -8.29 20.51 23.48
N ARG E 40 -7.94 20.32 22.21
CA ARG E 40 -6.59 20.02 21.80
C ARG E 40 -5.93 21.28 21.24
N PHE E 41 -4.80 21.67 21.84
CA PHE E 41 -4.09 22.87 21.44
C PHE E 41 -2.83 22.47 20.67
N ASN E 42 -2.70 22.98 19.45
CA ASN E 42 -1.56 22.69 18.60
C ASN E 42 -1.05 23.97 17.98
N TYR E 43 0.27 24.10 17.88
CA TYR E 43 0.92 25.27 17.33
C TYR E 43 1.80 24.85 16.16
N ILE E 44 1.42 25.28 14.96
CA ILE E 44 2.10 24.90 13.73
C ILE E 44 2.87 26.12 13.21
N GLU E 45 4.15 25.92 12.93
CA GLU E 45 5.02 27.00 12.48
C GLU E 45 4.79 27.30 11.01
N GLY E 46 5.43 28.35 10.51
CA GLY E 46 5.29 28.75 9.13
C GLY E 46 6.58 29.21 8.50
N ASP E 47 6.55 30.35 7.81
CA ASP E 47 7.71 30.89 7.11
C ASP E 47 8.10 32.23 7.71
N THR E 48 9.33 32.63 7.42
CA THR E 48 9.88 33.93 7.84
C THR E 48 10.26 34.70 6.59
N LEU E 49 9.47 35.72 6.26
CA LEU E 49 9.70 36.51 5.06
C LEU E 49 10.85 37.48 5.27
N TYR E 50 11.57 37.77 4.20
CA TYR E 50 12.69 38.72 4.20
C TYR E 50 12.26 39.94 3.40
N LEU E 51 11.61 40.91 4.06
CA LEU E 51 11.00 42.05 3.38
C LEU E 51 11.95 43.24 3.44
N SER E 52 13.13 43.08 2.83
CA SER E 52 14.11 44.16 2.74
C SER E 52 15.28 43.80 1.84
N ILE E 53 16.12 44.79 1.54
CA ILE E 53 17.40 44.54 0.89
C ILE E 53 18.55 44.46 1.87
N ASP E 54 18.50 45.20 2.97
CA ASP E 54 19.52 45.16 4.01
C ASP E 54 19.54 43.83 4.75
N ARG E 55 18.54 42.98 4.54
CA ARG E 55 18.42 41.68 5.20
C ARG E 55 18.25 41.83 6.71
N LYS E 56 17.74 42.97 7.15
CA LYS E 56 17.50 43.24 8.57
C LYS E 56 16.06 43.73 8.76
N CYS E 57 15.11 43.06 8.12
CA CYS E 57 13.69 43.35 8.30
C CYS E 57 12.93 42.08 7.94
N LYS E 58 12.50 41.33 8.95
CA LYS E 58 11.89 40.05 8.70
C LYS E 58 10.70 39.86 9.62
N SER E 59 9.73 39.06 9.17
CA SER E 59 8.50 38.84 9.91
C SER E 59 8.25 37.35 10.02
N TYR E 60 7.61 36.93 11.10
CA TYR E 60 7.31 35.53 11.39
C TYR E 60 5.82 35.26 11.36
N ILE E 61 5.45 34.11 10.80
CA ILE E 61 4.05 33.71 10.69
C ILE E 61 3.88 32.29 11.22
N ALA E 62 2.88 32.09 12.06
CA ALA E 62 2.58 30.79 12.64
C ALA E 62 1.08 30.54 12.62
N ILE E 63 0.70 29.26 12.67
CA ILE E 63 -0.69 28.86 12.63
C ILE E 63 -1.01 28.12 13.93
N VAL E 64 -2.07 28.55 14.61
CA VAL E 64 -2.51 27.94 15.86
C VAL E 64 -3.81 27.19 15.59
N GLN E 65 -3.87 25.92 16.05
CA GLN E 65 -5.01 25.05 15.78
C GLN E 65 -5.60 24.59 17.12
N ILE E 66 -6.87 24.92 17.34
CA ILE E 66 -7.60 24.45 18.51
C ILE E 66 -8.69 23.49 18.05
N GLY E 67 -8.66 22.26 18.56
CA GLY E 67 -9.60 21.25 18.11
C GLY E 67 -10.56 20.78 19.19
N VAL E 68 -11.86 20.88 18.91
CA VAL E 68 -12.89 20.45 19.85
C VAL E 68 -13.19 18.97 19.63
N VAL E 69 -12.94 18.15 20.64
CA VAL E 69 -13.16 16.71 20.53
C VAL E 69 -14.33 16.32 21.42
N PHE E 70 -15.29 15.60 20.86
CA PHE E 70 -16.50 15.21 21.56
C PHE E 70 -16.83 13.75 21.29
N PRO E 71 -17.48 13.06 22.22
CA PRO E 71 -17.73 11.62 22.06
C PRO E 71 -18.72 11.35 20.93
N PRO E 72 -18.66 10.16 20.34
CA PRO E 72 -19.63 9.81 19.29
C PRO E 72 -20.95 9.32 19.84
N GLY E 73 -22.06 9.81 19.29
CA GLY E 73 -23.37 9.36 19.71
C GLY E 73 -24.23 10.46 20.31
N SER E 74 -23.58 11.45 20.91
CA SER E 74 -24.30 12.55 21.54
C SER E 74 -25.03 13.41 20.51
N GLY E 75 -24.32 13.84 19.47
CA GLY E 75 -24.90 14.73 18.49
C GLY E 75 -24.00 15.93 18.29
N VAL E 76 -24.24 16.64 17.18
CA VAL E 76 -23.42 17.81 16.88
C VAL E 76 -24.26 19.08 16.92
N ASP E 77 -24.43 19.66 18.10
CA ASP E 77 -24.82 21.06 18.21
C ASP E 77 -23.98 21.77 19.26
N GLU E 78 -23.66 21.07 20.34
CA GLU E 78 -22.84 21.66 21.40
C GLU E 78 -21.44 21.96 20.90
N ALA E 79 -20.88 21.08 20.07
CA ALA E 79 -19.56 21.31 19.51
C ALA E 79 -19.55 22.57 18.65
N ARG E 80 -20.60 22.80 17.89
CA ARG E 80 -20.68 24.00 17.07
C ARG E 80 -20.82 25.26 17.92
N LEU E 81 -21.58 25.19 19.01
CA LEU E 81 -21.65 26.34 19.91
C LEU E 81 -20.29 26.64 20.53
N LYS E 82 -19.57 25.60 20.95
CA LYS E 82 -18.24 25.82 21.51
C LYS E 82 -17.28 26.37 20.47
N ALA E 83 -17.38 25.89 19.22
CA ALA E 83 -16.54 26.42 18.15
C ALA E 83 -16.84 27.89 17.89
N LYS E 84 -18.12 28.27 17.93
CA LYS E 84 -18.48 29.68 17.80
C LYS E 84 -17.91 30.50 18.95
N GLU E 85 -17.96 29.95 20.17
CA GLU E 85 -17.41 30.64 21.33
C GLU E 85 -15.91 30.88 21.16
N ILE E 86 -15.18 29.87 20.69
CA ILE E 86 -13.75 30.05 20.46
C ILE E 86 -13.51 31.06 19.34
N ALA E 87 -14.28 30.97 18.26
CA ALA E 87 -14.08 31.86 17.11
C ALA E 87 -14.40 33.31 17.45
N ASP E 88 -15.29 33.57 18.40
CA ASP E 88 -15.65 34.93 18.79
C ASP E 88 -14.71 35.51 19.84
N PHE E 89 -13.66 34.77 20.22
CA PHE E 89 -12.66 35.27 21.16
C PHE E 89 -11.32 35.51 20.46
N PHE E 90 -11.22 35.12 19.20
CA PHE E 90 -9.96 35.22 18.46
C PHE E 90 -10.16 36.02 17.19
N LYS E 91 -10.80 37.18 17.31
CA LYS E 91 -11.17 38.01 16.16
C LYS E 91 -9.91 38.56 15.48
N ASP E 92 -10.10 39.16 14.32
CA ASP E 92 -9.01 39.77 13.57
C ASP E 92 -8.54 41.04 14.26
N GLY E 93 -7.26 41.36 14.06
CA GLY E 93 -6.69 42.59 14.62
C GLY E 93 -6.72 42.66 16.13
N LYS E 94 -6.36 41.56 16.78
CA LYS E 94 -6.28 41.49 18.23
C LYS E 94 -4.81 41.48 18.66
N MET E 95 -4.46 42.40 19.55
CA MET E 95 -3.07 42.56 20.00
C MET E 95 -2.84 41.66 21.22
N LEU E 96 -2.05 40.61 21.03
CA LEU E 96 -1.65 39.75 22.14
C LEU E 96 -0.52 40.41 22.92
N ASN E 97 0.09 39.64 23.82
CA ASN E 97 1.22 40.16 24.59
C ASN E 97 2.37 40.57 23.67
N VAL E 98 2.69 39.74 22.68
CA VAL E 98 3.68 40.09 21.66
C VAL E 98 3.21 39.60 20.30
N GLY E 99 2.96 40.52 19.38
CA GLY E 99 2.48 40.16 18.06
C GLY E 99 1.03 40.50 17.86
N TYR E 100 0.44 40.05 16.76
CA TYR E 100 -0.97 40.33 16.49
C TYR E 100 -1.59 39.20 15.68
N ILE E 101 -2.90 39.29 15.46
CA ILE E 101 -3.60 38.26 14.70
C ILE E 101 -3.75 38.64 13.23
N PHE E 102 -3.06 37.94 12.34
CA PHE E 102 -3.12 38.25 10.91
C PHE E 102 -4.47 37.89 10.31
N GLU E 103 -5.02 36.75 10.71
CA GLU E 103 -6.31 36.29 10.21
C GLU E 103 -7.11 35.69 11.34
N GLY E 104 -8.43 35.74 11.22
CA GLY E 104 -9.34 35.28 12.24
C GLY E 104 -9.45 33.76 12.29
N ALA E 105 -10.42 33.29 13.08
CA ALA E 105 -10.64 31.87 13.25
C ALA E 105 -11.70 31.37 12.28
N ILE E 106 -11.39 30.28 11.58
CA ILE E 106 -12.27 29.68 10.58
C ILE E 106 -12.65 28.29 11.09
N VAL E 107 -13.94 28.02 11.20
CA VAL E 107 -14.40 26.71 11.62
C VAL E 107 -14.36 25.77 10.41
N HIS E 108 -13.62 24.68 10.52
CA HIS E 108 -13.41 23.78 9.39
C HIS E 108 -14.31 22.55 9.45
N GLN E 109 -14.08 21.60 8.56
CA GLN E 109 -14.92 20.42 8.41
C GLN E 109 -14.56 19.37 9.45
N ILE E 110 -15.58 18.67 9.95
CA ILE E 110 -15.38 17.68 11.00
C ILE E 110 -14.53 16.52 10.50
N VAL E 111 -13.72 15.97 11.38
CA VAL E 111 -12.92 14.78 11.13
C VAL E 111 -13.54 13.67 11.95
N LYS E 112 -14.03 12.63 11.29
CA LYS E 112 -14.83 11.61 11.96
C LYS E 112 -13.99 10.38 12.29
N HIS E 113 -14.43 9.66 13.32
CA HIS E 113 -13.84 8.38 13.72
C HIS E 113 -14.88 7.65 14.56
N GLU E 114 -14.59 6.40 14.90
CA GLU E 114 -15.50 5.57 15.68
C GLU E 114 -15.25 5.68 17.18
N SER E 115 -14.32 6.52 17.60
CA SER E 115 -14.03 6.72 19.02
C SER E 115 -13.99 8.20 19.40
N GLY E 116 -14.36 9.06 18.48
CA GLY E 116 -14.42 10.49 18.75
C GLY E 116 -14.36 11.31 17.47
N TRP E 117 -15.00 12.46 17.51
CA TRP E 117 -15.04 13.40 16.40
C TRP E 117 -14.34 14.69 16.82
N MET E 118 -13.77 15.39 15.83
CA MET E 118 -13.05 16.63 16.10
C MET E 118 -13.42 17.68 15.06
N ILE E 119 -13.62 18.92 15.53
CA ILE E 119 -13.88 20.06 14.66
C ILE E 119 -12.70 21.01 14.73
N PRO E 120 -11.87 21.10 13.69
CA PRO E 120 -10.69 21.96 13.76
C PRO E 120 -11.05 23.43 13.67
N VAL E 121 -10.40 24.24 14.51
CA VAL E 121 -10.50 25.70 14.46
C VAL E 121 -9.09 26.25 14.50
N ARG E 122 -8.75 27.10 13.54
CA ARG E 122 -7.39 27.61 13.43
C ARG E 122 -7.38 29.09 13.09
N PHE E 123 -6.29 29.75 13.48
CA PHE E 123 -6.05 31.15 13.18
C PHE E 123 -4.54 31.38 13.05
N THR E 124 -4.16 32.59 12.67
CA THR E 124 -2.77 32.92 12.39
C THR E 124 -2.30 34.04 13.31
N VAL E 125 -0.98 34.26 13.32
CA VAL E 125 -0.33 35.30 14.10
C VAL E 125 0.81 35.89 13.28
N ARG E 126 1.36 37.01 13.73
CA ARG E 126 2.42 37.68 12.99
C ARG E 126 3.19 38.61 13.92
N VAL E 127 4.51 38.67 13.72
CA VAL E 127 5.39 39.59 14.43
C VAL E 127 6.32 40.25 13.41
N ASP E 128 6.45 41.56 13.50
CA ASP E 128 7.35 42.32 12.64
C ASP E 128 8.51 42.87 13.45
N THR E 129 9.74 42.56 13.00
CA THR E 129 10.93 43.03 13.67
C THR E 129 11.78 43.91 12.76
N MET F 1 20.70 6.43 -33.19
CA MET F 1 22.11 6.08 -33.15
C MET F 1 22.62 6.05 -31.71
N HIS F 2 21.79 5.51 -30.80
CA HIS F 2 22.18 5.43 -29.41
C HIS F 2 23.26 4.37 -29.19
N TYR F 3 23.33 3.38 -30.08
CA TYR F 3 24.34 2.35 -30.05
C TYR F 3 25.74 2.93 -29.99
N GLU F 4 26.10 3.70 -31.02
CA GLU F 4 27.45 4.26 -31.09
C GLU F 4 27.70 5.27 -29.98
N LEU F 5 26.65 5.97 -29.54
CA LEU F 5 26.81 6.92 -28.44
C LEU F 5 27.20 6.21 -27.15
N SER F 6 26.49 5.14 -26.81
CA SER F 6 26.84 4.36 -25.63
C SER F 6 28.21 3.73 -25.79
N ALA F 7 28.54 3.28 -27.01
CA ALA F 7 29.85 2.69 -27.25
C ALA F 7 30.96 3.70 -26.99
N ALA F 8 30.73 4.95 -27.40
CA ALA F 8 31.74 5.99 -27.18
C ALA F 8 31.86 6.38 -25.71
N ALA F 9 30.72 6.46 -25.01
CA ALA F 9 30.79 6.72 -23.57
C ALA F 9 31.53 5.60 -22.84
N ARG F 10 31.26 4.35 -23.22
CA ARG F 10 32.01 3.23 -22.67
C ARG F 10 33.48 3.30 -23.08
N ALA F 11 33.76 3.81 -24.28
CA ALA F 11 35.13 4.02 -24.72
C ALA F 11 35.88 4.89 -23.73
N ALA F 12 35.31 6.04 -23.39
CA ALA F 12 36.00 7.00 -22.50
C ALA F 12 36.15 6.57 -21.03
N PHE F 13 35.07 6.13 -20.40
CA PHE F 13 35.14 5.79 -18.97
C PHE F 13 36.23 4.77 -18.71
N LEU F 14 36.25 3.70 -19.49
CA LEU F 14 37.25 2.66 -19.31
C LEU F 14 38.64 3.23 -19.50
N SER F 15 38.78 4.17 -20.42
CA SER F 15 40.08 4.78 -20.68
C SER F 15 40.72 5.26 -19.40
N LYS F 16 39.93 5.91 -18.56
CA LYS F 16 40.46 6.45 -17.30
C LYS F 16 40.27 5.50 -16.13
N TYR F 17 39.22 4.69 -16.15
CA TYR F 17 38.94 3.82 -15.01
C TYR F 17 38.70 2.37 -15.39
N ARG F 18 39.65 1.74 -16.08
CA ARG F 18 39.51 0.34 -16.44
C ARG F 18 39.97 -0.57 -15.31
N ASP F 19 40.67 0.00 -14.33
CA ASP F 19 41.18 -0.79 -13.22
C ASP F 19 40.28 -0.70 -12.00
N PHE F 20 39.81 0.50 -11.71
CA PHE F 20 38.94 0.68 -10.55
C PHE F 20 37.73 -0.23 -10.68
N PRO F 21 37.37 -0.91 -9.58
CA PRO F 21 36.26 -1.86 -9.66
C PRO F 21 35.00 -1.18 -10.17
N HIS F 22 34.31 -1.78 -11.13
CA HIS F 22 33.12 -1.16 -11.70
C HIS F 22 32.03 -2.15 -12.08
N TYR F 23 30.97 -1.67 -12.72
CA TYR F 23 29.85 -2.52 -13.08
C TYR F 23 29.34 -2.11 -14.45
N MET F 24 29.35 -3.05 -15.39
CA MET F 24 28.80 -2.84 -16.72
C MET F 24 27.42 -3.47 -16.82
N GLU F 25 26.59 -2.91 -17.68
CA GLU F 25 25.19 -3.27 -17.73
C GLU F 25 25.00 -4.73 -18.17
N ASN F 26 24.04 -5.39 -17.53
CA ASN F 26 23.57 -6.72 -17.92
C ASN F 26 24.64 -7.80 -17.83
N ARG F 27 25.72 -7.54 -17.11
CA ARG F 27 26.75 -8.54 -16.85
C ARG F 27 26.90 -8.78 -15.36
N ASN F 28 27.06 -10.04 -14.98
CA ASN F 28 27.08 -10.43 -13.57
C ASN F 28 28.29 -9.84 -12.89
N PHE F 29 28.06 -8.97 -11.91
CA PHE F 29 29.11 -8.35 -11.13
C PHE F 29 29.00 -8.74 -9.67
N THR F 30 30.16 -8.86 -9.02
CA THR F 30 30.22 -9.16 -7.58
C THR F 30 30.95 -8.04 -6.87
N PRO F 31 30.34 -7.43 -5.85
CA PRO F 31 30.99 -6.35 -5.12
C PRO F 31 32.29 -6.83 -4.48
N PRO F 32 33.26 -5.94 -4.28
CA PRO F 32 34.56 -6.36 -3.75
C PRO F 32 34.41 -7.08 -2.41
N LYS F 33 35.19 -8.14 -2.23
CA LYS F 33 35.13 -8.97 -1.03
C LYS F 33 35.52 -8.18 0.21
N ASP F 34 36.58 -7.38 0.12
CA ASP F 34 37.03 -6.57 1.23
C ASP F 34 35.93 -5.57 1.57
N GLY F 35 35.34 -4.98 0.55
CA GLY F 35 34.35 -3.93 0.73
C GLY F 35 34.97 -2.57 0.52
N GLY F 36 34.72 -1.97 -0.64
CA GLY F 36 35.37 -0.73 -0.96
C GLY F 36 34.55 0.08 -1.94
N MET F 37 35.26 0.84 -2.76
CA MET F 37 34.65 1.82 -3.66
C MET F 37 34.65 1.24 -5.08
N TRP F 38 33.47 1.01 -5.62
CA TRP F 38 33.33 0.64 -7.02
C TRP F 38 32.51 1.71 -7.73
N LEU F 39 32.41 1.61 -9.06
CA LEU F 39 31.70 2.59 -9.86
C LEU F 39 30.62 1.89 -10.66
N ARG F 40 29.42 2.47 -10.67
CA ARG F 40 28.30 1.91 -11.41
C ARG F 40 28.04 2.75 -12.65
N PHE F 41 28.08 2.12 -13.82
CA PHE F 41 27.88 2.80 -15.09
C PHE F 41 26.49 2.52 -15.63
N ASN F 42 25.74 3.60 -15.89
CA ASN F 42 24.39 3.48 -16.41
C ASN F 42 24.20 4.49 -17.54
N TYR F 43 23.48 4.06 -18.58
CA TYR F 43 23.25 4.87 -19.76
C TYR F 43 21.75 5.00 -19.96
N ILE F 44 21.23 6.22 -19.84
CA ILE F 44 19.81 6.50 -19.93
C ILE F 44 19.53 7.24 -21.23
N GLU F 45 18.59 6.74 -22.01
CA GLU F 45 18.23 7.35 -23.28
C GLU F 45 17.34 8.57 -23.05
N GLY F 46 17.12 9.33 -24.12
CA GLY F 46 16.31 10.53 -24.03
C GLY F 46 15.42 10.76 -25.23
N ASP F 47 15.43 11.97 -25.78
CA ASP F 47 14.58 12.36 -26.88
C ASP F 47 15.36 12.38 -28.20
N THR F 48 14.62 12.26 -29.29
CA THR F 48 15.16 12.44 -30.64
C THR F 48 14.35 13.55 -31.30
N LEU F 49 14.98 14.71 -31.46
CA LEU F 49 14.28 15.89 -31.95
C LEU F 49 14.25 15.92 -33.47
N TYR F 50 13.24 16.59 -34.02
CA TYR F 50 13.06 16.73 -35.46
C TYR F 50 13.22 18.21 -35.81
N LEU F 51 14.44 18.64 -36.11
CA LEU F 51 14.74 20.04 -36.37
C LEU F 51 14.76 20.29 -37.88
N SER F 52 13.60 20.09 -38.51
CA SER F 52 13.45 20.38 -39.94
C SER F 52 12.00 20.27 -40.38
N ILE F 53 11.73 20.62 -41.64
CA ILE F 53 10.46 20.32 -42.28
C ILE F 53 10.56 19.19 -43.27
N ASP F 54 11.76 18.92 -43.81
CA ASP F 54 12.00 17.77 -44.67
C ASP F 54 11.98 16.45 -43.91
N ARG F 55 11.94 16.51 -42.58
CA ARG F 55 11.94 15.32 -41.71
C ARG F 55 13.21 14.49 -41.90
N LYS F 56 14.30 15.13 -42.35
CA LYS F 56 15.57 14.47 -42.56
C LYS F 56 16.68 15.27 -41.89
N CYS F 57 16.43 15.72 -40.66
CA CYS F 57 17.43 16.39 -39.86
C CYS F 57 17.05 16.18 -38.40
N LYS F 58 17.69 15.22 -37.75
CA LYS F 58 17.33 14.82 -36.40
C LYS F 58 18.58 14.69 -35.54
N SER F 59 18.39 14.86 -34.24
CA SER F 59 19.48 14.78 -33.27
C SER F 59 19.05 13.89 -32.12
N TYR F 60 20.00 13.17 -31.53
CA TYR F 60 19.73 12.26 -30.44
C TYR F 60 20.39 12.74 -29.15
N ILE F 61 19.65 12.59 -28.04
CA ILE F 61 20.12 13.03 -26.73
C ILE F 61 20.02 11.86 -25.75
N ALA F 62 21.08 11.65 -24.97
CA ALA F 62 21.12 10.59 -23.97
C ALA F 62 21.81 11.09 -22.70
N ILE F 63 21.54 10.41 -21.59
CA ILE F 63 22.10 10.78 -20.29
C ILE F 63 22.93 9.62 -19.79
N VAL F 64 24.19 9.91 -19.42
CA VAL F 64 25.11 8.92 -18.89
C VAL F 64 25.30 9.19 -17.41
N GLN F 65 25.18 8.14 -16.58
CA GLN F 65 25.21 8.28 -15.12
C GLN F 65 26.25 7.32 -14.55
N ILE F 66 27.29 7.87 -13.92
CA ILE F 66 28.27 7.08 -13.20
C ILE F 66 28.14 7.38 -11.71
N GLY F 67 27.97 6.33 -10.91
CA GLY F 67 27.77 6.49 -9.47
C GLY F 67 28.77 5.75 -8.61
N VAL F 68 29.44 6.50 -7.73
CA VAL F 68 30.50 5.97 -6.86
C VAL F 68 29.91 5.50 -5.53
N VAL F 69 30.22 4.25 -5.16
CA VAL F 69 29.65 3.68 -3.94
C VAL F 69 30.71 3.39 -2.91
N PHE F 70 30.46 3.80 -1.66
CA PHE F 70 31.43 3.57 -0.60
C PHE F 70 30.77 2.93 0.61
N PRO F 71 31.53 2.13 1.36
CA PRO F 71 30.95 1.43 2.51
C PRO F 71 30.52 2.36 3.64
N PRO F 72 29.52 1.96 4.43
CA PRO F 72 29.05 2.75 5.58
C PRO F 72 30.03 2.73 6.74
N GLY F 73 30.52 3.90 7.16
CA GLY F 73 31.42 3.96 8.28
C GLY F 73 32.75 4.62 7.97
N SER F 74 33.17 4.54 6.71
CA SER F 74 34.45 5.09 6.29
C SER F 74 34.48 6.61 6.44
N GLY F 75 33.46 7.28 5.93
CA GLY F 75 33.45 8.73 5.92
C GLY F 75 33.46 9.22 4.49
N VAL F 76 33.30 10.55 4.36
CA VAL F 76 33.22 11.14 3.04
C VAL F 76 34.35 12.15 2.79
N ASP F 77 35.48 11.65 2.29
CA ASP F 77 36.46 12.51 1.64
C ASP F 77 36.86 11.91 0.31
N GLU F 78 37.02 10.59 0.28
CA GLU F 78 37.49 9.92 -0.94
C GLU F 78 36.40 9.90 -2.00
N ALA F 79 35.14 9.81 -1.58
CA ALA F 79 34.04 9.87 -2.54
C ALA F 79 34.04 11.20 -3.29
N ARG F 80 34.26 12.30 -2.58
CA ARG F 80 34.21 13.61 -3.23
C ARG F 80 35.44 13.86 -4.09
N LEU F 81 36.61 13.40 -3.67
CA LEU F 81 37.79 13.52 -4.54
C LEU F 81 37.62 12.67 -5.80
N LYS F 82 37.05 11.46 -5.66
CA LYS F 82 36.79 10.65 -6.84
C LYS F 82 35.74 11.30 -7.74
N ALA F 83 34.74 11.95 -7.14
CA ALA F 83 33.75 12.67 -7.93
C ALA F 83 34.38 13.82 -8.69
N LYS F 84 35.30 14.54 -8.06
CA LYS F 84 36.03 15.59 -8.78
C LYS F 84 36.87 15.01 -9.90
N GLU F 85 37.51 13.87 -9.65
CA GLU F 85 38.29 13.22 -10.71
C GLU F 85 37.41 12.84 -11.89
N ILE F 86 36.21 12.34 -11.62
CA ILE F 86 35.27 12.01 -12.69
C ILE F 86 34.84 13.26 -13.43
N ALA F 87 34.51 14.33 -12.68
CA ALA F 87 33.99 15.55 -13.29
C ALA F 87 35.04 16.29 -14.11
N ASP F 88 36.32 16.15 -13.77
CA ASP F 88 37.38 16.82 -14.51
C ASP F 88 37.82 16.05 -15.74
N PHE F 89 37.23 14.88 -15.99
CA PHE F 89 37.50 14.14 -17.22
C PHE F 89 36.31 14.19 -18.16
N PHE F 90 35.25 14.91 -17.78
CA PHE F 90 34.04 14.97 -18.56
C PHE F 90 33.57 16.40 -18.73
N LYS F 91 34.48 17.28 -19.14
CA LYS F 91 34.18 18.70 -19.29
C LYS F 91 33.24 18.92 -20.48
N ASP F 92 32.90 20.18 -20.74
CA ASP F 92 32.06 20.53 -21.87
C ASP F 92 32.87 20.48 -23.16
N GLY F 93 32.17 20.33 -24.28
CA GLY F 93 32.78 20.38 -25.60
C GLY F 93 33.88 19.37 -25.82
N LYS F 94 33.65 18.14 -25.40
CA LYS F 94 34.58 17.05 -25.63
C LYS F 94 34.11 16.20 -26.80
N MET F 95 34.96 16.08 -27.82
CA MET F 95 34.64 15.31 -29.02
C MET F 95 35.05 13.87 -28.79
N LEU F 96 34.06 13.00 -28.57
CA LEU F 96 34.32 11.58 -28.46
C LEU F 96 34.54 10.99 -29.86
N ASN F 97 34.64 9.66 -29.93
CA ASN F 97 34.82 9.02 -31.22
C ASN F 97 33.66 9.30 -32.16
N VAL F 98 32.43 9.23 -31.65
CA VAL F 98 31.25 9.62 -32.43
C VAL F 98 30.26 10.33 -31.53
N GLY F 99 30.20 11.67 -31.62
CA GLY F 99 29.31 12.45 -30.76
C GLY F 99 30.03 13.46 -29.89
N TYR F 100 29.28 14.26 -29.13
CA TYR F 100 29.89 15.27 -28.25
C TYR F 100 29.13 15.45 -26.95
N ILE F 101 29.72 16.16 -25.99
CA ILE F 101 29.09 16.37 -24.69
C ILE F 101 28.29 17.67 -24.63
N PHE F 102 26.97 17.59 -24.71
CA PHE F 102 26.12 18.77 -24.69
C PHE F 102 26.26 19.51 -23.37
N GLU F 103 26.26 18.79 -22.25
CA GLU F 103 26.41 19.37 -20.93
C GLU F 103 27.39 18.53 -20.12
N GLY F 104 28.11 19.19 -19.24
CA GLY F 104 29.16 18.55 -18.46
C GLY F 104 28.64 17.78 -17.27
N ALA F 105 29.57 17.20 -16.53
CA ALA F 105 29.23 16.39 -15.36
C ALA F 105 29.07 17.28 -14.14
N ILE F 106 27.95 17.09 -13.43
CA ILE F 106 27.65 17.82 -12.20
C ILE F 106 27.49 16.78 -11.11
N VAL F 107 27.93 17.12 -9.89
CA VAL F 107 27.82 16.18 -8.78
C VAL F 107 26.47 16.38 -8.10
N HIS F 108 25.70 15.30 -8.00
CA HIS F 108 24.33 15.38 -7.47
C HIS F 108 24.28 15.09 -5.98
N GLN F 109 23.07 14.92 -5.46
CA GLN F 109 22.83 14.78 -4.04
C GLN F 109 23.07 13.34 -3.59
N ILE F 110 23.62 13.19 -2.39
CA ILE F 110 23.94 11.87 -1.87
C ILE F 110 22.67 11.06 -1.62
N VAL F 111 22.72 9.79 -2.04
CA VAL F 111 21.65 8.83 -1.78
C VAL F 111 22.19 7.84 -0.76
N LYS F 112 21.53 7.75 0.39
CA LYS F 112 22.08 7.01 1.50
C LYS F 112 21.29 5.73 1.77
N HIS F 113 21.94 4.80 2.46
CA HIS F 113 21.35 3.52 2.86
C HIS F 113 22.17 3.00 4.03
N GLU F 114 21.81 1.81 4.51
CA GLU F 114 22.50 1.19 5.64
C GLU F 114 23.56 0.18 5.21
N SER F 115 23.71 -0.06 3.90
CA SER F 115 24.70 -1.01 3.41
C SER F 115 25.51 -0.43 2.25
N GLY F 116 25.43 0.88 2.05
CA GLY F 116 26.18 1.53 0.99
C GLY F 116 25.60 2.90 0.67
N TRP F 117 26.50 3.84 0.40
CA TRP F 117 26.14 5.21 0.04
C TRP F 117 26.74 5.54 -1.32
N MET F 118 25.98 6.25 -2.14
CA MET F 118 26.42 6.55 -3.49
C MET F 118 26.26 8.04 -3.80
N ILE F 119 27.15 8.54 -4.65
CA ILE F 119 27.12 9.93 -5.11
C ILE F 119 26.89 9.96 -6.61
N PRO F 120 25.67 10.18 -7.08
CA PRO F 120 25.41 10.16 -8.53
C PRO F 120 26.10 11.32 -9.25
N VAL F 121 26.71 11.00 -10.38
CA VAL F 121 27.32 11.98 -11.27
C VAL F 121 26.88 11.66 -12.70
N ARG F 122 26.38 12.67 -13.42
CA ARG F 122 25.83 12.44 -14.74
C ARG F 122 26.18 13.59 -15.69
N PHE F 123 26.18 13.27 -16.98
CA PHE F 123 26.41 14.24 -18.05
C PHE F 123 25.56 13.85 -19.25
N THR F 124 25.60 14.67 -20.29
CA THR F 124 24.77 14.47 -21.47
C THR F 124 25.63 14.33 -22.73
N VAL F 125 25.02 13.79 -23.78
CA VAL F 125 25.67 13.54 -25.06
C VAL F 125 24.74 14.01 -26.18
N ARG F 126 25.29 14.14 -27.39
CA ARG F 126 24.52 14.63 -28.53
C ARG F 126 25.22 14.29 -29.83
N VAL F 127 24.43 13.96 -30.85
CA VAL F 127 24.90 13.83 -32.23
C VAL F 127 23.88 14.50 -33.16
N ASP F 128 24.37 15.11 -34.23
CA ASP F 128 23.52 15.72 -35.24
C ASP F 128 23.72 15.01 -36.57
N THR F 129 22.62 14.57 -37.18
CA THR F 129 22.68 13.86 -38.45
C THR F 129 21.95 14.62 -39.55
N MET G 1 29.82 -32.38 14.96
CA MET G 1 29.06 -33.28 14.10
C MET G 1 29.94 -33.81 12.99
N ASN G 2 29.74 -35.07 12.63
CA ASN G 2 30.50 -35.64 11.53
C ASN G 2 29.88 -35.19 10.23
N TYR G 3 30.18 -33.96 9.83
CA TYR G 3 29.58 -33.43 8.62
C TYR G 3 29.67 -34.40 7.44
N SER G 4 30.66 -35.30 7.45
CA SER G 4 30.72 -36.29 6.39
C SER G 4 29.49 -37.20 6.41
N GLN G 5 29.04 -37.57 7.61
CA GLN G 5 27.83 -38.38 7.74
C GLN G 5 26.61 -37.62 7.22
N ILE G 6 26.51 -36.34 7.55
CA ILE G 6 25.41 -35.52 7.05
C ILE G 6 25.47 -35.43 5.53
N GLU G 7 26.66 -35.24 4.98
CA GLU G 7 26.83 -35.15 3.54
C GLU G 7 26.39 -36.44 2.85
N ARG G 8 26.82 -37.59 3.36
CA ARG G 8 26.47 -38.84 2.71
C ARG G 8 24.97 -39.13 2.84
N MET G 9 24.37 -38.78 3.98
CA MET G 9 22.93 -38.96 4.12
C MET G 9 22.16 -38.06 3.17
N ALA G 10 22.59 -36.81 3.02
CA ALA G 10 21.91 -35.91 2.09
C ALA G 10 22.05 -36.39 0.65
N ARG G 11 23.24 -36.87 0.28
CA ARG G 11 23.43 -37.39 -1.06
C ARG G 11 22.55 -38.61 -1.31
N LYS G 12 22.44 -39.51 -0.32
CA LYS G 12 21.58 -40.66 -0.46
C LYS G 12 20.13 -40.25 -0.63
N GLY G 13 19.67 -39.26 0.15
CA GLY G 13 18.30 -38.81 0.01
C GLY G 13 18.01 -38.19 -1.34
N VAL G 14 18.92 -37.33 -1.82
CA VAL G 14 18.74 -36.70 -3.12
C VAL G 14 18.73 -37.74 -4.23
N ALA G 15 19.61 -38.75 -4.13
CA ALA G 15 19.59 -39.84 -5.11
C ALA G 15 18.29 -40.63 -5.03
N PHE G 16 17.74 -40.78 -3.82
CA PHE G 16 16.47 -41.47 -3.65
C PHE G 16 15.34 -40.73 -4.36
N PHE G 17 15.27 -39.41 -4.19
CA PHE G 17 14.14 -38.65 -4.72
C PHE G 17 14.32 -38.20 -6.16
N THR G 18 15.48 -38.46 -6.78
CA THR G 18 15.71 -37.98 -8.14
C THR G 18 15.21 -38.98 -9.16
N ASP G 19 15.03 -38.49 -10.39
CA ASP G 19 14.63 -39.32 -11.52
C ASP G 19 15.75 -39.36 -12.54
N PRO G 20 16.37 -40.52 -12.79
CA PRO G 20 17.51 -40.55 -13.73
C PRO G 20 17.16 -40.14 -15.14
N SER G 21 15.92 -40.35 -15.58
CA SER G 21 15.57 -40.11 -16.98
C SER G 21 15.58 -38.62 -17.31
N ARG G 22 15.35 -37.77 -16.33
CA ARG G 22 15.24 -36.34 -16.60
C ARG G 22 16.62 -35.76 -16.91
N PRO G 23 16.83 -35.19 -18.10
CA PRO G 23 18.13 -34.61 -18.43
C PRO G 23 18.26 -33.16 -17.99
N MET G 24 19.22 -32.89 -17.11
CA MET G 24 19.46 -31.53 -16.62
C MET G 24 20.93 -31.17 -16.82
N ASN G 25 21.17 -29.97 -17.33
CA ASN G 25 22.53 -29.47 -17.58
C ASN G 25 22.74 -28.17 -16.84
N LEU G 26 23.99 -27.92 -16.44
CA LEU G 26 24.39 -26.68 -15.80
C LEU G 26 25.30 -25.91 -16.74
N ILE G 27 25.00 -24.64 -16.96
CA ILE G 27 25.72 -23.79 -17.89
C ILE G 27 26.37 -22.65 -17.12
N LYS G 28 27.67 -22.48 -17.30
CA LYS G 28 28.43 -21.41 -16.67
C LYS G 28 29.14 -20.58 -17.73
N GLN G 29 29.19 -19.27 -17.51
CA GLN G 29 29.82 -18.35 -18.44
C GLN G 29 31.25 -18.06 -18.02
N GLY G 30 32.04 -17.60 -18.97
CA GLY G 30 33.45 -17.30 -18.78
C GLY G 30 33.69 -15.83 -18.53
N GLU G 31 34.85 -15.35 -18.96
CA GLU G 31 35.23 -13.97 -18.75
C GLU G 31 34.63 -13.07 -19.82
N TYR G 32 34.34 -11.83 -19.43
CA TYR G 32 33.83 -10.81 -20.34
C TYR G 32 34.76 -9.61 -20.30
N GLY G 33 34.86 -8.92 -21.44
CA GLY G 33 35.75 -7.78 -21.53
C GLY G 33 35.31 -6.83 -22.62
N TYR G 34 36.00 -5.70 -22.70
CA TYR G 34 35.73 -4.68 -23.70
C TYR G 34 37.03 -4.30 -24.40
N ASP G 35 36.94 -4.13 -25.72
CA ASP G 35 38.10 -3.80 -26.53
C ASP G 35 38.44 -2.32 -26.36
N GLU G 36 39.53 -1.89 -27.00
CA GLU G 36 39.98 -0.51 -26.86
C GLU G 36 39.01 0.49 -27.49
N ASN G 37 38.11 0.04 -28.36
CA ASN G 37 37.11 0.90 -28.97
C ASN G 37 35.72 0.72 -28.37
N GLY G 38 35.63 0.41 -27.08
CA GLY G 38 34.37 0.43 -26.36
C GLY G 38 33.48 -0.78 -26.59
N PHE G 39 33.54 -1.41 -27.76
CA PHE G 39 32.68 -2.55 -28.06
C PHE G 39 33.04 -3.74 -27.17
N GLU G 40 32.08 -4.62 -26.92
CA GLU G 40 32.26 -5.72 -25.99
C GLU G 40 32.61 -7.00 -26.74
N ILE G 41 33.14 -7.96 -25.99
CA ILE G 41 33.48 -9.28 -26.51
C ILE G 41 32.60 -10.31 -25.81
N PRO G 42 31.87 -11.15 -26.54
CA PRO G 42 30.97 -12.10 -25.88
C PRO G 42 31.76 -13.11 -25.08
N PRO G 43 31.21 -13.61 -23.98
CA PRO G 43 31.91 -14.62 -23.17
C PRO G 43 31.55 -16.04 -23.59
N MET G 44 32.47 -16.95 -23.32
CA MET G 44 32.27 -18.35 -23.61
C MET G 44 31.40 -19.00 -22.53
N GLU G 45 30.82 -20.16 -22.88
CA GLU G 45 29.96 -20.89 -21.96
C GLU G 45 30.40 -22.34 -21.91
N GLN G 46 30.13 -22.99 -20.78
CA GLN G 46 30.49 -24.39 -20.55
C GLN G 46 29.26 -25.12 -20.02
N VAL G 47 29.02 -26.32 -20.54
CA VAL G 47 27.86 -27.12 -20.17
C VAL G 47 28.32 -28.30 -19.33
N ILE G 48 27.77 -28.43 -18.13
CA ILE G 48 28.12 -29.48 -17.19
C ILE G 48 26.84 -30.24 -16.84
N PRO G 49 26.71 -31.50 -17.25
CA PRO G 49 25.52 -32.28 -16.88
C PRO G 49 25.41 -32.45 -15.37
N ILE G 50 24.17 -32.37 -14.87
CA ILE G 50 23.87 -32.54 -13.45
C ILE G 50 22.62 -33.38 -13.30
N SER G 51 22.25 -33.65 -12.04
CA SER G 51 21.03 -34.38 -11.74
C SER G 51 20.56 -33.99 -10.35
N GLY G 52 19.25 -34.06 -10.15
CA GLY G 52 18.68 -33.69 -8.87
C GLY G 52 17.17 -33.78 -8.90
N ALA G 53 16.54 -33.30 -7.83
CA ALA G 53 15.10 -33.31 -7.68
C ALA G 53 14.56 -31.89 -7.77
N THR G 54 13.25 -31.79 -7.98
CA THR G 54 12.59 -30.50 -8.15
C THR G 54 11.36 -30.44 -7.27
N ARG G 55 10.83 -29.24 -7.08
CA ARG G 55 9.68 -29.02 -6.20
C ARG G 55 9.10 -27.64 -6.48
N ARG G 56 7.83 -27.47 -6.12
CA ARG G 56 7.10 -26.19 -6.13
C ARG G 56 7.07 -25.56 -7.53
N PRO G 57 6.24 -26.08 -8.44
CA PRO G 57 6.00 -25.38 -9.70
C PRO G 57 5.07 -24.19 -9.47
N ASN G 58 5.40 -23.06 -10.10
CA ASN G 58 4.61 -21.85 -9.97
C ASN G 58 4.51 -21.15 -11.32
N ALA G 59 3.35 -20.53 -11.57
CA ALA G 59 3.10 -19.86 -12.83
C ALA G 59 3.44 -18.36 -12.71
N ARG G 60 3.32 -17.65 -13.83
CA ARG G 60 3.66 -16.24 -13.90
C ARG G 60 2.62 -15.49 -14.71
N GLU G 61 2.28 -14.28 -14.26
CA GLU G 61 1.33 -13.42 -14.95
C GLU G 61 1.98 -12.08 -15.25
N ILE G 62 1.75 -11.57 -16.47
CA ILE G 62 2.37 -10.32 -16.90
C ILE G 62 1.29 -9.37 -17.42
N ASP G 63 0.80 -8.49 -16.53
CA ASP G 63 -0.10 -7.40 -16.91
C ASP G 63 -1.32 -7.89 -17.67
N GLY G 64 -1.70 -9.14 -17.41
CA GLY G 64 -2.84 -9.73 -18.09
C GLY G 64 -2.56 -10.23 -19.49
N GLU G 65 -1.32 -10.14 -19.96
CA GLU G 65 -1.01 -10.58 -21.32
C GLU G 65 -1.00 -12.10 -21.36
N THR G 66 -1.36 -12.66 -22.52
CA THR G 66 -1.43 -14.12 -22.66
C THR G 66 -0.04 -14.72 -22.91
N ILE G 67 0.79 -14.64 -21.88
CA ILE G 67 2.14 -15.17 -21.90
C ILE G 67 2.24 -16.29 -20.87
N ARG G 68 2.73 -17.45 -21.29
CA ARG G 68 2.76 -18.64 -20.45
C ARG G 68 4.21 -18.94 -20.06
N ALA G 69 4.48 -19.01 -18.76
CA ALA G 69 5.79 -19.36 -18.25
C ALA G 69 5.63 -19.93 -16.84
N SER G 70 6.66 -20.62 -16.37
CA SER G 70 6.59 -21.27 -15.08
C SER G 70 7.93 -21.18 -14.37
N ASP G 71 7.87 -21.19 -13.03
CA ASP G 71 9.05 -21.20 -12.18
C ASP G 71 9.00 -22.42 -11.27
N ILE G 72 10.18 -22.87 -10.85
CA ILE G 72 10.29 -24.13 -10.11
C ILE G 72 11.59 -24.12 -9.31
N LEU G 73 11.56 -24.79 -8.16
CA LEU G 73 12.71 -24.94 -7.29
C LEU G 73 13.34 -26.32 -7.46
N GLY G 74 14.59 -26.46 -7.00
CA GLY G 74 15.30 -27.70 -7.15
C GLY G 74 16.17 -28.00 -5.95
N ILE G 75 16.60 -29.26 -5.87
CA ILE G 75 17.51 -29.74 -4.83
C ILE G 75 18.65 -30.49 -5.51
N PHE G 76 19.88 -30.22 -5.09
CA PHE G 76 21.06 -30.82 -5.70
C PHE G 76 22.09 -31.14 -4.64
N ASN G 77 23.07 -31.97 -5.02
CA ASN G 77 24.14 -32.37 -4.13
C ASN G 77 25.36 -31.47 -4.34
N ASN G 78 26.41 -31.70 -3.55
CA ASN G 78 27.61 -30.86 -3.57
C ASN G 78 28.67 -31.48 -4.49
N ASP G 79 28.26 -31.70 -5.74
CA ASP G 79 29.19 -32.20 -6.76
C ASP G 79 29.72 -31.04 -7.57
N HIS G 80 28.84 -30.26 -8.18
CA HIS G 80 29.23 -29.05 -8.88
C HIS G 80 28.63 -27.85 -8.17
N GLU G 81 29.48 -26.89 -7.79
CA GLU G 81 29.01 -25.71 -7.08
C GLU G 81 28.12 -24.88 -7.98
N ILE G 82 27.07 -24.31 -7.40
CA ILE G 82 26.04 -23.58 -8.15
C ILE G 82 26.01 -22.17 -7.59
N ASN G 83 26.70 -21.25 -8.24
CA ASN G 83 26.65 -19.85 -7.85
C ASN G 83 25.45 -19.15 -8.49
N GLU G 84 25.03 -18.06 -7.88
CA GLU G 84 23.92 -17.30 -8.42
C GLU G 84 24.30 -16.66 -9.75
N GLY G 85 23.34 -16.66 -10.67
CA GLY G 85 23.55 -16.14 -12.01
C GLY G 85 23.78 -17.20 -13.07
N ASP G 86 23.98 -18.45 -12.67
CA ASP G 86 24.17 -19.52 -13.64
C ASP G 86 22.84 -19.88 -14.28
N TYR G 87 22.92 -20.72 -15.32
CA TYR G 87 21.75 -21.18 -16.06
C TYR G 87 21.62 -22.68 -15.92
N ILE G 88 20.43 -23.15 -15.54
CA ILE G 88 20.13 -24.56 -15.40
C ILE G 88 18.94 -24.89 -16.29
N GLU G 89 19.08 -25.91 -17.13
CA GLU G 89 18.03 -26.34 -18.03
C GLU G 89 17.36 -27.57 -17.43
N ILE G 90 16.08 -27.42 -17.06
CA ILE G 90 15.36 -28.52 -16.43
C ILE G 90 15.05 -29.61 -17.46
N ASP G 91 14.34 -29.25 -18.53
CA ASP G 91 14.07 -30.24 -19.58
C ASP G 91 14.16 -29.64 -20.97
N GLY G 92 15.03 -28.67 -21.19
CA GLY G 92 15.06 -27.96 -22.46
C GLY G 92 14.85 -26.48 -22.25
N ILE G 93 13.98 -26.14 -21.29
CA ILE G 93 13.78 -24.75 -20.94
C ILE G 93 14.87 -24.31 -19.96
N ARG G 94 15.44 -23.14 -20.22
CA ARG G 94 16.57 -22.63 -19.45
C ARG G 94 16.06 -21.80 -18.28
N HIS G 95 16.55 -22.11 -17.08
CA HIS G 95 16.21 -21.39 -15.86
C HIS G 95 17.46 -20.75 -15.28
N VAL G 96 17.34 -19.50 -14.85
CA VAL G 96 18.43 -18.77 -14.22
C VAL G 96 18.29 -18.88 -12.71
N VAL G 97 19.36 -19.28 -12.04
CA VAL G 97 19.33 -19.45 -10.58
C VAL G 97 19.49 -18.09 -9.92
N VAL G 98 18.37 -17.48 -9.54
CA VAL G 98 18.42 -16.18 -8.86
C VAL G 98 19.06 -16.32 -7.49
N ASP G 99 18.67 -17.34 -6.73
CA ASP G 99 19.22 -17.61 -5.41
C ASP G 99 19.49 -19.10 -5.27
N ALA G 100 20.68 -19.43 -4.76
CA ALA G 100 21.09 -20.81 -4.54
C ALA G 100 21.42 -20.98 -3.06
N ARG G 101 20.41 -21.32 -2.27
CA ARG G 101 20.60 -21.43 -0.83
C ARG G 101 21.31 -22.75 -0.50
N PRO G 102 22.49 -22.70 0.10
CA PRO G 102 23.15 -23.94 0.51
C PRO G 102 22.84 -24.30 1.96
N VAL G 103 23.04 -25.56 2.33
CA VAL G 103 22.90 -25.96 3.73
C VAL G 103 24.07 -25.38 4.51
N GLN G 104 23.79 -24.41 5.37
CA GLN G 104 24.83 -23.60 5.97
C GLN G 104 25.17 -24.08 7.38
N ALA G 105 26.11 -25.01 7.47
CA ALA G 105 26.65 -25.39 8.77
C ALA G 105 28.14 -25.69 8.70
N SER G 106 28.74 -25.51 7.53
CA SER G 106 30.15 -25.85 7.35
C SER G 106 30.75 -25.11 6.16
N LEU G 107 32.04 -25.36 5.93
CA LEU G 107 32.73 -24.73 4.81
C LEU G 107 32.20 -25.24 3.48
N GLU G 108 32.11 -26.56 3.34
CA GLU G 108 31.51 -27.12 2.13
C GLU G 108 30.00 -26.91 2.15
N PRO G 109 29.39 -26.68 0.99
CA PRO G 109 27.96 -26.38 0.95
C PRO G 109 27.07 -27.54 1.35
N VAL G 110 27.60 -28.77 1.38
CA VAL G 110 26.84 -29.97 1.75
C VAL G 110 25.75 -30.27 0.73
N ALA G 111 24.83 -29.32 0.54
CA ALA G 111 23.78 -29.50 -0.45
C ALA G 111 23.32 -28.12 -0.91
N TYR G 112 22.64 -28.10 -2.05
CA TYR G 112 22.14 -26.87 -2.66
C TYR G 112 20.64 -26.97 -2.84
N ARG G 113 19.94 -25.85 -2.63
CA ARG G 113 18.51 -25.73 -2.87
C ARG G 113 18.26 -24.49 -3.73
N PRO G 114 18.67 -24.53 -5.00
CA PRO G 114 18.57 -23.32 -5.83
C PRO G 114 17.13 -22.92 -6.11
N VAL G 115 16.93 -21.62 -6.30
CA VAL G 115 15.65 -21.07 -6.72
C VAL G 115 15.77 -20.73 -8.20
N LEU G 116 15.10 -21.51 -9.04
CA LEU G 116 15.21 -21.36 -10.48
C LEU G 116 14.04 -20.54 -11.01
N ARG G 117 14.36 -19.56 -11.86
CA ARG G 117 13.37 -18.69 -12.47
C ARG G 117 13.47 -18.77 -13.98
N ARG G 118 12.33 -18.79 -14.65
CA ARG G 118 12.32 -18.90 -16.10
C ARG G 118 12.95 -17.67 -16.73
N VAL G 119 13.74 -17.89 -17.78
CA VAL G 119 14.51 -16.83 -18.41
C VAL G 119 13.76 -16.34 -19.64
N SER G 120 14.18 -15.17 -20.15
CA SER G 120 13.66 -14.47 -21.33
C SER G 120 12.21 -14.06 -21.16
N VAL G 121 11.67 -14.06 -19.93
CA VAL G 121 10.29 -13.65 -19.69
C VAL G 121 10.32 -12.25 -19.09
N GLY G 122 9.63 -11.32 -19.74
CA GLY G 122 9.62 -9.94 -19.25
C GLY G 122 8.92 -9.84 -17.90
N GLY G 123 9.36 -8.87 -17.11
CA GLY G 123 8.79 -8.65 -15.80
C GLY G 123 7.40 -8.05 -15.84
N MET H 1 17.47 -20.22 38.90
CA MET H 1 18.05 -20.05 37.58
C MET H 1 19.56 -19.90 37.68
N ASN H 2 20.28 -21.01 37.64
CA ASN H 2 21.73 -20.94 37.69
C ASN H 2 22.24 -20.57 36.32
N TYR H 3 22.15 -19.29 35.99
CA TYR H 3 22.57 -18.85 34.67
C TYR H 3 23.92 -19.43 34.24
N SER H 4 24.83 -19.68 35.18
CA SER H 4 26.09 -20.32 34.78
C SER H 4 25.83 -21.64 34.07
N GLN H 5 24.86 -22.41 34.57
CA GLN H 5 24.50 -23.67 33.90
C GLN H 5 23.95 -23.41 32.51
N ILE H 6 23.10 -22.40 32.36
CA ILE H 6 22.57 -22.05 31.05
C ILE H 6 23.70 -21.62 30.11
N GLU H 7 24.64 -20.82 30.64
CA GLU H 7 25.76 -20.36 29.84
C GLU H 7 26.61 -21.53 29.35
N ARG H 8 26.92 -22.47 30.24
CA ARG H 8 27.78 -23.58 29.83
C ARG H 8 27.07 -24.50 28.86
N MET H 9 25.75 -24.71 29.05
CA MET H 9 25.00 -25.51 28.08
C MET H 9 24.96 -24.84 26.72
N ALA H 10 24.74 -23.52 26.68
CA ALA H 10 24.70 -22.82 25.41
C ALA H 10 26.05 -22.86 24.72
N ARG H 11 27.14 -22.68 25.48
CA ARG H 11 28.47 -22.76 24.89
C ARG H 11 28.74 -24.15 24.33
N LYS H 12 28.36 -25.20 25.07
CA LYS H 12 28.56 -26.55 24.58
C LYS H 12 27.77 -26.81 23.31
N GLY H 13 26.51 -26.37 23.26
CA GLY H 13 25.72 -26.57 22.06
C GLY H 13 26.28 -25.83 20.86
N VAL H 14 26.65 -24.56 21.05
CA VAL H 14 27.23 -23.80 19.95
C VAL H 14 28.49 -24.48 19.44
N ALA H 15 29.43 -24.81 20.35
CA ALA H 15 30.66 -25.47 19.93
C ALA H 15 30.36 -26.79 19.24
N PHE H 16 29.26 -27.44 19.61
CA PHE H 16 28.85 -28.66 18.91
C PHE H 16 28.45 -28.35 17.47
N PHE H 17 27.79 -27.21 17.24
CA PHE H 17 27.28 -26.92 15.91
C PHE H 17 28.23 -26.15 15.00
N THR H 18 29.41 -25.73 15.48
CA THR H 18 30.31 -25.00 14.61
C THR H 18 31.21 -25.94 13.81
N ASP H 19 31.82 -25.37 12.77
CA ASP H 19 32.85 -26.05 11.99
C ASP H 19 34.19 -25.34 12.22
N PRO H 20 35.17 -26.00 12.83
CA PRO H 20 36.42 -25.30 13.15
C PRO H 20 37.17 -24.77 11.94
N SER H 21 36.98 -25.38 10.76
CA SER H 21 37.77 -25.00 9.60
C SER H 21 37.39 -23.61 9.09
N ARG H 22 36.16 -23.17 9.33
CA ARG H 22 35.70 -21.90 8.80
C ARG H 22 36.38 -20.74 9.52
N PRO H 23 37.13 -19.89 8.81
CA PRO H 23 37.77 -18.75 9.48
C PRO H 23 36.88 -17.52 9.55
N MET H 24 36.57 -17.06 10.76
CA MET H 24 35.74 -15.87 10.97
C MET H 24 36.48 -14.90 11.88
N ASN H 25 36.38 -13.61 11.57
CA ASN H 25 37.07 -12.57 12.31
C ASN H 25 36.08 -11.46 12.67
N LEU H 26 36.27 -10.86 13.84
CA LEU H 26 35.48 -9.74 14.31
C LEU H 26 36.33 -8.48 14.24
N ILE H 27 35.79 -7.43 13.62
CA ILE H 27 36.51 -6.19 13.39
C ILE H 27 35.76 -5.06 14.10
N LYS H 28 36.49 -4.29 14.90
CA LYS H 28 35.93 -3.16 15.64
C LYS H 28 36.75 -1.91 15.34
N GLN H 29 36.06 -0.77 15.24
CA GLN H 29 36.68 0.51 14.97
C GLN H 29 36.94 1.28 16.25
N GLY H 30 37.85 2.24 16.16
CA GLY H 30 38.26 3.07 17.28
C GLY H 30 37.56 4.42 17.29
N GLU H 31 38.26 5.43 17.79
CA GLU H 31 37.70 6.76 17.90
C GLU H 31 37.83 7.52 16.58
N TYR H 32 36.87 8.40 16.33
CA TYR H 32 36.86 9.26 15.17
C TYR H 32 36.74 10.71 15.62
N GLY H 33 37.39 11.62 14.89
CA GLY H 33 37.39 13.01 15.27
C GLY H 33 37.54 13.92 14.07
N TYR H 34 37.56 15.23 14.35
CA TYR H 34 37.68 16.26 13.33
C TYR H 34 38.73 17.28 13.76
N ASP H 35 39.46 17.79 12.78
CA ASP H 35 40.53 18.73 13.05
C ASP H 35 39.96 20.15 13.18
N GLU H 36 40.83 21.15 13.20
CA GLU H 36 40.40 22.52 13.45
C GLU H 36 39.87 23.22 12.22
N ASN H 37 39.92 22.57 11.04
CA ASN H 37 39.41 23.16 9.81
C ASN H 37 38.13 22.49 9.33
N GLY H 38 37.72 21.37 9.94
CA GLY H 38 36.53 20.67 9.55
C GLY H 38 36.75 19.34 8.87
N PHE H 39 37.98 19.06 8.40
CA PHE H 39 38.28 17.77 7.80
C PHE H 39 38.31 16.70 8.88
N GLU H 40 38.31 15.42 8.48
CA GLU H 40 38.23 14.33 9.43
C GLU H 40 39.49 13.49 9.38
N ILE H 41 39.70 12.72 10.44
CA ILE H 41 40.82 11.79 10.56
C ILE H 41 40.25 10.37 10.57
N PRO H 42 40.88 9.42 9.89
CA PRO H 42 40.32 8.07 9.85
C PRO H 42 40.45 7.39 11.20
N PRO H 43 39.53 6.49 11.54
CA PRO H 43 39.65 5.73 12.79
C PRO H 43 40.39 4.41 12.60
N MET H 44 41.05 3.99 13.68
CA MET H 44 41.77 2.73 13.66
C MET H 44 40.81 1.54 13.78
N GLU H 45 41.29 0.38 13.38
CA GLU H 45 40.48 -0.83 13.38
C GLU H 45 41.27 -1.97 14.02
N GLN H 46 40.55 -2.87 14.69
CA GLN H 46 41.16 -4.00 15.39
C GLN H 46 40.47 -5.28 14.94
N VAL H 47 41.24 -6.33 14.71
CA VAL H 47 40.74 -7.60 14.23
C VAL H 47 40.83 -8.63 15.37
N ILE H 48 39.70 -9.25 15.70
CA ILE H 48 39.61 -10.25 16.76
C ILE H 48 39.06 -11.53 16.16
N PRO H 49 39.84 -12.62 16.11
CA PRO H 49 39.30 -13.88 15.60
C PRO H 49 38.16 -14.40 16.47
N ILE H 50 37.17 -15.01 15.82
CA ILE H 50 36.01 -15.57 16.50
C ILE H 50 35.63 -16.88 15.83
N SER H 51 34.61 -17.53 16.38
CA SER H 51 34.08 -18.76 15.81
C SER H 51 32.62 -18.91 16.21
N GLY H 52 31.85 -19.56 15.35
CA GLY H 52 30.43 -19.71 15.59
C GLY H 52 29.76 -20.47 14.46
N ALA H 53 28.43 -20.45 14.50
CA ALA H 53 27.61 -21.13 13.51
C ALA H 53 26.79 -20.11 12.71
N THR H 54 26.29 -20.54 11.56
CA THR H 54 25.51 -19.68 10.68
C THR H 54 24.20 -20.36 10.33
N ARG H 55 23.27 -19.58 9.80
CA ARG H 55 21.94 -20.08 9.46
C ARG H 55 21.25 -19.05 8.57
N ARG H 56 20.28 -19.53 7.79
CA ARG H 56 19.38 -18.71 6.97
C ARG H 56 20.16 -17.87 5.96
N PRO H 57 20.67 -18.48 4.89
CA PRO H 57 21.21 -17.69 3.77
C PRO H 57 20.08 -17.09 2.95
N ASN H 58 20.21 -15.82 2.59
CA ASN H 58 19.16 -15.10 1.87
C ASN H 58 19.80 -14.14 0.87
N ALA H 59 19.22 -14.08 -0.33
CA ALA H 59 19.79 -13.31 -1.43
C ALA H 59 19.27 -11.87 -1.41
N ARG H 60 19.74 -11.07 -2.38
CA ARG H 60 19.37 -9.67 -2.47
C ARG H 60 19.13 -9.29 -3.92
N GLU H 61 18.09 -8.50 -4.14
CA GLU H 61 17.74 -8.00 -5.47
C GLU H 61 17.75 -6.47 -5.46
N ILE H 62 18.37 -5.87 -6.48
CA ILE H 62 18.47 -4.42 -6.55
C ILE H 62 17.98 -3.94 -7.92
N ASP H 63 16.70 -3.58 -7.99
CA ASP H 63 16.13 -2.89 -9.16
C ASP H 63 16.40 -3.63 -10.46
N GLY H 64 16.59 -4.94 -10.37
CA GLY H 64 16.84 -5.76 -11.53
C GLY H 64 18.27 -5.76 -12.04
N GLU H 65 19.16 -5.03 -11.40
CA GLU H 65 20.57 -5.06 -11.80
C GLU H 65 21.18 -6.41 -11.48
N THR H 66 22.16 -6.81 -12.29
CA THR H 66 22.83 -8.11 -12.11
C THR H 66 23.95 -7.99 -11.07
N ILE H 67 23.55 -7.74 -9.83
CA ILE H 67 24.46 -7.67 -8.70
C ILE H 67 24.12 -8.81 -7.75
N ARG H 68 25.10 -9.63 -7.42
CA ARG H 68 24.91 -10.82 -6.62
C ARG H 68 25.45 -10.59 -5.20
N ALA H 69 24.59 -10.78 -4.20
CA ALA H 69 24.98 -10.65 -2.81
C ALA H 69 24.04 -11.49 -1.95
N SER H 70 24.45 -11.76 -0.72
CA SER H 70 23.67 -12.61 0.16
C SER H 70 23.85 -12.16 1.61
N ASP H 71 22.87 -12.52 2.43
CA ASP H 71 22.87 -12.19 3.85
C ASP H 71 22.68 -13.47 4.66
N ILE H 72 23.38 -13.55 5.79
CA ILE H 72 23.39 -14.74 6.64
C ILE H 72 23.23 -14.31 8.09
N LEU H 73 22.58 -15.15 8.88
CA LEU H 73 22.49 -14.97 10.33
C LEU H 73 23.50 -15.88 11.03
N GLY H 74 23.85 -15.51 12.26
CA GLY H 74 24.88 -16.23 12.98
C GLY H 74 24.52 -16.42 14.45
N ILE H 75 25.24 -17.35 15.07
CA ILE H 75 25.12 -17.65 16.50
C ILE H 75 26.52 -17.70 17.09
N PHE H 76 26.71 -17.03 18.23
CA PHE H 76 28.02 -16.93 18.84
C PHE H 76 27.88 -17.02 20.36
N ASN H 77 29.01 -17.27 21.03
CA ASN H 77 29.05 -17.35 22.48
C ASN H 77 29.43 -16.00 23.08
N ASN H 78 29.48 -15.93 24.41
CA ASN H 78 29.74 -14.69 25.13
C ASN H 78 31.24 -14.59 25.48
N ASP H 79 32.06 -14.68 24.44
CA ASP H 79 33.49 -14.50 24.61
C ASP H 79 33.87 -13.06 24.26
N HIS H 80 33.54 -12.63 23.05
CA HIS H 80 33.75 -11.25 22.65
C HIS H 80 32.40 -10.60 22.38
N GLU H 81 32.12 -9.49 23.06
CA GLU H 81 30.84 -8.82 22.89
C GLU H 81 30.73 -8.26 21.47
N ILE H 82 29.52 -8.33 20.92
CA ILE H 82 29.26 -7.95 19.53
C ILE H 82 28.22 -6.84 19.56
N ASN H 83 28.69 -5.60 19.53
CA ASN H 83 27.78 -4.47 19.44
C ASN H 83 27.35 -4.24 17.99
N GLU H 84 26.20 -3.60 17.84
CA GLU H 84 25.70 -3.30 16.51
C GLU H 84 26.60 -2.28 15.82
N GLY H 85 26.83 -2.49 14.53
CA GLY H 85 27.70 -1.66 13.74
C GLY H 85 29.06 -2.27 13.46
N ASP H 86 29.42 -3.35 14.16
CA ASP H 86 30.70 -4.01 13.93
C ASP H 86 30.66 -4.78 12.62
N TYR H 87 31.85 -5.18 12.16
CA TYR H 87 32.00 -5.93 10.92
C TYR H 87 32.49 -7.33 11.22
N ILE H 88 31.81 -8.33 10.66
CA ILE H 88 32.19 -9.73 10.81
C ILE H 88 32.38 -10.31 9.42
N GLU H 89 33.52 -10.96 9.20
CA GLU H 89 33.85 -11.58 7.92
C GLU H 89 33.58 -13.07 8.03
N ILE H 90 32.63 -13.57 7.23
CA ILE H 90 32.30 -14.99 7.28
C ILE H 90 33.40 -15.81 6.63
N ASP H 91 33.67 -15.57 5.35
CA ASP H 91 34.78 -16.28 4.70
C ASP H 91 35.57 -15.35 3.81
N GLY H 92 35.86 -14.12 4.24
CA GLY H 92 36.50 -13.15 3.39
C GLY H 92 35.59 -11.98 3.05
N ILE H 93 34.31 -12.28 2.81
CA ILE H 93 33.33 -11.24 2.56
C ILE H 93 32.88 -10.62 3.88
N ARG H 94 32.92 -9.29 3.93
CA ARG H 94 32.64 -8.56 5.16
C ARG H 94 31.14 -8.34 5.32
N HIS H 95 30.63 -8.67 6.51
CA HIS H 95 29.24 -8.46 6.85
C HIS H 95 29.14 -7.48 8.02
N VAL H 96 28.17 -6.58 7.96
CA VAL H 96 27.94 -5.59 9.01
C VAL H 96 26.83 -6.09 9.91
N VAL H 97 27.07 -6.02 11.23
CA VAL H 97 26.10 -6.48 12.21
C VAL H 97 25.03 -5.40 12.41
N VAL H 98 23.94 -5.49 11.64
CA VAL H 98 22.86 -4.53 11.79
C VAL H 98 22.20 -4.67 13.16
N ASP H 99 21.92 -5.90 13.57
CA ASP H 99 21.32 -6.17 14.86
C ASP H 99 21.98 -7.41 15.46
N ALA H 100 22.28 -7.33 16.76
CA ALA H 100 22.89 -8.44 17.50
C ALA H 100 22.00 -8.77 18.70
N ARG H 101 21.04 -9.66 18.49
CA ARG H 101 20.09 -9.98 19.53
C ARG H 101 20.74 -10.92 20.55
N PRO H 102 20.86 -10.50 21.82
CA PRO H 102 21.42 -11.41 22.83
C PRO H 102 20.34 -12.18 23.57
N VAL H 103 20.70 -13.31 24.17
CA VAL H 103 19.76 -14.05 25.00
C VAL H 103 19.53 -13.23 26.27
N GLN H 104 18.36 -12.61 26.37
CA GLN H 104 18.14 -11.58 27.38
C GLN H 104 17.42 -12.12 28.60
N ALA H 105 18.21 -12.56 29.59
CA ALA H 105 17.63 -12.90 30.88
C ALA H 105 18.55 -12.51 32.03
N SER H 106 19.67 -11.87 31.74
CA SER H 106 20.65 -11.55 32.77
C SER H 106 21.57 -10.40 32.34
N LEU H 107 22.49 -10.05 33.24
CA LEU H 107 23.48 -9.01 32.93
C LEU H 107 24.37 -9.44 31.77
N GLU H 108 24.98 -10.61 31.86
CA GLU H 108 25.82 -11.08 30.78
C GLU H 108 24.97 -11.53 29.60
N PRO H 109 25.43 -11.29 28.37
CA PRO H 109 24.61 -11.63 27.20
C PRO H 109 24.34 -13.10 27.03
N VAL H 110 25.09 -13.97 27.71
CA VAL H 110 24.93 -15.42 27.63
C VAL H 110 25.29 -15.92 26.24
N ALA H 111 24.57 -15.44 25.22
CA ALA H 111 24.86 -15.80 23.84
C ALA H 111 24.38 -14.67 22.94
N TYR H 112 24.89 -14.67 21.71
CA TYR H 112 24.53 -13.68 20.71
C TYR H 112 23.95 -14.37 19.49
N ARG H 113 22.97 -13.72 18.87
CA ARG H 113 22.38 -14.17 17.60
C ARG H 113 22.37 -13.00 16.63
N PRO H 114 23.55 -12.57 16.16
CA PRO H 114 23.61 -11.37 15.32
C PRO H 114 22.96 -11.58 13.96
N VAL H 115 22.48 -10.48 13.40
CA VAL H 115 21.94 -10.44 12.05
C VAL H 115 22.97 -9.77 11.16
N LEU H 116 23.58 -10.55 10.27
CA LEU H 116 24.64 -10.05 9.40
C LEU H 116 24.07 -9.70 8.04
N ARG H 117 24.50 -8.54 7.52
CA ARG H 117 24.07 -8.06 6.22
C ARG H 117 25.29 -7.76 5.37
N ARG H 118 25.24 -8.10 4.09
CA ARG H 118 26.36 -7.86 3.19
C ARG H 118 26.63 -6.36 3.08
N VAL H 119 27.89 -5.99 3.17
CA VAL H 119 28.30 -4.60 3.15
C VAL H 119 28.72 -4.23 1.72
N SER H 120 28.78 -2.93 1.46
CA SER H 120 29.14 -2.30 0.18
C SER H 120 28.18 -2.69 -0.94
N VAL H 121 26.95 -3.12 -0.61
CA VAL H 121 25.96 -3.46 -1.62
C VAL H 121 24.92 -2.33 -1.65
N GLY H 122 24.52 -1.95 -2.86
CA GLY H 122 23.61 -0.81 -2.98
C GLY H 122 22.21 -1.17 -2.49
N GLY H 123 21.39 -0.13 -2.32
CA GLY H 123 20.02 -0.33 -1.89
C GLY H 123 19.07 -0.65 -3.03
N MET I 1 -11.78 -18.98 41.73
CA MET I 1 -10.64 -18.17 41.30
C MET I 1 -10.01 -17.46 42.46
N ASN I 2 -9.12 -18.13 43.17
CA ASN I 2 -8.43 -17.49 44.27
C ASN I 2 -7.35 -16.62 43.70
N TYR I 3 -7.74 -15.45 43.20
CA TYR I 3 -6.77 -14.56 42.58
C TYR I 3 -5.52 -14.39 43.43
N SER I 4 -5.64 -14.51 44.75
CA SER I 4 -4.46 -14.42 45.60
C SER I 4 -3.46 -15.53 45.23
N GLN I 5 -3.97 -16.73 44.98
CA GLN I 5 -3.11 -17.83 44.56
C GLN I 5 -2.44 -17.54 43.23
N ILE I 6 -3.20 -16.99 42.27
CA ILE I 6 -2.63 -16.64 40.98
C ILE I 6 -1.55 -15.56 41.14
N GLU I 7 -1.82 -14.57 41.99
CA GLU I 7 -0.85 -13.52 42.23
C GLU I 7 0.43 -14.07 42.84
N ARG I 8 0.30 -14.98 43.82
CA ARG I 8 1.49 -15.54 44.46
C ARG I 8 2.29 -16.39 43.48
N MET I 9 1.60 -17.15 42.62
CA MET I 9 2.34 -17.96 41.64
C MET I 9 3.03 -17.08 40.61
N ALA I 10 2.37 -16.01 40.16
CA ALA I 10 3.00 -15.09 39.21
C ALA I 10 4.22 -14.42 39.82
N ARG I 11 4.10 -13.99 41.08
CA ARG I 11 5.25 -13.38 41.75
C ARG I 11 6.40 -14.37 41.90
N LYS I 12 6.08 -15.63 42.25
CA LYS I 12 7.12 -16.65 42.36
C LYS I 12 7.81 -16.88 41.03
N GLY I 13 7.04 -16.94 39.94
CA GLY I 13 7.65 -17.15 38.63
C GLY I 13 8.53 -15.99 38.21
N VAL I 14 8.05 -14.77 38.41
CA VAL I 14 8.84 -13.59 38.04
C VAL I 14 10.13 -13.55 38.86
N ALA I 15 10.05 -13.87 40.15
CA ALA I 15 11.26 -13.91 40.98
C ALA I 15 12.18 -15.03 40.52
N PHE I 16 11.62 -16.12 40.01
CA PHE I 16 12.44 -17.21 39.51
C PHE I 16 13.22 -16.80 38.27
N PHE I 17 12.58 -16.06 37.36
CA PHE I 17 13.21 -15.73 36.09
C PHE I 17 14.03 -14.45 36.10
N THR I 18 14.08 -13.71 37.21
CA THR I 18 14.78 -12.43 37.19
C THR I 18 16.24 -12.62 37.61
N ASP I 19 17.04 -11.60 37.32
CA ASP I 19 18.43 -11.55 37.73
C ASP I 19 18.62 -10.45 38.76
N PRO I 20 18.96 -10.76 40.02
CA PRO I 20 19.07 -9.71 41.03
C PRO I 20 20.13 -8.67 40.73
N SER I 21 21.17 -9.04 39.98
CA SER I 21 22.28 -8.11 39.76
C SER I 21 21.87 -6.94 38.87
N ARG I 22 20.85 -7.13 38.04
CA ARG I 22 20.48 -6.10 37.08
C ARG I 22 19.80 -4.93 37.79
N PRO I 23 20.37 -3.72 37.71
CA PRO I 23 19.74 -2.58 38.36
C PRO I 23 18.72 -1.88 37.47
N MET I 24 17.45 -1.85 37.90
CA MET I 24 16.38 -1.21 37.15
C MET I 24 15.64 -0.26 38.06
N ASN I 25 15.37 0.95 37.56
CA ASN I 25 14.67 1.98 38.32
C ASN I 25 13.43 2.43 37.56
N LEU I 26 12.40 2.81 38.29
CA LEU I 26 11.16 3.35 37.73
C LEU I 26 11.09 4.83 38.06
N ILE I 27 10.84 5.65 37.04
CA ILE I 27 10.82 7.11 37.17
C ILE I 27 9.43 7.62 36.83
N LYS I 28 8.85 8.40 37.72
CA LYS I 28 7.54 9.01 37.52
C LYS I 28 7.64 10.51 37.71
N GLN I 29 6.90 11.25 36.89
CA GLN I 29 6.88 12.71 36.96
C GLN I 29 5.70 13.19 37.78
N GLY I 30 5.80 14.44 38.24
CA GLY I 30 4.79 15.07 39.06
C GLY I 30 3.86 15.95 38.26
N GLU I 31 3.41 17.04 38.89
CA GLU I 31 2.49 17.95 38.24
C GLU I 31 3.24 18.96 37.37
N TYR I 32 2.58 19.40 36.30
CA TYR I 32 3.10 20.41 35.41
C TYR I 32 2.10 21.56 35.32
N GLY I 33 2.60 22.77 35.14
CA GLY I 33 1.74 23.94 35.11
C GLY I 33 2.35 25.05 34.27
N TYR I 34 1.61 26.14 34.16
CA TYR I 34 2.02 27.31 33.40
C TYR I 34 1.78 28.57 34.21
N ASP I 35 2.67 29.54 34.02
CA ASP I 35 2.59 30.80 34.74
C ASP I 35 1.54 31.71 34.12
N GLU I 36 1.46 32.95 34.58
CA GLU I 36 0.46 33.88 34.10
C GLU I 36 0.81 34.47 32.74
N ASN I 37 2.05 34.30 32.28
CA ASN I 37 2.48 34.84 31.00
C ASN I 37 2.49 33.79 29.89
N GLY I 38 2.32 32.52 30.23
CA GLY I 38 2.32 31.45 29.25
C GLY I 38 3.53 30.53 29.30
N PHE I 39 4.58 30.90 30.01
CA PHE I 39 5.74 30.04 30.16
C PHE I 39 5.43 28.87 31.08
N GLU I 40 6.26 27.83 31.08
CA GLU I 40 5.95 26.62 31.83
C GLU I 40 6.84 26.52 33.06
N ILE I 41 6.46 25.60 33.94
CA ILE I 41 7.24 25.25 35.12
C ILE I 41 7.60 23.77 35.02
N PRO I 42 8.88 23.41 35.08
CA PRO I 42 9.24 22.00 34.90
C PRO I 42 8.68 21.15 36.02
N PRO I 43 8.34 19.89 35.74
CA PRO I 43 7.82 19.00 36.78
C PRO I 43 8.92 18.20 37.47
N MET I 44 8.63 17.83 38.71
CA MET I 44 9.55 17.04 39.50
C MET I 44 9.46 15.56 39.10
N GLU I 45 10.50 14.81 39.43
CA GLU I 45 10.57 13.39 39.11
C GLU I 45 10.95 12.60 40.36
N GLN I 46 10.48 11.36 40.42
CA GLN I 46 10.74 10.46 41.53
C GLN I 46 11.28 9.14 41.00
N VAL I 47 12.31 8.61 41.65
CA VAL I 47 12.96 7.38 41.22
C VAL I 47 12.62 6.27 42.21
N ILE I 48 12.05 5.18 41.71
CA ILE I 48 11.63 4.05 42.52
C ILE I 48 12.34 2.81 41.99
N PRO I 49 13.22 2.18 42.77
CA PRO I 49 13.88 0.95 42.30
C PRO I 49 12.87 -0.17 42.08
N ILE I 50 13.10 -0.97 41.05
CA ILE I 50 12.25 -2.09 40.70
C ILE I 50 13.12 -3.26 40.26
N SER I 51 12.47 -4.39 39.98
CA SER I 51 13.16 -5.57 39.50
C SER I 51 12.18 -6.42 38.69
N GLY I 52 12.70 -7.19 37.75
CA GLY I 52 11.87 -8.02 36.92
C GLY I 52 12.69 -8.71 35.84
N ALA I 53 11.97 -9.29 34.88
CA ALA I 53 12.58 -10.00 33.77
C ALA I 53 12.33 -9.26 32.46
N THR I 54 13.13 -9.60 31.44
CA THR I 54 13.03 -8.94 30.14
C THR I 54 12.97 -10.00 29.06
N ARG I 55 12.60 -9.57 27.85
CA ARG I 55 12.42 -10.48 26.72
C ARG I 55 12.34 -9.67 25.44
N ARG I 56 12.70 -10.31 24.33
CA ARG I 56 12.55 -9.82 22.96
C ARG I 56 13.32 -8.52 22.74
N PRO I 57 14.64 -8.57 22.61
CA PRO I 57 15.39 -7.40 22.14
C PRO I 57 15.18 -7.21 20.65
N ASN I 58 14.98 -5.94 20.24
CA ASN I 58 14.64 -5.62 18.86
C ASN I 58 15.26 -4.27 18.54
N ALA I 59 15.88 -4.17 17.36
CA ALA I 59 16.67 -3.00 16.99
C ALA I 59 15.84 -2.02 16.16
N ARG I 60 16.44 -0.87 15.84
CA ARG I 60 15.72 0.20 15.16
C ARG I 60 16.55 0.73 14.00
N GLU I 61 15.87 1.07 12.90
CA GLU I 61 16.48 1.67 11.73
C GLU I 61 15.83 3.01 11.44
N ILE I 62 16.66 4.02 11.16
CA ILE I 62 16.17 5.38 10.90
C ILE I 62 16.69 5.89 9.57
N ASP I 63 15.93 5.65 8.50
CA ASP I 63 16.18 6.25 7.19
C ASP I 63 17.61 6.01 6.71
N GLY I 64 18.21 4.90 7.15
CA GLY I 64 19.56 4.57 6.77
C GLY I 64 20.64 5.29 7.56
N GLU I 65 20.28 6.15 8.50
CA GLU I 65 21.27 6.81 9.33
C GLU I 65 21.96 5.80 10.24
N THR I 66 23.24 6.04 10.53
CA THR I 66 24.02 5.16 11.40
C THR I 66 23.77 5.50 12.87
N ILE I 67 22.53 5.28 13.29
CA ILE I 67 22.13 5.48 14.68
C ILE I 67 21.74 4.12 15.25
N ARG I 68 22.35 3.76 16.37
CA ARG I 68 22.17 2.44 16.97
C ARG I 68 21.29 2.56 18.22
N ALA I 69 20.19 1.81 18.22
CA ALA I 69 19.28 1.78 19.36
C ALA I 69 18.53 0.46 19.35
N SER I 70 17.89 0.15 20.48
CA SER I 70 17.20 -1.12 20.61
C SER I 70 15.95 -0.94 21.46
N ASP I 71 14.99 -1.85 21.26
CA ASP I 71 13.77 -1.89 22.05
C ASP I 71 13.66 -3.26 22.70
N ILE I 72 12.94 -3.31 23.82
CA ILE I 72 12.91 -4.50 24.66
C ILE I 72 11.64 -4.51 25.49
N LEU I 73 11.10 -5.71 25.71
CA LEU I 73 9.91 -5.91 26.53
C LEU I 73 10.32 -6.44 27.90
N GLY I 74 9.41 -6.28 28.87
CA GLY I 74 9.70 -6.68 30.23
C GLY I 74 8.48 -7.26 30.93
N ILE I 75 8.74 -7.94 32.04
CA ILE I 75 7.71 -8.52 32.90
C ILE I 75 7.99 -8.08 34.33
N PHE I 76 6.95 -7.66 35.04
CA PHE I 76 7.09 -7.17 36.40
C PHE I 76 5.92 -7.61 37.26
N ASN I 77 6.09 -7.51 38.58
CA ASN I 77 5.07 -7.89 39.53
C ASN I 77 4.22 -6.67 39.91
N ASN I 78 3.21 -6.89 40.75
CA ASN I 78 2.27 -5.83 41.13
C ASN I 78 2.71 -5.19 42.45
N ASP I 79 3.94 -4.70 42.45
CA ASP I 79 4.45 -3.97 43.61
C ASP I 79 4.28 -2.48 43.40
N HIS I 80 4.84 -1.96 42.32
CA HIS I 80 4.64 -0.57 41.94
C HIS I 80 3.89 -0.51 40.62
N GLU I 81 2.76 0.20 40.60
CA GLU I 81 1.96 0.31 39.38
C GLU I 81 2.72 1.05 38.30
N ILE I 82 2.55 0.59 37.06
CA ILE I 82 3.31 1.08 35.92
C ILE I 82 2.29 1.61 34.90
N ASN I 83 2.04 2.91 34.93
CA ASN I 83 1.18 3.52 33.94
C ASN I 83 1.96 3.85 32.68
N GLU I 84 1.22 4.00 31.59
CA GLU I 84 1.84 4.39 30.33
C GLU I 84 2.38 5.80 30.41
N GLY I 85 3.56 5.99 29.84
CA GLY I 85 4.23 7.27 29.83
C GLY I 85 5.39 7.38 30.80
N ASP I 86 5.53 6.42 31.72
CA ASP I 86 6.63 6.46 32.67
C ASP I 86 7.94 6.08 31.98
N TYR I 87 9.03 6.22 32.72
CA TYR I 87 10.37 5.91 32.22
C TYR I 87 11.00 4.82 33.07
N ILE I 88 11.50 3.78 32.42
CA ILE I 88 12.18 2.67 33.09
C ILE I 88 13.57 2.53 32.49
N GLU I 89 14.58 2.52 33.35
CA GLU I 89 15.97 2.37 32.93
C GLU I 89 16.39 0.91 33.12
N ILE I 90 16.70 0.23 32.03
CA ILE I 90 17.08 -1.18 32.10
C ILE I 90 18.48 -1.33 32.69
N ASP I 91 19.46 -0.62 32.11
CA ASP I 91 20.81 -0.69 32.66
C ASP I 91 21.47 0.69 32.62
N GLY I 92 20.69 1.77 32.61
CA GLY I 92 21.25 3.11 32.45
C GLY I 92 20.64 3.82 31.26
N ILE I 93 20.33 3.07 30.20
CA ILE I 93 19.57 3.62 29.10
C ILE I 93 18.11 3.70 29.48
N ARG I 94 17.51 4.86 29.24
CA ARG I 94 16.14 5.13 29.66
C ARG I 94 15.17 4.66 28.59
N HIS I 95 14.17 3.88 29.01
CA HIS I 95 13.13 3.39 28.13
C HIS I 95 11.78 3.94 28.58
N VAL I 96 10.97 4.38 27.63
CA VAL I 96 9.63 4.89 27.90
C VAL I 96 8.62 3.77 27.67
N VAL I 97 7.74 3.56 28.63
CA VAL I 97 6.74 2.51 28.52
C VAL I 97 5.55 3.01 27.70
N VAL I 98 5.56 2.69 26.40
CA VAL I 98 4.47 3.09 25.52
C VAL I 98 3.18 2.38 25.92
N ASP I 99 3.27 1.09 26.18
CA ASP I 99 2.11 0.30 26.59
C ASP I 99 2.51 -0.62 27.73
N ALA I 100 1.67 -0.68 28.77
CA ALA I 100 1.89 -1.54 29.93
C ALA I 100 0.69 -2.47 30.07
N ARG I 101 0.74 -3.61 29.39
CA ARG I 101 -0.38 -4.52 29.41
C ARG I 101 -0.42 -5.29 30.72
N PRO I 102 -1.49 -5.17 31.52
CA PRO I 102 -1.57 -5.94 32.75
C PRO I 102 -2.31 -7.25 32.55
N VAL I 103 -2.09 -8.22 33.43
CA VAL I 103 -2.85 -9.47 33.40
C VAL I 103 -4.25 -9.13 33.91
N GLN I 104 -5.25 -9.20 33.02
CA GLN I 104 -6.55 -8.61 33.29
C GLN I 104 -7.61 -9.66 33.56
N ALA I 105 -7.82 -9.95 34.84
CA ALA I 105 -8.98 -10.75 35.24
C ALA I 105 -9.55 -10.25 36.56
N SER I 106 -9.00 -9.17 37.11
CA SER I 106 -9.40 -8.68 38.41
C SER I 106 -9.14 -7.19 38.55
N LEU I 107 -9.53 -6.64 39.71
CA LEU I 107 -9.31 -5.23 39.98
C LEU I 107 -7.82 -4.91 40.07
N GLU I 108 -7.08 -5.72 40.81
CA GLU I 108 -5.64 -5.52 40.87
C GLU I 108 -4.97 -6.03 39.59
N PRO I 109 -3.90 -5.38 39.16
CA PRO I 109 -3.27 -5.76 37.88
C PRO I 109 -2.63 -7.14 37.90
N VAL I 110 -2.40 -7.74 39.07
CA VAL I 110 -1.80 -9.06 39.21
C VAL I 110 -0.35 -9.04 38.71
N ALA I 111 -0.16 -8.72 37.44
CA ALA I 111 1.17 -8.65 36.85
C ALA I 111 1.15 -7.65 35.72
N TYR I 112 2.35 -7.17 35.36
CA TYR I 112 2.52 -6.21 34.28
C TYR I 112 3.45 -6.79 33.23
N ARG I 113 3.16 -6.47 31.96
CA ARG I 113 4.03 -6.82 30.84
C ARG I 113 4.26 -5.58 29.99
N PRO I 114 5.03 -4.62 30.51
CA PRO I 114 5.19 -3.34 29.80
C PRO I 114 5.95 -3.51 28.50
N VAL I 115 5.67 -2.63 27.55
CA VAL I 115 6.40 -2.53 26.29
C VAL I 115 7.29 -1.31 26.38
N LEU I 116 8.60 -1.51 26.41
CA LEU I 116 9.56 -0.44 26.57
C LEU I 116 10.18 -0.07 25.22
N ARG I 117 10.26 1.24 24.97
CA ARG I 117 10.83 1.77 23.74
C ARG I 117 11.95 2.74 24.09
N ARG I 118 13.03 2.70 23.31
CA ARG I 118 14.17 3.56 23.57
C ARG I 118 13.77 5.02 23.42
N VAL I 119 14.24 5.85 24.35
CA VAL I 119 13.87 7.26 24.40
C VAL I 119 14.96 8.07 23.70
N SER I 120 14.64 9.31 23.36
CA SER I 120 15.48 10.30 22.70
C SER I 120 15.96 9.80 21.34
N VAL I 121 15.22 8.91 20.69
CA VAL I 121 15.56 8.41 19.36
C VAL I 121 14.59 9.03 18.37
N GLY I 122 15.14 9.63 17.31
CA GLY I 122 14.28 10.31 16.35
C GLY I 122 13.41 9.33 15.60
N GLY I 123 12.36 9.86 14.96
CA GLY I 123 11.44 9.04 14.19
C GLY I 123 12.07 8.43 12.96
N MET J 1 -29.44 -29.85 20.15
CA MET J 1 -28.67 -29.57 21.35
C MET J 1 -29.55 -28.89 22.39
N ASN J 2 -29.36 -29.24 23.66
CA ASN J 2 -30.12 -28.60 24.70
C ASN J 2 -29.50 -27.25 25.00
N TYR J 3 -29.81 -26.27 24.17
CA TYR J 3 -29.22 -24.95 24.34
C TYR J 3 -29.29 -24.45 25.77
N SER J 4 -30.28 -24.90 26.55
CA SER J 4 -30.33 -24.51 27.95
C SER J 4 -29.10 -25.00 28.69
N GLN J 5 -28.64 -26.22 28.36
CA GLN J 5 -27.42 -26.75 28.98
C GLN J 5 -26.22 -25.90 28.60
N ILE J 6 -26.13 -25.50 27.33
CA ILE J 6 -25.03 -24.62 26.90
C ILE J 6 -25.11 -23.28 27.62
N GLU J 7 -26.31 -22.75 27.77
CA GLU J 7 -26.49 -21.47 28.45
C GLU J 7 -26.02 -21.55 29.90
N ARG J 8 -26.41 -22.60 30.62
CA ARG J 8 -26.02 -22.71 32.02
C ARG J 8 -24.51 -22.95 32.14
N MET J 9 -23.93 -23.74 31.24
CA MET J 9 -22.48 -23.92 31.25
C MET J 9 -21.75 -22.60 31.03
N ALA J 10 -22.20 -21.81 30.06
CA ALA J 10 -21.56 -20.53 29.79
C ALA J 10 -21.72 -19.57 30.97
N ARG J 11 -22.90 -19.55 31.58
CA ARG J 11 -23.11 -18.67 32.72
C ARG J 11 -22.21 -19.05 33.89
N LYS J 12 -22.09 -20.36 34.17
CA LYS J 12 -21.21 -20.79 35.25
C LYS J 12 -19.75 -20.47 34.94
N GLY J 13 -19.33 -20.63 33.68
CA GLY J 13 -17.96 -20.28 33.32
C GLY J 13 -17.67 -18.80 33.50
N VAL J 14 -18.58 -17.94 33.03
CA VAL J 14 -18.40 -16.50 33.17
C VAL J 14 -18.38 -16.11 34.64
N ALA J 15 -19.24 -16.72 35.45
CA ALA J 15 -19.22 -16.45 36.89
C ALA J 15 -17.92 -16.92 37.52
N PHE J 16 -17.35 -18.01 37.01
CA PHE J 16 -16.08 -18.49 37.51
C PHE J 16 -14.96 -17.49 37.22
N PHE J 17 -14.90 -16.97 36.00
CA PHE J 17 -13.79 -16.11 35.60
C PHE J 17 -13.98 -14.64 35.95
N THR J 18 -15.11 -14.26 36.54
CA THR J 18 -15.35 -12.85 36.82
C THR J 18 -14.85 -12.49 38.21
N ASP J 19 -14.69 -11.18 38.44
CA ASP J 19 -14.29 -10.64 39.73
C ASP J 19 -15.43 -9.79 40.30
N PRO J 20 -16.04 -10.20 41.42
CA PRO J 20 -17.18 -9.42 41.93
C PRO J 20 -16.85 -7.99 42.31
N SER J 21 -15.61 -7.71 42.70
CA SER J 21 -15.27 -6.39 43.23
C SER J 21 -15.30 -5.34 42.13
N ARG J 22 -15.07 -5.73 40.89
CA ARG J 22 -14.98 -4.76 39.80
C ARG J 22 -16.37 -4.21 39.48
N PRO J 23 -16.58 -2.89 39.60
CA PRO J 23 -17.89 -2.32 39.28
C PRO J 23 -18.04 -1.96 37.81
N MET J 24 -18.99 -2.58 37.12
CA MET J 24 -19.25 -2.31 35.72
C MET J 24 -20.72 -1.96 35.52
N ASN J 25 -20.98 -0.88 34.77
CA ASN J 25 -22.33 -0.42 34.50
C ASN J 25 -22.56 -0.40 32.99
N LEU J 26 -23.80 -0.62 32.58
CA LEU J 26 -24.22 -0.54 31.19
C LEU J 26 -25.15 0.66 31.02
N ILE J 27 -24.84 1.51 30.04
CA ILE J 27 -25.59 2.74 29.81
C ILE J 27 -26.24 2.66 28.44
N LYS J 28 -27.55 2.88 28.39
CA LYS J 28 -28.31 2.89 27.15
C LYS J 28 -29.04 4.22 27.00
N GLN J 29 -29.11 4.71 25.76
CA GLN J 29 -29.75 5.98 25.46
C GLN J 29 -31.18 5.75 24.99
N GLY J 30 -31.99 6.78 25.14
CA GLY J 30 -33.40 6.75 24.79
C GLY J 30 -33.66 7.30 23.40
N GLU J 31 -34.84 7.85 23.20
CA GLU J 31 -35.23 8.40 21.91
C GLU J 31 -34.62 9.78 21.69
N TYR J 32 -34.38 10.10 20.42
CA TYR J 32 -33.87 11.41 20.03
C TYR J 32 -34.80 12.00 18.98
N GLY J 33 -34.86 13.33 18.94
CA GLY J 33 -35.74 13.99 18.00
C GLY J 33 -35.29 15.43 17.77
N TYR J 34 -35.99 16.09 16.85
CA TYR J 34 -35.73 17.48 16.50
C TYR J 34 -37.02 18.28 16.55
N ASP J 35 -36.91 19.52 17.02
CA ASP J 35 -38.06 20.39 17.20
C ASP J 35 -38.50 20.99 15.85
N GLU J 36 -39.53 21.83 15.87
CA GLU J 36 -40.05 22.36 14.62
C GLU J 36 -39.13 23.39 13.99
N ASN J 37 -38.19 23.95 14.75
CA ASN J 37 -37.30 24.98 14.24
C ASN J 37 -35.92 24.44 13.87
N GLY J 38 -35.74 23.12 13.84
CA GLY J 38 -34.52 22.51 13.37
C GLY J 38 -33.54 22.10 14.45
N PHE J 39 -33.68 22.62 15.67
CA PHE J 39 -32.80 22.26 16.76
C PHE J 39 -33.16 20.88 17.32
N GLU J 40 -32.27 20.27 18.09
CA GLU J 40 -32.48 18.92 18.57
C GLU J 40 -32.85 18.94 20.05
N ILE J 41 -33.30 17.77 20.52
CA ILE J 41 -33.63 17.54 21.92
C ILE J 41 -32.73 16.42 22.44
N PRO J 42 -31.99 16.63 23.53
CA PRO J 42 -31.07 15.60 23.99
C PRO J 42 -31.82 14.36 24.45
N PRO J 43 -31.25 13.18 24.30
CA PRO J 43 -31.91 11.95 24.74
C PRO J 43 -31.54 11.58 26.16
N MET J 44 -32.46 10.85 26.80
CA MET J 44 -32.25 10.37 28.16
C MET J 44 -31.37 9.13 28.15
N GLU J 45 -30.78 8.83 29.31
CA GLU J 45 -29.90 7.68 29.46
C GLU J 45 -30.32 6.87 30.68
N GLN J 46 -30.03 5.57 30.63
CA GLN J 46 -30.38 4.65 31.71
C GLN J 46 -29.14 3.83 32.06
N VAL J 47 -28.89 3.65 33.35
CA VAL J 47 -27.72 2.94 33.84
C VAL J 47 -28.16 1.60 34.42
N ILE J 48 -27.59 0.52 33.90
CA ILE J 48 -27.92 -0.84 34.32
C ILE J 48 -26.64 -1.52 34.79
N PRO J 49 -26.51 -1.83 36.08
CA PRO J 49 -25.30 -2.53 36.54
C PRO J 49 -25.18 -3.91 35.91
N ILE J 50 -23.94 -4.29 35.58
CA ILE J 50 -23.64 -5.58 34.97
C ILE J 50 -22.37 -6.13 35.60
N SER J 51 -21.99 -7.33 35.18
CA SER J 51 -20.76 -7.97 35.64
C SER J 51 -20.29 -8.94 34.58
N GLY J 52 -18.98 -9.14 34.52
CA GLY J 52 -18.40 -10.02 33.53
C GLY J 52 -16.89 -10.03 33.62
N ALA J 53 -16.27 -10.68 32.64
CA ALA J 53 -14.83 -10.81 32.56
C ALA J 53 -14.28 -9.99 31.39
N THR J 54 -12.99 -9.70 31.43
CA THR J 54 -12.34 -8.89 30.41
C THR J 54 -11.11 -9.63 29.90
N ARG J 55 -10.58 -9.16 28.77
CA ARG J 55 -9.42 -9.79 28.13
C ARG J 55 -8.86 -8.84 27.08
N ARG J 56 -7.58 -9.02 26.76
CA ARG J 56 -6.88 -8.34 25.68
C ARG J 56 -6.87 -6.83 25.87
N PRO J 57 -6.06 -6.31 26.79
CA PRO J 57 -5.83 -4.86 26.84
C PRO J 57 -4.92 -4.43 25.70
N ASN J 58 -5.25 -3.30 25.07
CA ASN J 58 -4.51 -2.82 23.90
C ASN J 58 -4.44 -1.30 23.97
N ALA J 59 -3.28 -0.74 23.58
CA ALA J 59 -3.04 0.67 23.67
C ALA J 59 -3.41 1.38 22.36
N ARG J 60 -3.24 2.70 22.34
CA ARG J 60 -3.59 3.51 21.18
C ARG J 60 -2.55 4.60 20.98
N GLU J 61 -2.22 4.87 19.72
CA GLU J 61 -1.27 5.91 19.34
C GLU J 61 -1.93 6.87 18.36
N ILE J 62 -1.73 8.17 18.59
CA ILE J 62 -2.34 9.19 17.73
C ILE J 62 -1.29 10.15 17.22
N ASP J 63 -0.73 9.85 16.04
CA ASP J 63 0.15 10.77 15.32
C ASP J 63 1.33 11.24 16.19
N GLY J 64 1.71 10.42 17.15
CA GLY J 64 2.81 10.74 18.05
C GLY J 64 2.45 11.67 19.19
N GLU J 65 1.19 12.09 19.30
CA GLU J 65 0.78 12.92 20.42
C GLU J 65 0.83 12.12 21.72
N THR J 66 1.12 12.82 22.82
CA THR J 66 1.22 12.19 24.14
C THR J 66 -0.15 12.07 24.80
N ILE J 67 -1.01 11.28 24.16
CA ILE J 67 -2.34 10.98 24.68
C ILE J 67 -2.38 9.50 25.03
N ARG J 68 -2.78 9.20 26.27
CA ARG J 68 -2.77 7.83 26.78
C ARG J 68 -4.19 7.30 26.85
N ALA J 69 -4.45 6.19 26.16
CA ALA J 69 -5.75 5.54 26.18
C ALA J 69 -5.55 4.06 25.87
N SER J 70 -6.57 3.27 26.19
CA SER J 70 -6.46 1.82 26.01
C SER J 70 -7.80 1.26 25.56
N ASP J 71 -7.75 0.12 24.88
CA ASP J 71 -8.92 -0.60 24.43
C ASP J 71 -8.90 -2.00 25.04
N ILE J 72 -10.09 -2.61 25.13
CA ILE J 72 -10.27 -3.83 25.91
C ILE J 72 -11.47 -4.60 25.38
N LEU J 73 -11.38 -5.93 25.43
CA LEU J 73 -12.48 -6.82 25.10
C LEU J 73 -13.06 -7.40 26.39
N GLY J 74 -14.32 -7.85 26.31
CA GLY J 74 -15.01 -8.36 27.47
C GLY J 74 -15.89 -9.55 27.12
N ILE J 75 -16.27 -10.28 28.17
CA ILE J 75 -17.18 -11.42 28.07
C ILE J 75 -18.30 -11.23 29.07
N PHE J 76 -19.54 -11.44 28.63
CA PHE J 76 -20.70 -11.26 29.49
C PHE J 76 -21.71 -12.36 29.24
N ASN J 77 -22.57 -12.58 30.23
CA ASN J 77 -23.60 -13.60 30.16
C ASN J 77 -24.85 -13.06 29.48
N ASN J 78 -25.89 -13.88 29.42
CA ASN J 78 -27.15 -13.50 28.79
C ASN J 78 -28.14 -13.10 29.89
N ASP J 79 -27.96 -11.86 30.36
CA ASP J 79 -28.91 -11.26 31.29
C ASP J 79 -29.50 -10.00 30.67
N HIS J 80 -28.63 -9.08 30.26
CA HIS J 80 -29.06 -7.87 29.58
C HIS J 80 -28.46 -7.85 28.17
N GLU J 81 -29.32 -7.66 27.17
CA GLU J 81 -28.84 -7.60 25.79
C GLU J 81 -27.96 -6.38 25.59
N ILE J 82 -26.91 -6.55 24.79
CA ILE J 82 -25.90 -5.52 24.57
C ILE J 82 -25.84 -5.25 23.08
N ASN J 83 -26.57 -4.24 22.63
CA ASN J 83 -26.53 -3.83 21.24
C ASN J 83 -25.34 -2.91 20.98
N GLU J 84 -24.93 -2.86 19.72
CA GLU J 84 -23.82 -1.99 19.34
C GLU J 84 -24.21 -0.53 19.48
N GLY J 85 -23.26 0.27 19.96
CA GLY J 85 -23.48 1.68 20.21
C GLY J 85 -23.69 2.05 21.65
N ASP J 86 -23.89 1.06 22.53
CA ASP J 86 -24.06 1.33 23.94
C ASP J 86 -22.74 1.71 24.58
N TYR J 87 -22.81 2.16 25.82
CA TYR J 87 -21.64 2.57 26.60
C TYR J 87 -21.49 1.67 27.81
N ILE J 88 -20.30 1.12 28.00
CA ILE J 88 -19.98 0.26 29.14
C ILE J 88 -18.79 0.87 29.87
N GLU J 89 -18.93 1.06 31.18
CA GLU J 89 -17.88 1.62 32.01
C GLU J 89 -17.19 0.47 32.74
N ILE J 90 -15.90 0.26 32.42
CA ILE J 90 -15.17 -0.85 33.03
C ILE J 90 -14.87 -0.54 34.49
N ASP J 91 -14.17 0.57 34.74
CA ASP J 91 -13.89 0.94 36.13
C ASP J 91 -14.01 2.44 36.35
N GLY J 92 -14.90 3.13 35.64
CA GLY J 92 -14.98 4.58 35.72
C GLY J 92 -14.78 5.21 34.35
N ILE J 93 -13.88 4.63 33.56
CA ILE J 93 -13.69 5.08 32.18
C ILE J 93 -14.74 4.45 31.28
N ARG J 94 -15.34 5.26 30.42
CA ARG J 94 -16.45 4.83 29.57
C ARG J 94 -15.92 4.25 28.28
N HIS J 95 -16.44 3.07 27.92
CA HIS J 95 -16.10 2.40 26.67
C HIS J 95 -17.35 2.21 25.83
N VAL J 96 -17.23 2.44 24.53
CA VAL J 96 -18.33 2.27 23.59
C VAL J 96 -18.17 0.93 22.89
N VAL J 97 -19.24 0.13 22.90
CA VAL J 97 -19.20 -1.19 22.27
C VAL J 97 -19.37 -1.05 20.77
N VAL J 98 -18.26 -1.07 20.04
CA VAL J 98 -18.32 -0.97 18.59
C VAL J 98 -18.96 -2.22 18.00
N ASP J 99 -18.54 -3.39 18.47
CA ASP J 99 -19.09 -4.66 18.02
C ASP J 99 -19.36 -5.55 19.23
N ALA J 100 -20.52 -6.20 19.23
CA ALA J 100 -20.92 -7.10 20.30
C ALA J 100 -21.24 -8.46 19.68
N ARG J 101 -20.22 -9.30 19.55
CA ARG J 101 -20.39 -10.59 18.91
C ARG J 101 -21.08 -11.56 19.87
N PRO J 102 -22.27 -12.07 19.55
CA PRO J 102 -22.91 -13.07 20.41
C PRO J 102 -22.60 -14.48 19.97
N VAL J 103 -22.73 -15.44 20.88
CA VAL J 103 -22.57 -16.85 20.52
C VAL J 103 -23.75 -17.22 19.63
N GLN J 104 -23.47 -17.46 18.35
CA GLN J 104 -24.53 -17.50 17.35
C GLN J 104 -24.88 -18.92 16.96
N ALA J 105 -25.80 -19.53 17.72
CA ALA J 105 -26.32 -20.84 17.35
C ALA J 105 -27.81 -20.96 17.65
N SER J 106 -28.43 -19.88 18.12
CA SER J 106 -29.83 -19.93 18.50
C SER J 106 -30.45 -18.53 18.49
N LEU J 107 -31.75 -18.48 18.82
CA LEU J 107 -32.46 -17.22 18.88
C LEU J 107 -31.93 -16.34 20.01
N GLU J 108 -31.81 -16.91 21.20
CA GLU J 108 -31.23 -16.17 22.30
C GLU J 108 -29.71 -16.06 22.12
N PRO J 109 -29.13 -14.93 22.53
CA PRO J 109 -27.69 -14.73 22.28
C PRO J 109 -26.78 -15.67 23.05
N VAL J 110 -27.28 -16.35 24.08
CA VAL J 110 -26.52 -17.31 24.88
C VAL J 110 -25.41 -16.58 25.66
N ALA J 111 -24.53 -15.89 24.95
CA ALA J 111 -23.46 -15.14 25.60
C ALA J 111 -23.05 -14.01 24.67
N TYR J 112 -22.37 -13.02 25.26
CA TYR J 112 -21.89 -11.85 24.52
C TYR J 112 -20.38 -11.73 24.68
N ARG J 113 -19.71 -11.32 23.61
CA ARG J 113 -18.27 -11.03 23.63
C ARG J 113 -18.05 -9.66 23.00
N PRO J 114 -18.46 -8.59 23.69
CA PRO J 114 -18.38 -7.26 23.11
C PRO J 114 -16.95 -6.79 22.90
N VAL J 115 -16.77 -5.95 21.89
CA VAL J 115 -15.50 -5.27 21.65
C VAL J 115 -15.65 -3.83 22.13
N LEU J 116 -14.93 -3.48 23.19
CA LEU J 116 -15.04 -2.18 23.82
C LEU J 116 -13.90 -1.29 23.39
N ARG J 117 -14.23 -0.05 23.02
CA ARG J 117 -13.25 0.93 22.59
C ARG J 117 -13.38 2.17 23.46
N ARG J 118 -12.24 2.75 23.83
CA ARG J 118 -12.25 3.93 24.68
C ARG J 118 -12.90 5.10 23.96
N VAL J 119 -13.75 5.83 24.69
CA VAL J 119 -14.54 6.90 24.11
C VAL J 119 -13.82 8.22 24.33
N SER J 120 -14.25 9.25 23.59
CA SER J 120 -13.73 10.62 23.59
C SER J 120 -12.26 10.67 23.21
N VAL J 121 -11.76 9.74 22.41
CA VAL J 121 -10.37 9.75 21.95
C VAL J 121 -10.37 10.10 20.48
N GLY J 122 -9.55 11.08 20.11
CA GLY J 122 -9.53 11.53 18.73
C GLY J 122 -8.98 10.46 17.79
N GLY J 123 -9.24 10.62 16.51
CA GLY J 123 -8.78 9.69 15.51
C GLY J 123 -7.27 9.69 15.33
N MET K 1 -17.06 -43.85 -2.82
CA MET K 1 -17.67 -42.67 -2.21
C MET K 1 -19.18 -42.70 -2.38
N ASN K 2 -19.88 -43.25 -1.40
CA ASN K 2 -21.33 -43.29 -1.47
C ASN K 2 -21.85 -41.93 -1.07
N TYR K 3 -21.78 -40.98 -1.99
CA TYR K 3 -22.22 -39.63 -1.68
C TYR K 3 -23.57 -39.57 -0.96
N SER K 4 -24.46 -40.53 -1.21
CA SER K 4 -25.71 -40.54 -0.46
C SER K 4 -25.45 -40.59 1.04
N GLN K 5 -24.46 -41.42 1.45
CA GLN K 5 -24.09 -41.49 2.85
C GLN K 5 -23.55 -40.16 3.35
N ILE K 6 -22.71 -39.50 2.56
CA ILE K 6 -22.19 -38.19 2.93
C ILE K 6 -23.34 -37.18 3.05
N GLU K 7 -24.28 -37.23 2.10
CA GLU K 7 -25.41 -36.32 2.13
C GLU K 7 -26.25 -36.51 3.39
N ARG K 8 -26.55 -37.76 3.73
CA ARG K 8 -27.40 -37.99 4.90
C ARG K 8 -26.67 -37.62 6.19
N MET K 9 -25.36 -37.88 6.26
CA MET K 9 -24.61 -37.47 7.45
C MET K 9 -24.57 -35.96 7.58
N ALA K 10 -24.35 -35.24 6.47
CA ALA K 10 -24.35 -33.79 6.52
C ALA K 10 -25.70 -33.24 6.93
N ARG K 11 -26.78 -33.80 6.39
CA ARG K 11 -28.12 -33.35 6.77
C ARG K 11 -28.38 -33.59 8.24
N LYS K 12 -27.98 -34.76 8.76
CA LYS K 12 -28.17 -35.05 10.17
C LYS K 12 -27.38 -34.08 11.05
N GLY K 13 -26.13 -33.80 10.69
CA GLY K 13 -25.34 -32.87 11.47
C GLY K 13 -25.92 -31.47 11.47
N VAL K 14 -26.30 -30.98 10.28
CA VAL K 14 -26.90 -29.66 10.20
C VAL K 14 -28.16 -29.58 11.05
N ALA K 15 -29.08 -30.53 10.87
CA ALA K 15 -30.31 -30.53 11.66
C ALA K 15 -30.01 -30.63 13.16
N PHE K 16 -28.89 -31.27 13.51
CA PHE K 16 -28.47 -31.29 14.91
C PHE K 16 -28.08 -29.90 15.39
N PHE K 17 -27.43 -29.11 14.54
CA PHE K 17 -26.94 -27.81 14.97
C PHE K 17 -27.91 -26.65 14.79
N THR K 18 -29.08 -26.85 14.18
CA THR K 18 -30.00 -25.73 14.02
C THR K 18 -30.89 -25.55 15.24
N ASP K 19 -31.53 -24.37 15.29
CA ASP K 19 -32.54 -24.06 16.28
C ASP K 19 -33.88 -23.91 15.57
N PRO K 20 -34.86 -24.78 15.83
CA PRO K 20 -36.12 -24.71 15.07
C PRO K 20 -36.88 -23.41 15.25
N SER K 21 -36.68 -22.72 16.37
CA SER K 21 -37.48 -21.53 16.65
C SER K 21 -37.13 -20.37 15.73
N ARG K 22 -35.90 -20.34 15.22
CA ARG K 22 -35.46 -19.23 14.40
C ARG K 22 -36.16 -19.25 13.04
N PRO K 23 -36.91 -18.21 12.68
CA PRO K 23 -37.56 -18.20 11.37
C PRO K 23 -36.68 -17.61 10.28
N MET K 24 -36.37 -18.40 9.25
CA MET K 24 -35.55 -17.95 8.13
C MET K 24 -36.29 -18.25 6.83
N ASN K 25 -36.20 -17.30 5.89
CA ASN K 25 -36.89 -17.40 4.61
C ASN K 25 -35.92 -17.12 3.48
N LEU K 26 -36.12 -17.81 2.35
CA LEU K 26 -35.33 -17.62 1.14
C LEU K 26 -36.20 -16.92 0.11
N ILE K 27 -35.68 -15.84 -0.46
CA ILE K 27 -36.41 -15.01 -1.40
C ILE K 27 -35.68 -15.01 -2.74
N LYS K 28 -36.39 -15.34 -3.81
CA LYS K 28 -35.84 -15.36 -5.16
C LYS K 28 -36.66 -14.47 -6.06
N GLN K 29 -35.99 -13.79 -6.99
CA GLN K 29 -36.63 -12.89 -7.93
C GLN K 29 -36.89 -13.61 -9.26
N GLY K 30 -37.80 -13.04 -10.04
CA GLY K 30 -38.21 -13.59 -11.32
C GLY K 30 -37.52 -12.91 -12.48
N GLU K 31 -38.22 -12.84 -13.61
CA GLU K 31 -37.67 -12.24 -14.81
C GLU K 31 -37.81 -10.72 -14.78
N TYR K 32 -36.89 -10.04 -15.44
CA TYR K 32 -36.91 -8.60 -15.58
C TYR K 32 -36.86 -8.23 -17.05
N GLY K 33 -37.46 -7.10 -17.41
CA GLY K 33 -37.52 -6.69 -18.79
C GLY K 33 -37.68 -5.19 -18.91
N TYR K 34 -37.71 -4.71 -20.15
CA TYR K 34 -37.86 -3.31 -20.47
C TYR K 34 -38.93 -3.12 -21.54
N ASP K 35 -39.66 -2.02 -21.42
CA ASP K 35 -40.76 -1.75 -22.34
C ASP K 35 -40.22 -1.25 -23.67
N GLU K 36 -41.11 -0.84 -24.56
CA GLU K 36 -40.70 -0.33 -25.87
C GLU K 36 -40.24 1.12 -25.80
N ASN K 37 -40.37 1.77 -24.64
CA ASN K 37 -39.97 3.17 -24.48
C ASN K 37 -38.71 3.33 -23.64
N GLY K 38 -38.14 2.23 -23.16
CA GLY K 38 -36.90 2.28 -22.40
C GLY K 38 -37.06 2.11 -20.90
N PHE K 39 -38.27 2.24 -20.37
CA PHE K 39 -38.49 2.06 -18.94
C PHE K 39 -38.48 0.58 -18.58
N GLU K 40 -38.55 0.25 -17.30
CA GLU K 40 -38.42 -1.14 -16.85
C GLU K 40 -39.74 -1.62 -16.27
N ILE K 41 -39.84 -2.94 -16.12
CA ILE K 41 -40.94 -3.60 -15.45
C ILE K 41 -40.38 -4.30 -14.22
N PRO K 42 -40.89 -4.04 -13.02
CA PRO K 42 -40.30 -4.66 -11.83
C PRO K 42 -40.48 -6.16 -11.85
N PRO K 43 -39.52 -6.91 -11.30
CA PRO K 43 -39.64 -8.37 -11.27
C PRO K 43 -40.38 -8.87 -10.05
N MET K 44 -41.04 -10.02 -10.23
CA MET K 44 -41.76 -10.66 -9.14
C MET K 44 -40.78 -11.36 -8.21
N GLU K 45 -41.25 -11.63 -6.98
CA GLU K 45 -40.43 -12.25 -5.96
C GLU K 45 -41.21 -13.38 -5.31
N GLN K 46 -40.48 -14.42 -4.90
CA GLN K 46 -41.05 -15.61 -4.29
C GLN K 46 -40.32 -15.91 -3.00
N VAL K 47 -41.06 -16.22 -1.93
CA VAL K 47 -40.47 -16.53 -0.63
C VAL K 47 -40.58 -18.03 -0.38
N ILE K 48 -39.50 -18.62 0.11
CA ILE K 48 -39.42 -20.05 0.40
C ILE K 48 -38.88 -20.20 1.81
N PRO K 49 -39.65 -20.73 2.76
CA PRO K 49 -39.12 -20.95 4.11
C PRO K 49 -37.96 -21.96 4.09
N ILE K 50 -36.95 -21.69 4.92
CA ILE K 50 -35.77 -22.53 5.03
C ILE K 50 -35.38 -22.64 6.50
N SER K 51 -34.36 -23.45 6.75
CA SER K 51 -33.82 -23.61 8.10
C SER K 51 -32.35 -24.01 8.00
N GLY K 52 -31.57 -23.60 8.98
CA GLY K 52 -30.16 -23.89 8.97
C GLY K 52 -29.47 -23.31 10.19
N ALA K 53 -28.14 -23.37 10.15
CA ALA K 53 -27.30 -22.85 11.22
C ALA K 53 -26.50 -21.65 10.74
N THR K 54 -26.02 -20.86 11.69
CA THR K 54 -25.27 -19.64 11.38
C THR K 54 -23.97 -19.64 12.19
N ARG K 55 -23.04 -18.78 11.78
CA ARG K 55 -21.73 -18.71 12.39
C ARG K 55 -21.05 -17.41 11.99
N ARG K 56 -20.08 -16.98 12.80
CA ARG K 56 -19.20 -15.85 12.52
C ARG K 56 -19.98 -14.54 12.34
N PRO K 57 -20.50 -13.95 13.41
CA PRO K 57 -21.05 -12.59 13.31
C PRO K 57 -19.92 -11.57 13.23
N ASN K 58 -20.06 -10.60 12.33
CA ASN K 58 -19.02 -9.61 12.08
C ASN K 58 -19.67 -8.26 11.79
N ALA K 59 -19.10 -7.19 12.34
CA ALA K 59 -19.68 -5.86 12.25
C ALA K 59 -19.17 -5.12 11.03
N ARG K 60 -19.66 -3.89 10.85
CA ARG K 60 -19.31 -3.07 9.69
C ARG K 60 -19.08 -1.63 10.12
N GLU K 61 -18.07 -1.00 9.53
CA GLU K 61 -17.75 0.39 9.79
C GLU K 61 -17.75 1.18 8.48
N ILE K 62 -18.38 2.36 8.50
CA ILE K 62 -18.50 3.17 7.29
C ILE K 62 -18.03 4.59 7.58
N ASP K 63 -16.75 4.85 7.32
CA ASP K 63 -16.18 6.21 7.35
C ASP K 63 -16.46 6.93 8.66
N GLY K 64 -16.60 6.16 9.74
CA GLY K 64 -16.85 6.73 11.04
C GLY K 64 -18.29 7.12 11.31
N GLU K 65 -19.20 6.92 10.36
CA GLU K 65 -20.60 7.24 10.58
C GLU K 65 -21.20 6.26 11.59
N THR K 66 -22.17 6.75 12.36
CA THR K 66 -22.84 5.94 13.37
C THR K 66 -23.96 5.10 12.74
N ILE K 67 -23.55 4.17 11.88
CA ILE K 67 -24.45 3.22 11.24
C ILE K 67 -24.10 1.83 11.72
N ARG K 68 -25.07 1.11 12.25
CA ARG K 68 -24.86 -0.20 12.86
C ARG K 68 -25.40 -1.29 11.93
N ALA K 69 -24.53 -2.23 11.57
CA ALA K 69 -24.92 -3.35 10.74
C ALA K 69 -23.95 -4.52 11.01
N SER K 70 -24.37 -5.71 10.61
CA SER K 70 -23.57 -6.90 10.87
C SER K 70 -23.75 -7.90 9.74
N ASP K 71 -22.75 -8.79 9.61
CA ASP K 71 -22.75 -9.84 8.60
C ASP K 71 -22.54 -11.18 9.27
N ILE K 72 -23.23 -12.20 8.75
CA ILE K 72 -23.22 -13.53 9.34
C ILE K 72 -23.07 -14.55 8.20
N LEU K 73 -22.40 -15.67 8.51
CA LEU K 73 -22.30 -16.81 7.61
C LEU K 73 -23.30 -17.88 8.03
N GLY K 74 -23.64 -18.76 7.08
CA GLY K 74 -24.66 -19.75 7.32
C GLY K 74 -24.30 -21.10 6.72
N ILE K 75 -25.00 -22.13 7.20
CA ILE K 75 -24.86 -23.49 6.72
C ILE K 75 -26.26 -24.05 6.46
N PHE K 76 -26.46 -24.67 5.29
CA PHE K 76 -27.77 -25.16 4.90
C PHE K 76 -27.62 -26.51 4.19
N ASN K 77 -28.74 -27.21 4.07
CA ASN K 77 -28.78 -28.49 3.39
C ASN K 77 -29.16 -28.31 1.92
N ASN K 78 -29.19 -29.42 1.18
CA ASN K 78 -29.47 -29.39 -0.26
C ASN K 78 -30.95 -29.65 -0.52
N ASP K 79 -31.79 -28.82 0.10
CA ASP K 79 -33.22 -28.89 -0.14
C ASP K 79 -33.62 -27.86 -1.17
N HIS K 80 -33.32 -26.58 -0.92
CA HIS K 80 -33.54 -25.53 -1.90
C HIS K 80 -32.19 -24.95 -2.31
N GLU K 81 -31.91 -24.95 -3.62
CA GLU K 81 -30.64 -24.44 -4.11
C GLU K 81 -30.54 -22.94 -3.85
N ILE K 82 -29.34 -22.49 -3.50
CA ILE K 82 -29.10 -21.11 -3.11
C ILE K 82 -28.07 -20.55 -4.07
N ASN K 83 -28.54 -19.89 -5.12
CA ASN K 83 -27.65 -19.22 -6.06
C ASN K 83 -27.23 -17.86 -5.51
N GLU K 84 -26.08 -17.38 -5.98
CA GLU K 84 -25.60 -16.08 -5.56
C GLU K 84 -26.52 -14.98 -6.06
N GLY K 85 -26.74 -13.98 -5.22
CA GLY K 85 -27.63 -12.88 -5.50
C GLY K 85 -28.99 -12.98 -4.83
N ASP K 86 -29.33 -14.14 -4.27
CA ASP K 86 -30.59 -14.29 -3.58
C ASP K 86 -30.56 -13.57 -2.23
N TYR K 87 -31.75 -13.41 -1.65
CA TYR K 87 -31.90 -12.72 -0.37
C TYR K 87 -32.37 -13.72 0.67
N ILE K 88 -31.68 -13.75 1.81
CA ILE K 88 -32.04 -14.60 2.94
C ILE K 88 -32.24 -13.72 4.16
N GLU K 89 -33.38 -13.88 4.83
CA GLU K 89 -33.71 -13.11 6.03
C GLU K 89 -33.43 -13.97 7.25
N ILE K 90 -32.48 -13.54 8.08
CA ILE K 90 -32.12 -14.31 9.26
C ILE K 90 -33.23 -14.20 10.31
N ASP K 91 -33.50 -12.97 10.77
CA ASP K 91 -34.59 -12.81 11.73
C ASP K 91 -35.40 -11.56 11.41
N GLY K 92 -35.71 -11.29 10.13
CA GLY K 92 -36.38 -10.07 9.76
C GLY K 92 -35.48 -9.17 8.92
N ILE K 93 -34.20 -9.11 9.29
CA ILE K 93 -33.24 -8.34 8.52
C ILE K 93 -32.80 -9.15 7.30
N ARG K 94 -32.80 -8.50 6.15
CA ARG K 94 -32.54 -9.16 4.87
C ARG K 94 -31.04 -9.17 4.59
N HIS K 95 -30.52 -10.35 4.25
CA HIS K 95 -29.12 -10.53 3.88
C HIS K 95 -29.03 -11.02 2.44
N VAL K 96 -28.06 -10.49 1.70
CA VAL K 96 -27.84 -10.85 0.31
C VAL K 96 -26.72 -11.87 0.24
N VAL K 97 -26.94 -12.95 -0.51
CA VAL K 97 -25.95 -14.02 -0.62
C VAL K 97 -24.91 -13.61 -1.64
N VAL K 98 -23.82 -13.00 -1.18
CA VAL K 98 -22.73 -12.62 -2.08
C VAL K 98 -22.07 -13.86 -2.66
N ASP K 99 -21.80 -14.86 -1.83
CA ASP K 99 -21.19 -16.10 -2.27
C ASP K 99 -21.84 -17.26 -1.53
N ALA K 100 -22.13 -18.34 -2.26
CA ALA K 100 -22.73 -19.54 -1.70
C ALA K 100 -21.83 -20.73 -2.04
N ARG K 101 -20.86 -21.00 -1.17
CA ARG K 101 -19.90 -22.06 -1.44
C ARG K 101 -20.54 -23.42 -1.16
N PRO K 102 -20.65 -24.29 -2.17
CA PRO K 102 -21.19 -25.63 -1.92
C PRO K 102 -20.10 -26.65 -1.65
N VAL K 103 -20.45 -27.76 -0.99
CA VAL K 103 -19.50 -28.85 -0.80
C VAL K 103 -19.28 -29.49 -2.16
N GLN K 104 -18.11 -29.25 -2.75
CA GLN K 104 -17.89 -29.57 -4.16
C GLN K 104 -17.17 -30.90 -4.33
N ALA K 105 -17.95 -31.97 -4.48
CA ALA K 105 -17.37 -33.25 -4.86
C ALA K 105 -18.28 -34.03 -5.80
N SER K 106 -19.41 -33.45 -6.19
CA SER K 106 -20.38 -34.17 -7.00
C SER K 106 -21.32 -33.21 -7.73
N LEU K 107 -22.25 -33.78 -8.50
CA LEU K 107 -23.24 -32.99 -9.20
C LEU K 107 -24.14 -32.24 -8.23
N GLU K 108 -24.73 -32.96 -7.28
CA GLU K 108 -25.57 -32.30 -6.30
C GLU K 108 -24.70 -31.52 -5.31
N PRO K 109 -25.19 -30.37 -4.85
CA PRO K 109 -24.36 -29.52 -3.97
C PRO K 109 -24.08 -30.14 -2.61
N VAL K 110 -24.81 -31.19 -2.21
CA VAL K 110 -24.64 -31.86 -0.93
C VAL K 110 -25.00 -30.92 0.21
N ALA K 111 -24.29 -29.80 0.32
CA ALA K 111 -24.57 -28.81 1.35
C ALA K 111 -24.12 -27.45 0.84
N TYR K 112 -24.64 -26.40 1.48
CA TYR K 112 -24.32 -25.03 1.15
C TYR K 112 -23.73 -24.33 2.36
N ARG K 113 -22.75 -23.46 2.12
CA ARG K 113 -22.17 -22.61 3.15
C ARG K 113 -22.17 -21.17 2.66
N PRO K 114 -23.35 -20.55 2.54
CA PRO K 114 -23.43 -19.22 1.95
C PRO K 114 -22.78 -18.17 2.82
N VAL K 115 -22.32 -17.10 2.17
CA VAL K 115 -21.78 -15.92 2.84
C VAL K 115 -22.82 -14.82 2.73
N LEU K 116 -23.44 -14.46 3.86
CA LEU K 116 -24.51 -13.48 3.89
C LEU K 116 -23.95 -12.12 4.28
N ARG K 117 -24.40 -11.08 3.58
CA ARG K 117 -23.98 -9.72 3.84
C ARG K 117 -25.22 -8.85 4.03
N ARG K 118 -25.15 -7.92 4.98
CA ARG K 118 -26.29 -7.05 5.25
C ARG K 118 -26.58 -6.18 4.03
N VAL K 119 -27.86 -6.07 3.71
CA VAL K 119 -28.29 -5.34 2.53
C VAL K 119 -28.69 -3.93 2.94
N SER K 120 -28.79 -3.04 1.95
CA SER K 120 -29.15 -1.62 2.06
C SER K 120 -28.19 -0.85 2.96
N VAL K 121 -27.01 -1.35 3.24
CA VAL K 121 -26.01 -0.63 4.03
C VAL K 121 -25.09 0.10 3.07
N GLY K 122 -24.56 1.23 3.50
CA GLY K 122 -23.78 2.06 2.59
C GLY K 122 -22.42 1.43 2.31
N GLY K 123 -21.74 1.98 1.31
CA GLY K 123 -20.42 1.50 0.93
C GLY K 123 -19.35 1.88 1.93
N MET L 1 12.26 -45.32 -5.49
CA MET L 1 11.07 -44.60 -5.89
C MET L 1 10.42 -45.25 -7.10
N ASN L 2 9.54 -46.20 -6.86
CA ASN L 2 8.84 -46.83 -7.97
C ASN L 2 7.74 -45.90 -8.42
N TYR L 3 8.12 -44.86 -9.15
CA TYR L 3 7.14 -43.88 -9.60
C TYR L 3 5.89 -44.54 -10.18
N SER L 4 6.03 -45.72 -10.78
CA SER L 4 4.86 -46.42 -11.27
C SER L 4 3.87 -46.70 -10.14
N GLN L 5 4.39 -47.08 -8.97
CA GLN L 5 3.54 -47.31 -7.81
C GLN L 5 2.85 -46.03 -7.37
N ILE L 6 3.60 -44.92 -7.36
CA ILE L 6 3.01 -43.63 -7.00
C ILE L 6 1.93 -43.23 -7.98
N GLU L 7 2.19 -43.44 -9.28
CA GLU L 7 1.19 -43.12 -10.30
C GLU L 7 -0.07 -43.96 -10.12
N ARG L 8 0.10 -45.25 -9.86
CA ARG L 8 -1.07 -46.12 -9.66
C ARG L 8 -1.88 -45.69 -8.45
N MET L 9 -1.21 -45.37 -7.34
CA MET L 9 -1.94 -44.94 -6.15
C MET L 9 -2.65 -43.62 -6.37
N ALA L 10 -1.99 -42.67 -7.07
CA ALA L 10 -2.63 -41.39 -7.35
C ALA L 10 -3.85 -41.57 -8.23
N ARG L 11 -3.75 -42.42 -9.26
CA ARG L 11 -4.89 -42.68 -10.12
C ARG L 11 -6.02 -43.33 -9.34
N LYS L 12 -5.69 -44.28 -8.46
CA LYS L 12 -6.72 -44.91 -7.65
C LYS L 12 -7.42 -43.90 -6.75
N GLY L 13 -6.67 -43.00 -6.13
CA GLY L 13 -7.27 -42.00 -5.27
C GLY L 13 -8.17 -41.04 -6.04
N VAL L 14 -7.69 -40.57 -7.20
CA VAL L 14 -8.49 -39.66 -8.00
C VAL L 14 -9.78 -40.34 -8.46
N ALA L 15 -9.69 -41.61 -8.86
CA ALA L 15 -10.89 -42.35 -9.24
C ALA L 15 -11.81 -42.54 -8.05
N PHE L 16 -11.24 -42.67 -6.85
CA PHE L 16 -12.07 -42.82 -5.65
C PHE L 16 -12.85 -41.55 -5.35
N PHE L 17 -12.22 -40.39 -5.53
CA PHE L 17 -12.86 -39.13 -5.13
C PHE L 17 -13.70 -38.49 -6.23
N THR L 18 -13.73 -39.03 -7.44
CA THR L 18 -14.45 -38.37 -8.52
C THR L 18 -15.90 -38.85 -8.58
N ASP L 19 -16.71 -38.07 -9.29
CA ASP L 19 -18.12 -38.42 -9.53
C ASP L 19 -18.30 -38.73 -11.01
N PRO L 20 -18.64 -39.98 -11.38
CA PRO L 20 -18.75 -40.30 -12.81
C PRO L 20 -19.82 -39.51 -13.54
N SER L 21 -20.87 -39.07 -12.84
CA SER L 21 -21.99 -38.42 -13.51
C SER L 21 -21.61 -37.05 -14.03
N ARG L 22 -20.59 -36.43 -13.46
CA ARG L 22 -20.23 -35.06 -13.85
C ARG L 22 -19.57 -35.07 -15.23
N PRO L 23 -20.14 -34.39 -16.22
CA PRO L 23 -19.52 -34.35 -17.54
C PRO L 23 -18.51 -33.22 -17.68
N MET L 24 -17.24 -33.56 -17.93
CA MET L 24 -16.20 -32.56 -18.11
C MET L 24 -15.45 -32.85 -19.41
N ASN L 25 -15.16 -31.79 -20.16
CA ASN L 25 -14.46 -31.91 -21.44
C ASN L 25 -13.24 -31.00 -21.43
N LEU L 26 -12.21 -31.41 -22.16
CA LEU L 26 -10.99 -30.62 -22.33
C LEU L 26 -10.92 -30.14 -23.77
N ILE L 27 -10.72 -28.84 -23.95
CA ILE L 27 -10.71 -28.20 -25.26
C ILE L 27 -9.33 -27.64 -25.53
N LYS L 28 -8.75 -28.00 -26.67
CA LYS L 28 -7.44 -27.53 -27.08
C LYS L 28 -7.54 -26.88 -28.46
N GLN L 29 -6.83 -25.78 -28.64
CA GLN L 29 -6.82 -25.06 -29.90
C GLN L 29 -5.64 -25.51 -30.77
N GLY L 30 -5.76 -25.25 -32.06
CA GLY L 30 -4.77 -25.64 -33.05
C GLY L 30 -3.85 -24.49 -33.41
N GLU L 31 -3.38 -24.49 -34.65
CA GLU L 31 -2.46 -23.47 -35.12
C GLU L 31 -3.21 -22.21 -35.54
N TYR L 32 -2.51 -21.07 -35.42
CA TYR L 32 -3.05 -19.78 -35.82
C TYR L 32 -2.06 -19.11 -36.76
N GLY L 33 -2.59 -18.27 -37.65
CA GLY L 33 -1.75 -17.61 -38.64
C GLY L 33 -2.39 -16.35 -39.16
N TYR L 34 -1.64 -15.64 -39.99
CA TYR L 34 -2.09 -14.40 -40.60
C TYR L 34 -1.82 -14.44 -42.10
N ASP L 35 -2.71 -13.83 -42.86
CA ASP L 35 -2.58 -13.80 -44.31
C ASP L 35 -1.63 -12.66 -44.71
N GLU L 36 -1.57 -12.38 -46.01
CA GLU L 36 -0.63 -11.38 -46.51
C GLU L 36 -1.10 -9.95 -46.26
N ASN L 37 -2.38 -9.75 -45.96
CA ASN L 37 -2.93 -8.42 -45.75
C ASN L 37 -3.07 -8.06 -44.28
N GLY L 38 -2.56 -8.89 -43.37
CA GLY L 38 -2.57 -8.60 -41.96
C GLY L 38 -3.73 -9.18 -41.19
N PHE L 39 -4.78 -9.63 -41.87
CA PHE L 39 -5.91 -10.24 -41.18
C PHE L 39 -5.54 -11.64 -40.71
N GLU L 40 -6.29 -12.19 -39.76
CA GLU L 40 -5.94 -13.45 -39.13
C GLU L 40 -6.89 -14.55 -39.58
N ILE L 41 -6.47 -15.78 -39.36
CA ILE L 41 -7.26 -16.98 -39.65
C ILE L 41 -7.60 -17.65 -38.33
N PRO L 42 -8.89 -17.90 -38.05
CA PRO L 42 -9.24 -18.48 -36.76
C PRO L 42 -8.67 -19.88 -36.61
N PRO L 43 -8.31 -20.28 -35.40
CA PRO L 43 -7.79 -21.64 -35.18
C PRO L 43 -8.86 -22.65 -34.86
N MET L 44 -8.57 -23.90 -35.20
CA MET L 44 -9.49 -24.99 -34.92
C MET L 44 -9.39 -25.42 -33.46
N GLU L 45 -10.43 -26.12 -33.00
CA GLU L 45 -10.49 -26.59 -31.62
C GLU L 45 -10.85 -28.07 -31.60
N GLN L 46 -10.37 -28.75 -30.57
CA GLN L 46 -10.61 -30.19 -30.38
C GLN L 46 -11.14 -30.41 -28.98
N VAL L 47 -12.16 -31.26 -28.85
CA VAL L 47 -12.81 -31.55 -27.58
C VAL L 47 -12.44 -32.96 -27.15
N ILE L 48 -11.86 -33.09 -25.96
CA ILE L 48 -11.43 -34.37 -25.41
C ILE L 48 -12.13 -34.56 -24.07
N PRO L 49 -13.01 -35.56 -23.93
CA PRO L 49 -13.65 -35.80 -22.63
C PRO L 49 -12.63 -36.19 -21.57
N ILE L 50 -12.87 -35.71 -20.35
CA ILE L 50 -12.00 -35.97 -19.20
C ILE L 50 -12.87 -36.22 -17.98
N SER L 51 -12.21 -36.57 -16.87
CA SER L 51 -12.88 -36.77 -15.60
C SER L 51 -11.90 -36.53 -14.46
N GLY L 52 -12.43 -36.10 -13.33
CA GLY L 52 -11.59 -35.80 -12.19
C GLY L 52 -12.41 -35.26 -11.03
N ALA L 53 -11.70 -34.73 -10.05
CA ALA L 53 -12.30 -34.17 -8.85
C ALA L 53 -12.07 -32.65 -8.81
N THR L 54 -12.87 -31.97 -7.99
CA THR L 54 -12.79 -30.52 -7.87
C THR L 54 -12.72 -30.14 -6.40
N ARG L 55 -12.36 -28.88 -6.15
CA ARG L 55 -12.18 -28.39 -4.79
C ARG L 55 -12.11 -26.87 -4.82
N ARG L 56 -12.47 -26.26 -3.67
CA ARG L 56 -12.33 -24.83 -3.40
C ARG L 56 -13.12 -23.97 -4.39
N PRO L 57 -14.45 -23.91 -4.27
CA PRO L 57 -15.20 -22.91 -5.03
C PRO L 57 -15.00 -21.52 -4.42
N ASN L 58 -14.82 -20.53 -5.29
CA ASN L 58 -14.50 -19.18 -4.86
C ASN L 58 -15.13 -18.20 -5.84
N ALA L 59 -15.77 -17.15 -5.31
CA ALA L 59 -16.56 -16.24 -6.11
C ALA L 59 -15.75 -15.01 -6.53
N ARG L 60 -16.35 -14.15 -7.35
CA ARG L 60 -15.65 -13.01 -7.91
C ARG L 60 -16.49 -11.74 -7.77
N GLU L 61 -15.81 -10.63 -7.49
CA GLU L 61 -16.45 -9.32 -7.39
C GLU L 61 -15.81 -8.36 -8.40
N ILE L 62 -16.65 -7.61 -9.11
CA ILE L 62 -16.16 -6.69 -10.13
C ILE L 62 -16.69 -5.28 -9.89
N ASP L 63 -15.95 -4.48 -9.13
CA ASP L 63 -16.21 -3.05 -8.95
C ASP L 63 -17.64 -2.79 -8.50
N GLY L 64 -18.22 -3.74 -7.77
CA GLY L 64 -19.56 -3.61 -7.27
C GLY L 64 -20.66 -3.91 -8.26
N GLU L 65 -20.31 -4.26 -9.50
CA GLU L 65 -21.32 -4.64 -10.48
C GLU L 65 -21.98 -5.94 -10.09
N THR L 66 -23.26 -6.08 -10.44
CA THR L 66 -24.02 -7.29 -10.14
C THR L 66 -23.75 -8.38 -11.19
N ILE L 67 -22.51 -8.83 -11.22
CA ILE L 67 -22.08 -9.91 -12.09
C ILE L 67 -21.70 -11.11 -11.25
N ARG L 68 -22.30 -12.26 -11.53
CA ARG L 68 -22.12 -13.46 -10.73
C ARG L 68 -21.23 -14.45 -11.47
N ALA L 69 -20.13 -14.84 -10.85
CA ALA L 69 -19.20 -15.80 -11.42
C ALA L 69 -18.44 -16.47 -10.29
N SER L 70 -17.80 -17.60 -10.60
CA SER L 70 -17.09 -18.36 -9.59
C SER L 70 -15.85 -18.99 -10.20
N ASP L 71 -14.88 -19.28 -9.33
CA ASP L 71 -13.66 -19.96 -9.70
C ASP L 71 -13.52 -21.23 -8.87
N ILE L 72 -12.79 -22.20 -9.41
CA ILE L 72 -12.76 -23.54 -8.82
C ILE L 72 -11.47 -24.24 -9.25
N LEU L 73 -10.93 -25.05 -8.34
CA LEU L 73 -9.73 -25.84 -8.60
C LEU L 73 -10.11 -27.29 -8.86
N GLY L 74 -9.20 -28.02 -9.50
CA GLY L 74 -9.47 -29.39 -9.87
C GLY L 74 -8.24 -30.28 -9.74
N ILE L 75 -8.50 -31.58 -9.74
CA ILE L 75 -7.45 -32.61 -9.69
C ILE L 75 -7.73 -33.61 -10.81
N PHE L 76 -6.69 -33.99 -11.53
CA PHE L 76 -6.83 -34.90 -12.67
C PHE L 76 -5.65 -35.86 -12.73
N ASN L 77 -5.82 -36.93 -13.50
CA ASN L 77 -4.78 -37.93 -13.68
C ASN L 77 -3.95 -37.61 -14.92
N ASN L 78 -2.93 -38.44 -15.17
CA ASN L 78 -2.00 -38.21 -16.28
C ASN L 78 -2.43 -39.02 -17.51
N ASP L 79 -3.68 -38.77 -17.93
CA ASP L 79 -4.19 -39.40 -19.14
C ASP L 79 -4.03 -38.45 -20.32
N HIS L 80 -4.60 -37.25 -20.21
CA HIS L 80 -4.40 -36.22 -21.21
C HIS L 80 -3.65 -35.05 -20.58
N GLU L 81 -2.54 -34.65 -21.18
CA GLU L 81 -1.74 -33.58 -20.63
C GLU L 81 -2.53 -32.27 -20.66
N ILE L 82 -2.36 -31.46 -19.62
CA ILE L 82 -3.12 -30.23 -19.43
C ILE L 82 -2.10 -29.09 -19.35
N ASN L 83 -1.86 -28.43 -20.47
CA ASN L 83 -0.99 -27.27 -20.46
C ASN L 83 -1.76 -26.04 -19.99
N GLU L 84 -1.03 -24.94 -19.81
CA GLU L 84 -1.67 -23.68 -19.45
C GLU L 84 -2.26 -23.02 -20.69
N GLY L 85 -3.44 -22.44 -20.52
CA GLY L 85 -4.14 -21.75 -21.58
C GLY L 85 -5.29 -22.52 -22.20
N ASP L 86 -5.40 -23.82 -21.91
CA ASP L 86 -6.51 -24.60 -22.45
C ASP L 86 -7.80 -24.26 -21.72
N TYR L 87 -8.90 -24.80 -22.23
CA TYR L 87 -10.24 -24.56 -21.68
C TYR L 87 -10.82 -25.86 -21.18
N ILE L 88 -11.33 -25.85 -19.95
CA ILE L 88 -11.99 -27.00 -19.35
C ILE L 88 -13.38 -26.58 -18.92
N GLU L 89 -14.39 -27.35 -19.32
CA GLU L 89 -15.78 -27.09 -18.98
C GLU L 89 -16.18 -28.02 -17.83
N ILE L 90 -16.57 -27.43 -16.70
CA ILE L 90 -16.92 -28.23 -15.53
C ILE L 90 -18.30 -28.82 -15.70
N ASP L 91 -19.30 -27.99 -15.96
CA ASP L 91 -20.66 -28.49 -16.19
C ASP L 91 -21.34 -27.63 -17.23
N GLY L 92 -20.58 -27.19 -18.23
CA GLY L 92 -21.14 -26.35 -19.28
C GLY L 92 -20.54 -24.95 -19.27
N ILE L 93 -20.21 -24.46 -18.08
CA ILE L 93 -19.46 -23.22 -17.97
C ILE L 93 -17.99 -23.50 -18.27
N ARG L 94 -17.41 -22.68 -19.14
CA ARG L 94 -16.04 -22.88 -19.61
C ARG L 94 -15.06 -22.19 -18.65
N HIS L 95 -14.05 -22.93 -18.24
CA HIS L 95 -13.00 -22.42 -17.37
C HIS L 95 -11.66 -22.50 -18.08
N VAL L 96 -10.86 -21.45 -17.96
CA VAL L 96 -9.53 -21.40 -18.57
C VAL L 96 -8.51 -21.76 -17.48
N VAL L 97 -7.63 -22.71 -17.80
CA VAL L 97 -6.62 -23.14 -16.83
C VAL L 97 -5.45 -22.16 -16.85
N VAL L 98 -5.46 -21.20 -15.92
CA VAL L 98 -4.37 -20.23 -15.82
C VAL L 98 -3.08 -20.93 -15.43
N ASP L 99 -3.15 -21.82 -14.44
CA ASP L 99 -1.99 -22.58 -13.99
C ASP L 99 -2.39 -24.04 -13.79
N ALA L 100 -1.53 -24.94 -14.27
CA ALA L 100 -1.75 -26.38 -14.14
C ALA L 100 -0.53 -26.98 -13.44
N ARG L 101 -0.57 -27.00 -12.11
CA ARG L 101 0.57 -27.48 -11.34
C ARG L 101 0.62 -29.00 -11.38
N PRO L 102 1.69 -29.61 -11.91
CA PRO L 102 1.81 -31.06 -11.87
C PRO L 102 2.60 -31.54 -10.66
N VAL L 103 2.51 -32.83 -10.34
CA VAL L 103 3.32 -33.39 -9.26
C VAL L 103 4.75 -33.54 -9.80
N GLN L 104 5.68 -32.75 -9.28
CA GLN L 104 7.01 -32.65 -9.88
C GLN L 104 8.02 -33.52 -9.14
N ALA L 105 8.14 -34.77 -9.59
CA ALA L 105 9.23 -35.61 -9.09
C ALA L 105 9.79 -36.50 -10.20
N SER L 106 9.27 -36.35 -11.42
CA SER L 106 9.68 -37.22 -12.52
C SER L 106 9.41 -36.57 -13.86
N LEU L 107 9.81 -37.28 -14.93
CA LEU L 107 9.57 -36.80 -16.28
C LEU L 107 8.08 -36.73 -16.59
N GLU L 108 7.34 -37.78 -16.28
CA GLU L 108 5.91 -37.75 -16.47
C GLU L 108 5.25 -36.92 -15.36
N PRO L 109 4.16 -36.22 -15.69
CA PRO L 109 3.54 -35.34 -14.69
C PRO L 109 2.91 -36.07 -13.51
N VAL L 110 2.69 -37.38 -13.62
CA VAL L 110 2.10 -38.20 -12.55
C VAL L 110 0.66 -37.78 -12.30
N ALA L 111 0.45 -36.52 -11.92
CA ALA L 111 -0.89 -36.01 -11.67
C ALA L 111 -0.89 -34.51 -11.93
N TYR L 112 -2.09 -33.98 -12.15
CA TYR L 112 -2.28 -32.56 -12.41
C TYR L 112 -3.21 -31.96 -11.37
N ARG L 113 -2.93 -30.72 -10.97
CA ARG L 113 -3.80 -29.95 -10.09
C ARG L 113 -4.04 -28.58 -10.71
N PRO L 114 -4.81 -28.53 -11.80
CA PRO L 114 -5.00 -27.27 -12.51
C PRO L 114 -5.76 -26.25 -11.69
N VAL L 115 -5.50 -24.98 -11.95
CA VAL L 115 -6.23 -23.86 -11.37
C VAL L 115 -7.13 -23.31 -12.46
N LEU L 116 -8.44 -23.48 -12.31
CA LEU L 116 -9.41 -23.06 -13.31
C LEU L 116 -10.02 -21.72 -12.92
N ARG L 117 -10.13 -20.83 -13.90
CA ARG L 117 -10.71 -19.52 -13.71
C ARG L 117 -11.83 -19.31 -14.71
N ARG L 118 -12.91 -18.68 -14.27
CA ARG L 118 -14.06 -18.45 -15.15
C ARG L 118 -13.67 -17.54 -16.30
N VAL L 119 -14.11 -17.91 -17.50
CA VAL L 119 -13.76 -17.20 -18.72
C VAL L 119 -14.89 -16.24 -19.06
N SER L 120 -14.59 -15.29 -19.96
CA SER L 120 -15.47 -14.23 -20.45
C SER L 120 -15.95 -13.33 -19.33
N VAL L 121 -15.21 -13.23 -18.22
CA VAL L 121 -15.57 -12.34 -17.11
C VAL L 121 -14.62 -11.16 -17.16
N GLY L 122 -15.20 -9.95 -17.11
CA GLY L 122 -14.37 -8.76 -17.21
C GLY L 122 -13.47 -8.61 -15.99
N GLY L 123 -12.40 -7.84 -16.16
CA GLY L 123 -11.44 -7.61 -15.09
C GLY L 123 -12.03 -6.87 -13.90
#